data_8TAJ
# 
_entry.id   8TAJ 
# 
_audit_conform.dict_name       mmcif_pdbx.dic 
_audit_conform.dict_version    5.383 
_audit_conform.dict_location   http://mmcif.pdb.org/dictionaries/ascii/mmcif_pdbx.dic 
# 
loop_
_database_2.database_id 
_database_2.database_code 
_database_2.pdbx_database_accession 
_database_2.pdbx_DOI 
PDB   8TAJ         pdb_00008taj 10.2210/pdb8taj/pdb 
WWPDB D_1000275283 ?            ?                   
# 
_pdbx_database_status.status_code                     REL 
_pdbx_database_status.status_code_sf                  REL 
_pdbx_database_status.status_code_mr                  ? 
_pdbx_database_status.entry_id                        8TAJ 
_pdbx_database_status.recvd_initial_deposition_date   2023-06-27 
_pdbx_database_status.SG_entry                        N 
_pdbx_database_status.deposit_site                    RCSB 
_pdbx_database_status.process_site                    RCSB 
_pdbx_database_status.status_code_cs                  ? 
_pdbx_database_status.status_code_nmr_data            ? 
_pdbx_database_status.methods_development_category    ? 
_pdbx_database_status.pdb_format_compatible           Y 
# 
loop_
_audit_author.name 
_audit_author.pdbx_ordinal 
_audit_author.identifier_ORCID 
'Simmons, C.R.'      1 0000-0002-2290-6132 
'MacCulloch, T.'     2 0000-0001-5875-3361 
'Stephanopoulos, N.' 3 0000-0001-7859-410X 
'Yan, H.'            4 0000-0001-7397-9852 
# 
_citation.abstract                  ? 
_citation.abstract_id_CAS           ? 
_citation.book_id_ISBN              ? 
_citation.book_publisher            ? 
_citation.book_publisher_city       ? 
_citation.book_title                ? 
_citation.coordinate_linkage        ? 
_citation.country                   US 
_citation.database_id_Medline       ? 
_citation.details                   ? 
_citation.id                        primary 
_citation.journal_abbrev            J.Am.Chem.Soc. 
_citation.journal_id_ASTM           JACSAT 
_citation.journal_id_CSD            ? 
_citation.journal_id_ISSN           1520-5126 
_citation.journal_full              ? 
_citation.journal_issue             ? 
_citation.journal_volume            145 
_citation.language                  ? 
_citation.page_first                26075 
_citation.page_last                 26085 
_citation.title                     
;Site-Specific Arrangement and Structure Determination of Minor Groove Binding Molecules in Self-Assembled Three-Dimensional DNA Crystals.
;
_citation.year                      2023 
_citation.database_id_CSD           ? 
_citation.pdbx_database_id_DOI      10.1021/jacs.3c07802 
_citation.pdbx_database_id_PubMed   37987645 
_citation.pdbx_database_id_patent   ? 
_citation.unpublished_flag          ? 
# 
loop_
_citation_author.citation_id 
_citation_author.name 
_citation_author.ordinal 
_citation_author.identifier_ORCID 
primary 'Simmons, C.R.'      1 0000-0002-2290-6132 
primary 'Buchberger, A.'     2 ?                   
primary 'Henry, S.J.W.'      3 0000-0002-5132-3948 
primary 'Novacek, A.'        4 ?                   
primary 'Fahmi, N.E.'        5 ?                   
primary 'MacCulloch, T.'     6 ?                   
primary 'Stephanopoulos, N.' 7 0000-0001-7859-410X 
primary 'Yan, H.'            8 0000-0001-7397-9852 
# 
_cell.angle_alpha                  90.00 
_cell.angle_alpha_esd              ? 
_cell.angle_beta                   90.00 
_cell.angle_beta_esd               ? 
_cell.angle_gamma                  120.00 
_cell.angle_gamma_esd              ? 
_cell.entry_id                     8TAJ 
_cell.details                      ? 
_cell.formula_units_Z              ? 
_cell.length_a                     68.218 
_cell.length_a_esd                 ? 
_cell.length_b                     68.218 
_cell.length_b_esd                 ? 
_cell.length_c                     57.851 
_cell.length_c_esd                 ? 
_cell.volume                       ? 
_cell.volume_esd                   ? 
_cell.Z_PDB                        3 
_cell.reciprocal_angle_alpha       ? 
_cell.reciprocal_angle_beta        ? 
_cell.reciprocal_angle_gamma       ? 
_cell.reciprocal_angle_alpha_esd   ? 
_cell.reciprocal_angle_beta_esd    ? 
_cell.reciprocal_angle_gamma_esd   ? 
_cell.reciprocal_length_a          ? 
_cell.reciprocal_length_b          ? 
_cell.reciprocal_length_c          ? 
_cell.reciprocal_length_a_esd      ? 
_cell.reciprocal_length_b_esd      ? 
_cell.reciprocal_length_c_esd      ? 
_cell.pdbx_unique_axis             ? 
_cell.pdbx_esd_method              ? 
# 
_symmetry.entry_id                         8TAJ 
_symmetry.cell_setting                     ? 
_symmetry.Int_Tables_number                145 
_symmetry.space_group_name_Hall            ? 
_symmetry.space_group_name_H-M             'P 32' 
_symmetry.pdbx_full_space_group_name_H-M   ? 
# 
loop_
_entity.id 
_entity.type 
_entity.src_method 
_entity.pdbx_description 
_entity.formula_weight 
_entity.pdbx_number_of_molecules 
_entity.pdbx_ec 
_entity.pdbx_mutation 
_entity.pdbx_fragment 
_entity.details 
1 polymer     syn 
;DNA (5'-D(*GP*AP*GP*AP*AP*TP*TP*CP*CP*TP*GP*AP*CP*GP*GP*AP*AP*CP*TP*CP*A)-3')
;
6456.199 1 ? ? ? ? 
2 polymer     syn 
;DNA (5'-D(P*CP*CP*GP*TP*CP*A*(NT))-3')
;
1769.193 1 ? ? ? ? 
3 polymer     syn 
;DNA (5'-D(*TP*CP*TP*GP*AP*GP*TP*T)-3')
;
2432.614 1 ? ? ? ? 
4 polymer     syn 
;DNA (5'-D(P*GP*GP*AP*AP*TP*TP*C)-3')
;
2137.435 1 ? ? ? ? 
5 non-polymer syn 'CACODYLATE ION'                                                                136.989  1 ? ? ? ? 
6 non-polymer syn NETROPSIN                                                                       430.464  1 ? ? ? ? 
7 water       nat water                                                                           18.015   2 ? ? ? ? 
# 
loop_
_entity_poly.entity_id 
_entity_poly.type 
_entity_poly.nstd_linkage 
_entity_poly.nstd_monomer 
_entity_poly.pdbx_seq_one_letter_code 
_entity_poly.pdbx_seq_one_letter_code_can 
_entity_poly.pdbx_strand_id 
_entity_poly.pdbx_target_identifier 
1 polydeoxyribonucleotide no no 
;(DG)(DA)(DG)(DA)(DA)(DT)(DT)(DC)(DC)(DT)(DG)(DA)(DC)(DG)(DG)(DA)(DA)(DC)(DT)(DC)
(DA)
;
GAGAATTCCTGACGGAACTCA A ? 
2 polydeoxyribonucleotide no no '(DC)(DC)(DG)(DT)(DC)(DA)'                                                              CCGTCA B ? 
3 polydeoxyribonucleotide no no '(DT)(DC)(DT)(DG)(DA)(DG)(DT)(DT)'                                                      TCTGAGTT C 
? 
4 polydeoxyribonucleotide no no '(DG)(DG)(DA)(DA)(DT)(DT)(DC)'                                                          GGAATTC D 
? 
# 
loop_
_entity_poly_seq.entity_id 
_entity_poly_seq.num 
_entity_poly_seq.mon_id 
_entity_poly_seq.hetero 
1 1  DG n 
1 2  DA n 
1 3  DG n 
1 4  DA n 
1 5  DA n 
1 6  DT n 
1 7  DT n 
1 8  DC n 
1 9  DC n 
1 10 DT n 
1 11 DG n 
1 12 DA n 
1 13 DC n 
1 14 DG n 
1 15 DG n 
1 16 DA n 
1 17 DA n 
1 18 DC n 
1 19 DT n 
1 20 DC n 
1 21 DA n 
2 1  DC n 
2 2  DC n 
2 3  DG n 
2 4  DT n 
2 5  DC n 
2 6  DA n 
3 1  DT n 
3 2  DC n 
3 3  DT n 
3 4  DG n 
3 5  DA n 
3 6  DG n 
3 7  DT n 
3 8  DT n 
4 1  DG n 
4 2  DG n 
4 3  DA n 
4 4  DA n 
4 5  DT n 
4 6  DT n 
4 7  DC n 
# 
loop_
_pdbx_entity_src_syn.entity_id 
_pdbx_entity_src_syn.pdbx_src_id 
_pdbx_entity_src_syn.pdbx_alt_source_flag 
_pdbx_entity_src_syn.pdbx_beg_seq_num 
_pdbx_entity_src_syn.pdbx_end_seq_num 
_pdbx_entity_src_syn.organism_scientific 
_pdbx_entity_src_syn.organism_common_name 
_pdbx_entity_src_syn.ncbi_taxonomy_id 
_pdbx_entity_src_syn.details 
1 1 sample 1 21 'synthetic construct' ? 32630 ? 
2 1 sample 1 6  'synthetic construct' ? 32630 ? 
3 1 sample 1 8  'synthetic construct' ? 32630 ? 
4 1 sample 1 7  'synthetic construct' ? 32630 ? 
# 
loop_
_struct_ref.id 
_struct_ref.db_name 
_struct_ref.db_code 
_struct_ref.pdbx_db_accession 
_struct_ref.pdbx_db_isoform 
_struct_ref.entity_id 
_struct_ref.pdbx_seq_one_letter_code 
_struct_ref.pdbx_align_begin 
1 PDB 8TAJ 8TAJ ? 1 ? 1 
2 PDB 8TAJ 8TAJ ? 2 ? 1 
3 PDB 8TAJ 8TAJ ? 3 ? 1 
4 PDB 8TAJ 8TAJ ? 4 ? 1 
# 
loop_
_struct_ref_seq.align_id 
_struct_ref_seq.ref_id 
_struct_ref_seq.pdbx_PDB_id_code 
_struct_ref_seq.pdbx_strand_id 
_struct_ref_seq.seq_align_beg 
_struct_ref_seq.pdbx_seq_align_beg_ins_code 
_struct_ref_seq.seq_align_end 
_struct_ref_seq.pdbx_seq_align_end_ins_code 
_struct_ref_seq.pdbx_db_accession 
_struct_ref_seq.db_align_beg 
_struct_ref_seq.pdbx_db_align_beg_ins_code 
_struct_ref_seq.db_align_end 
_struct_ref_seq.pdbx_db_align_end_ins_code 
_struct_ref_seq.pdbx_auth_seq_align_beg 
_struct_ref_seq.pdbx_auth_seq_align_end 
1 1 8TAJ A 1 ? 21 ? 8TAJ 1  ? 21 ? 1  21 
2 2 8TAJ B 1 ? 6  ? 8TAJ 0  ? 5  ? 0  5  
3 3 8TAJ C 1 ? 8  ? 8TAJ 1  ? 8  ? 1  8  
4 4 8TAJ D 1 ? 7  ? 8TAJ 10 ? 16 ? 10 16 
# 
loop_
_chem_comp.id 
_chem_comp.type 
_chem_comp.mon_nstd_flag 
_chem_comp.name 
_chem_comp.pdbx_synonyms 
_chem_comp.formula 
_chem_comp.formula_weight 
CAC non-polymer   . 'CACODYLATE ION'                     dimethylarsinate 'C2 H6 As O2 -1'  136.989 
DA  'DNA linking' y "2'-DEOXYADENOSINE-5'-MONOPHOSPHATE" ?                'C10 H14 N5 O6 P' 331.222 
DC  'DNA linking' y "2'-DEOXYCYTIDINE-5'-MONOPHOSPHATE"  ?                'C9 H14 N3 O7 P'  307.197 
DG  'DNA linking' y "2'-DEOXYGUANOSINE-5'-MONOPHOSPHATE" ?                'C10 H14 N5 O7 P' 347.221 
DT  'DNA linking' y "THYMIDINE-5'-MONOPHOSPHATE"         ?                'C10 H15 N2 O8 P' 322.208 
HOH non-polymer   . WATER                                ?                'H2 O'            18.015  
NT  non-polymer   . NETROPSIN                            ?                'C18 H26 N10 O3'  430.464 
# 
_exptl.absorpt_coefficient_mu     ? 
_exptl.absorpt_correction_T_max   ? 
_exptl.absorpt_correction_T_min   ? 
_exptl.absorpt_correction_type    ? 
_exptl.absorpt_process_details    ? 
_exptl.entry_id                   8TAJ 
_exptl.crystals_number            1 
_exptl.details                    ? 
_exptl.method                     'X-RAY DIFFRACTION' 
_exptl.method_details             ? 
# 
_exptl_crystal.colour                       ? 
_exptl_crystal.density_diffrn               ? 
_exptl_crystal.density_Matthews             6.07 
_exptl_crystal.density_method               ? 
_exptl_crystal.density_percent_sol          79.75 
_exptl_crystal.description                  ? 
_exptl_crystal.F_000                        ? 
_exptl_crystal.id                           1 
_exptl_crystal.preparation                  ? 
_exptl_crystal.size_max                     ? 
_exptl_crystal.size_mid                     ? 
_exptl_crystal.size_min                     ? 
_exptl_crystal.size_rad                     ? 
_exptl_crystal.colour_lustre                ? 
_exptl_crystal.colour_modifier              ? 
_exptl_crystal.colour_primary               ? 
_exptl_crystal.density_meas                 ? 
_exptl_crystal.density_meas_esd             ? 
_exptl_crystal.density_meas_gt              ? 
_exptl_crystal.density_meas_lt              ? 
_exptl_crystal.density_meas_temp            ? 
_exptl_crystal.density_meas_temp_esd        ? 
_exptl_crystal.density_meas_temp_gt         ? 
_exptl_crystal.density_meas_temp_lt         ? 
_exptl_crystal.pdbx_crystal_image_url       ? 
_exptl_crystal.pdbx_crystal_image_format    ? 
_exptl_crystal.pdbx_mosaicity               ? 
_exptl_crystal.pdbx_mosaicity_esd           ? 
_exptl_crystal.pdbx_mosaic_method           ? 
_exptl_crystal.pdbx_mosaic_block_size       ? 
_exptl_crystal.pdbx_mosaic_block_size_esd   ? 
# 
_exptl_crystal_grow.apparatus       ? 
_exptl_crystal_grow.atmosphere      ? 
_exptl_crystal_grow.crystal_id      1 
_exptl_crystal_grow.details         ? 
_exptl_crystal_grow.method          'VAPOR DIFFUSION, SITTING DROP' 
_exptl_crystal_grow.method_ref      ? 
_exptl_crystal_grow.pH              ? 
_exptl_crystal_grow.pressure        ? 
_exptl_crystal_grow.pressure_esd    ? 
_exptl_crystal_grow.seeding         ? 
_exptl_crystal_grow.seeding_ref     ? 
_exptl_crystal_grow.temp_details    'temperature gradient generated from 60 to 25 C at 0.3 degrees per hour' 
_exptl_crystal_grow.temp_esd        ? 
_exptl_crystal_grow.time            ? 
_exptl_crystal_grow.pdbx_details    
;0.5 mL of 0.05 M Na Cacodylate pH 6.5 with 30 mM MgCl2, 1.0 mM spermine, and 1.3 M Li2SO4 was added to the reservoir with 2 uL added to the drop containing 4 uL of DNA stock.
;
_exptl_crystal_grow.pdbx_pH_range   ? 
_exptl_crystal_grow.temp            298 
# 
_diffrn.ambient_environment              ? 
_diffrn.ambient_temp                     100 
_diffrn.ambient_temp_details             ? 
_diffrn.ambient_temp_esd                 ? 
_diffrn.crystal_id                       1 
_diffrn.crystal_support                  ? 
_diffrn.crystal_treatment                ? 
_diffrn.details                          ? 
_diffrn.id                               1 
_diffrn.ambient_pressure                 ? 
_diffrn.ambient_pressure_esd             ? 
_diffrn.ambient_pressure_gt              ? 
_diffrn.ambient_pressure_lt              ? 
_diffrn.ambient_temp_gt                  ? 
_diffrn.ambient_temp_lt                  ? 
_diffrn.pdbx_serial_crystal_experiment   N 
# 
_diffrn_detector.details                      ? 
_diffrn_detector.detector                     PIXEL 
_diffrn_detector.diffrn_id                    1 
_diffrn_detector.type                         'DECTRIS PILATUS3 6M' 
_diffrn_detector.area_resol_mean              ? 
_diffrn_detector.dtime                        ? 
_diffrn_detector.pdbx_frames_total            ? 
_diffrn_detector.pdbx_collection_time_total   ? 
_diffrn_detector.pdbx_collection_date         2022-02-19 
_diffrn_detector.pdbx_frequency               ? 
_diffrn_detector.id                           ? 
_diffrn_detector.number_of_axes               ? 
# 
_diffrn_radiation.collimation                      ? 
_diffrn_radiation.diffrn_id                        1 
_diffrn_radiation.filter_edge                      ? 
_diffrn_radiation.inhomogeneity                    ? 
_diffrn_radiation.monochromator                    ? 
_diffrn_radiation.polarisn_norm                    ? 
_diffrn_radiation.polarisn_ratio                   ? 
_diffrn_radiation.probe                            ? 
_diffrn_radiation.type                             ? 
_diffrn_radiation.xray_symbol                      ? 
_diffrn_radiation.wavelength_id                    1 
_diffrn_radiation.pdbx_monochromatic_or_laue_m_l   M 
_diffrn_radiation.pdbx_wavelength_list             ? 
_diffrn_radiation.pdbx_wavelength                  ? 
_diffrn_radiation.pdbx_diffrn_protocol             'SINGLE WAVELENGTH' 
_diffrn_radiation.pdbx_analyzer                    ? 
_diffrn_radiation.pdbx_scattering_type             x-ray 
# 
_diffrn_radiation_wavelength.id           1 
_diffrn_radiation_wavelength.wavelength   0.92 
_diffrn_radiation_wavelength.wt           1.0 
# 
_diffrn_source.current                     ? 
_diffrn_source.details                     ? 
_diffrn_source.diffrn_id                   1 
_diffrn_source.power                       ? 
_diffrn_source.size                        ? 
_diffrn_source.source                      SYNCHROTRON 
_diffrn_source.target                      ? 
_diffrn_source.type                        'APS BEAMLINE 19-ID' 
_diffrn_source.voltage                     ? 
_diffrn_source.take-off_angle              ? 
_diffrn_source.pdbx_wavelength_list        0.92 
_diffrn_source.pdbx_wavelength             ? 
_diffrn_source.pdbx_synchrotron_beamline   19-ID 
_diffrn_source.pdbx_synchrotron_site       APS 
# 
_reflns.B_iso_Wilson_estimate                          ? 
_reflns.entry_id                                       8TAJ 
_reflns.data_reduction_details                         ? 
_reflns.data_reduction_method                          ? 
_reflns.d_resolution_high                              2.90 
_reflns.d_resolution_low                               50.00 
_reflns.details                                        ? 
_reflns.limit_h_max                                    ? 
_reflns.limit_h_min                                    ? 
_reflns.limit_k_max                                    ? 
_reflns.limit_k_min                                    ? 
_reflns.limit_l_max                                    ? 
_reflns.limit_l_min                                    ? 
_reflns.number_all                                     ? 
_reflns.number_obs                                     6234 
_reflns.observed_criterion                             ? 
_reflns.observed_criterion_F_max                       ? 
_reflns.observed_criterion_F_min                       ? 
_reflns.observed_criterion_I_max                       ? 
_reflns.observed_criterion_I_min                       ? 
_reflns.observed_criterion_sigma_F                     ? 
_reflns.observed_criterion_sigma_I                     ? 
_reflns.percent_possible_obs                           93.3 
_reflns.R_free_details                                 ? 
_reflns.Rmerge_F_all                                   ? 
_reflns.Rmerge_F_obs                                   ? 
_reflns.Friedel_coverage                               ? 
_reflns.number_gt                                      ? 
_reflns.threshold_expression                           ? 
_reflns.pdbx_redundancy                                9.9 
_reflns.pdbx_netI_over_av_sigmaI                       ? 
_reflns.pdbx_netI_over_sigmaI                          5.7 
_reflns.pdbx_res_netI_over_av_sigmaI_2                 ? 
_reflns.pdbx_res_netI_over_sigmaI_2                    ? 
_reflns.pdbx_chi_squared                               3.320 
_reflns.pdbx_scaling_rejects                           ? 
_reflns.pdbx_d_res_high_opt                            ? 
_reflns.pdbx_d_res_low_opt                             ? 
_reflns.pdbx_d_res_opt_method                          ? 
_reflns.phase_calculation_details                      ? 
_reflns.pdbx_Rrim_I_all                                0.120 
_reflns.pdbx_Rpim_I_all                                0.037 
_reflns.pdbx_d_opt                                     ? 
_reflns.pdbx_number_measured_all                       61699 
_reflns.pdbx_diffrn_id                                 1 
_reflns.pdbx_ordinal                                   1 
_reflns.pdbx_CC_half                                   0.976 
_reflns.pdbx_CC_star                                   0.994 
_reflns.pdbx_R_split                                   ? 
_reflns.pdbx_Rmerge_I_obs                              0.114 
_reflns.pdbx_Rmerge_I_all                              ? 
_reflns.pdbx_Rsym_value                                ? 
_reflns.pdbx_CC_split_method                           ? 
_reflns.pdbx_aniso_diffraction_limit_axis_1_ortho[1]   ? 
_reflns.pdbx_aniso_diffraction_limit_axis_1_ortho[2]   ? 
_reflns.pdbx_aniso_diffraction_limit_axis_1_ortho[3]   ? 
_reflns.pdbx_aniso_diffraction_limit_axis_2_ortho[1]   ? 
_reflns.pdbx_aniso_diffraction_limit_axis_2_ortho[2]   ? 
_reflns.pdbx_aniso_diffraction_limit_axis_2_ortho[3]   ? 
_reflns.pdbx_aniso_diffraction_limit_axis_3_ortho[1]   ? 
_reflns.pdbx_aniso_diffraction_limit_axis_3_ortho[2]   ? 
_reflns.pdbx_aniso_diffraction_limit_axis_3_ortho[3]   ? 
_reflns.pdbx_aniso_diffraction_limit_1                 ? 
_reflns.pdbx_aniso_diffraction_limit_2                 ? 
_reflns.pdbx_aniso_diffraction_limit_3                 ? 
_reflns.pdbx_aniso_B_tensor_eigenvector_1_ortho[1]     ? 
_reflns.pdbx_aniso_B_tensor_eigenvector_1_ortho[2]     ? 
_reflns.pdbx_aniso_B_tensor_eigenvector_1_ortho[3]     ? 
_reflns.pdbx_aniso_B_tensor_eigenvector_2_ortho[1]     ? 
_reflns.pdbx_aniso_B_tensor_eigenvector_2_ortho[2]     ? 
_reflns.pdbx_aniso_B_tensor_eigenvector_2_ortho[3]     ? 
_reflns.pdbx_aniso_B_tensor_eigenvector_3_ortho[1]     ? 
_reflns.pdbx_aniso_B_tensor_eigenvector_3_ortho[2]     ? 
_reflns.pdbx_aniso_B_tensor_eigenvector_3_ortho[3]     ? 
_reflns.pdbx_aniso_B_tensor_eigenvalue_1               ? 
_reflns.pdbx_aniso_B_tensor_eigenvalue_2               ? 
_reflns.pdbx_aniso_B_tensor_eigenvalue_3               ? 
_reflns.pdbx_orthogonalization_convention              ? 
_reflns.pdbx_percent_possible_ellipsoidal              ? 
_reflns.pdbx_percent_possible_spherical                ? 
_reflns.pdbx_percent_possible_ellipsoidal_anomalous    ? 
_reflns.pdbx_percent_possible_spherical_anomalous      ? 
_reflns.pdbx_redundancy_anomalous                      ? 
_reflns.pdbx_CC_half_anomalous                         ? 
_reflns.pdbx_absDiff_over_sigma_anomalous              ? 
_reflns.pdbx_percent_possible_anomalous                ? 
_reflns.pdbx_observed_signal_threshold                 ? 
_reflns.pdbx_signal_type                               ? 
_reflns.pdbx_signal_details                            ? 
_reflns.pdbx_signal_software_id                        ? 
# 
loop_
_reflns_shell.d_res_high 
_reflns_shell.d_res_low 
_reflns_shell.meanI_over_sigI_all 
_reflns_shell.meanI_over_sigI_obs 
_reflns_shell.number_measured_all 
_reflns_shell.number_measured_obs 
_reflns_shell.number_possible 
_reflns_shell.number_unique_all 
_reflns_shell.number_unique_obs 
_reflns_shell.percent_possible_obs 
_reflns_shell.Rmerge_F_all 
_reflns_shell.Rmerge_F_obs 
_reflns_shell.meanI_over_sigI_gt 
_reflns_shell.meanI_over_uI_all 
_reflns_shell.meanI_over_uI_gt 
_reflns_shell.number_measured_gt 
_reflns_shell.number_unique_gt 
_reflns_shell.percent_possible_gt 
_reflns_shell.Rmerge_F_gt 
_reflns_shell.Rmerge_I_gt 
_reflns_shell.pdbx_redundancy 
_reflns_shell.pdbx_chi_squared 
_reflns_shell.pdbx_netI_over_sigmaI_all 
_reflns_shell.pdbx_netI_over_sigmaI_obs 
_reflns_shell.pdbx_Rrim_I_all 
_reflns_shell.pdbx_Rpim_I_all 
_reflns_shell.pdbx_rejects 
_reflns_shell.pdbx_ordinal 
_reflns_shell.pdbx_diffrn_id 
_reflns_shell.pdbx_CC_half 
_reflns_shell.pdbx_CC_star 
_reflns_shell.pdbx_R_split 
_reflns_shell.percent_possible_all 
_reflns_shell.Rmerge_I_all 
_reflns_shell.Rmerge_I_obs 
_reflns_shell.pdbx_Rsym_value 
_reflns_shell.pdbx_percent_possible_ellipsoidal 
_reflns_shell.pdbx_percent_possible_spherical 
_reflns_shell.pdbx_percent_possible_ellipsoidal_anomalous 
_reflns_shell.pdbx_percent_possible_spherical_anomalous 
_reflns_shell.pdbx_redundancy_anomalous 
_reflns_shell.pdbx_CC_half_anomalous 
_reflns_shell.pdbx_absDiff_over_sigma_anomalous 
_reflns_shell.pdbx_percent_possible_anomalous 
2.90 2.95  ? ? ? ? ? ? 228 ? ? ? ? ? ? ? ? ? ? ? 8.5  0.426  ? ? 1.049 0.341 ? 1  1 0.868 0.964 ? 70.4  ? 0.991 ? ? ? ? ? ? ? ? ? 
2.95 3.00  ? ? ? ? ? ? 255 ? ? ? ? ? ? ? ? ? ? ? 9.2  0.408  ? ? 0.703 0.220 ? 2  1 0.934 0.983 ? 73.1  ? 0.666 ? ? ? ? ? ? ? ? ? 
3.00 3.06  ? ? ? ? ? ? 254 ? ? ? ? ? ? ? ? ? ? ? 9.5  0.436  ? ? 0.539 0.167 ? 3  1 0.969 0.992 ? 74.1  ? 0.512 ? ? ? ? ? ? ? ? ? 
3.06 3.12  ? ? ? ? ? ? 261 ? ? ? ? ? ? ? ? ? ? ? 9.5  0.532  ? ? 0.240 0.074 ? 4  1 0.994 0.999 ? 80.6  ? 0.228 ? ? ? ? ? ? ? ? ? 
3.12 3.19  ? ? ? ? ? ? 293 ? ? ? ? ? ? ? ? ? ? ? 9.4  0.653  ? ? 0.133 0.041 ? 5  1 0.997 0.999 ? 86.2  ? 0.126 ? ? ? ? ? ? ? ? ? 
3.19 3.27  ? ? ? ? ? ? 282 ? ? ? ? ? ? ? ? ? ? ? 9.1  0.902  ? ? 0.099 0.030 ? 6  1 0.997 0.999 ? 90.1  ? 0.094 ? ? ? ? ? ? ? ? ? 
3.27 3.35  ? ? ? ? ? ? 312 ? ? ? ? ? ? ? ? ? ? ? 9.0  0.721  ? ? 0.139 0.044 ? 7  1 0.994 0.998 ? 95.4  ? 0.132 ? ? ? ? ? ? ? ? ? 
3.35 3.44  ? ? ? ? ? ? 351 ? ? ? ? ? ? ? ? ? ? ? 9.2  0.790  ? ? 0.113 0.035 ? 8  1 0.997 0.999 ? 96.4  ? 0.108 ? ? ? ? ? ? ? ? ? 
3.44 3.54  ? ? ? ? ? ? 315 ? ? ? ? ? ? ? ? ? ? ? 8.8  0.830  ? ? 0.118 0.038 ? 9  1 0.997 0.999 ? 100.0 ? 0.111 ? ? ? ? ? ? ? ? ? 
3.54 3.65  ? ? ? ? ? ? 323 ? ? ? ? ? ? ? ? ? ? ? 9.0  0.681  ? ? 0.126 0.041 ? 10 1 0.998 0.999 ? 99.4  ? 0.119 ? ? ? ? ? ? ? ? ? 
3.65 3.78  ? ? ? ? ? ? 341 ? ? ? ? ? ? ? ? ? ? ? 10.8 0.642  ? ? 0.124 0.037 ? 11 1 0.996 0.999 ? 100.0 ? 0.118 ? ? ? ? ? ? ? ? ? 
3.78 3.94  ? ? ? ? ? ? 332 ? ? ? ? ? ? ? ? ? ? ? 10.6 0.768  ? ? 0.115 0.035 ? 12 1 0.997 0.999 ? 100.0 ? 0.110 ? ? ? ? ? ? ? ? ? 
3.94 4.11  ? ? ? ? ? ? 347 ? ? ? ? ? ? ? ? ? ? ? 10.9 0.824  ? ? 0.106 0.032 ? 13 1 0.998 0.999 ? 100.0 ? 0.101 ? ? ? ? ? ? ? ? ? 
4.11 4.33  ? ? ? ? ? ? 323 ? ? ? ? ? ? ? ? ? ? ? 10.7 0.994  ? ? 0.102 0.031 ? 14 1 0.997 0.999 ? 100.0 ? 0.097 ? ? ? ? ? ? ? ? ? 
4.33 4.60  ? ? ? ? ? ? 336 ? ? ? ? ? ? ? ? ? ? ? 10.2 1.283  ? ? 0.101 0.031 ? 15 1 0.996 0.999 ? 100.0 ? 0.095 ? ? ? ? ? ? ? ? ? 
4.60 4.96  ? ? ? ? ? ? 349 ? ? ? ? ? ? ? ? ? ? ? 10.0 1.123  ? ? 0.097 0.030 ? 16 1 0.997 0.999 ? 100.0 ? 0.092 ? ? ? ? ? ? ? ? ? 
4.96 5.46  ? ? ? ? ? ? 318 ? ? ? ? ? ? ? ? ? ? ? 11.1 3.170  ? ? 0.090 0.027 ? 17 1 0.995 0.999 ? 100.0 ? 0.086 ? ? ? ? ? ? ? ? ? 
5.46 6.24  ? ? ? ? ? ? 345 ? ? ? ? ? ? ? ? ? ? ? 10.8 3.661  ? ? 0.081 0.025 ? 18 1 0.995 0.999 ? 100.0 ? 0.077 ? ? ? ? ? ? ? ? ? 
6.24 7.86  ? ? ? ? ? ? 333 ? ? ? ? ? ? ? ? ? ? ? 10.1 6.278  ? ? 0.070 0.022 ? 19 1 0.997 0.999 ? 100.0 ? 0.067 ? ? ? ? ? ? ? ? ? 
7.86 50.00 ? ? ? ? ? ? 336 ? ? ? ? ? ? ? ? ? ? ? 10.6 33.826 ? ? 0.138 0.042 ? 20 1 0.994 0.998 ? 100.0 ? 0.131 ? ? ? ? ? ? ? ? ? 
# 
_refine.aniso_B[1][1]                            ? 
_refine.aniso_B[1][2]                            ? 
_refine.aniso_B[1][3]                            ? 
_refine.aniso_B[2][2]                            ? 
_refine.aniso_B[2][3]                            ? 
_refine.aniso_B[3][3]                            ? 
_refine.B_iso_max                                ? 
_refine.B_iso_mean                               ? 
_refine.B_iso_min                                ? 
_refine.correlation_coeff_Fo_to_Fc               ? 
_refine.correlation_coeff_Fo_to_Fc_free          ? 
_refine.details                                  ? 
_refine.diff_density_max                         ? 
_refine.diff_density_max_esd                     ? 
_refine.diff_density_min                         ? 
_refine.diff_density_min_esd                     ? 
_refine.diff_density_rms                         ? 
_refine.diff_density_rms_esd                     ? 
_refine.entry_id                                 8TAJ 
_refine.pdbx_refine_id                           'X-RAY DIFFRACTION' 
_refine.ls_abs_structure_details                 ? 
_refine.ls_abs_structure_Flack                   ? 
_refine.ls_abs_structure_Flack_esd               ? 
_refine.ls_abs_structure_Rogers                  ? 
_refine.ls_abs_structure_Rogers_esd              ? 
_refine.ls_d_res_high                            2.900 
_refine.ls_d_res_low                             34.109 
_refine.ls_extinction_coef                       ? 
_refine.ls_extinction_coef_esd                   ? 
_refine.ls_extinction_expression                 ? 
_refine.ls_extinction_method                     ? 
_refine.ls_goodness_of_fit_all                   ? 
_refine.ls_goodness_of_fit_all_esd               ? 
_refine.ls_goodness_of_fit_obs                   ? 
_refine.ls_goodness_of_fit_obs_esd               ? 
_refine.ls_hydrogen_treatment                    ? 
_refine.ls_matrix_type                           ? 
_refine.ls_number_constraints                    ? 
_refine.ls_number_parameters                     ? 
_refine.ls_number_reflns_all                     ? 
_refine.ls_number_reflns_obs                     6052 
_refine.ls_number_reflns_R_free                  311 
_refine.ls_number_reflns_R_work                  ? 
_refine.ls_number_restraints                     ? 
_refine.ls_percent_reflns_obs                    90.73 
_refine.ls_percent_reflns_R_free                 5.14 
_refine.ls_R_factor_all                          ? 
_refine.ls_R_factor_obs                          0.2210 
_refine.ls_R_factor_R_free                       0.2413 
_refine.ls_R_factor_R_free_error                 ? 
_refine.ls_R_factor_R_free_error_details         ? 
_refine.ls_R_factor_R_work                       0.2204 
_refine.ls_R_Fsqd_factor_obs                     ? 
_refine.ls_R_I_factor_obs                        ? 
_refine.ls_redundancy_reflns_all                 ? 
_refine.ls_redundancy_reflns_obs                 ? 
_refine.ls_restrained_S_all                      ? 
_refine.ls_restrained_S_obs                      ? 
_refine.ls_shift_over_esd_max                    ? 
_refine.ls_shift_over_esd_mean                   ? 
_refine.ls_structure_factor_coef                 ? 
_refine.ls_weighting_details                     ? 
_refine.ls_weighting_scheme                      ? 
_refine.ls_wR_factor_all                         ? 
_refine.ls_wR_factor_obs                         ? 
_refine.ls_wR_factor_R_free                      ? 
_refine.ls_wR_factor_R_work                      ? 
_refine.occupancy_max                            ? 
_refine.occupancy_min                            ? 
_refine.solvent_model_details                    'FLAT BULK SOLVENT MODEL' 
_refine.solvent_model_param_bsol                 ? 
_refine.solvent_model_param_ksol                 ? 
_refine.pdbx_R_complete                          ? 
_refine.ls_R_factor_gt                           ? 
_refine.ls_goodness_of_fit_gt                    ? 
_refine.ls_goodness_of_fit_ref                   ? 
_refine.ls_shift_over_su_max                     ? 
_refine.ls_shift_over_su_max_lt                  ? 
_refine.ls_shift_over_su_mean                    ? 
_refine.ls_shift_over_su_mean_lt                 ? 
_refine.pdbx_ls_sigma_I                          ? 
_refine.pdbx_ls_sigma_F                          1.96 
_refine.pdbx_ls_sigma_Fsqd                       ? 
_refine.pdbx_data_cutoff_high_absF               ? 
_refine.pdbx_data_cutoff_high_rms_absF           ? 
_refine.pdbx_data_cutoff_low_absF                ? 
_refine.pdbx_isotropic_thermal_model             ? 
_refine.pdbx_ls_cross_valid_method               THROUGHOUT 
_refine.pdbx_method_to_determine_struct          'MOLECULAR REPLACEMENT' 
_refine.pdbx_starting_model                      ? 
_refine.pdbx_stereochemistry_target_values       ML 
_refine.pdbx_R_Free_selection_details            ? 
_refine.pdbx_stereochem_target_val_spec_case     ? 
_refine.pdbx_overall_ESU_R                       ? 
_refine.pdbx_overall_ESU_R_Free                  ? 
_refine.pdbx_solvent_vdw_probe_radii             1.11 
_refine.pdbx_solvent_ion_probe_radii             ? 
_refine.pdbx_solvent_shrinkage_radii             0.90 
_refine.pdbx_real_space_R                        ? 
_refine.pdbx_density_correlation                 ? 
_refine.pdbx_pd_number_of_powder_patterns        ? 
_refine.pdbx_pd_number_of_points                 ? 
_refine.pdbx_pd_meas_number_of_points            ? 
_refine.pdbx_pd_proc_ls_prof_R_factor            ? 
_refine.pdbx_pd_proc_ls_prof_wR_factor           ? 
_refine.pdbx_pd_Marquardt_correlation_coeff      ? 
_refine.pdbx_pd_Fsqrd_R_factor                   ? 
_refine.pdbx_pd_ls_matrix_band_width             ? 
_refine.pdbx_overall_phase_error                 35.24 
_refine.pdbx_overall_SU_R_free_Cruickshank_DPI   ? 
_refine.pdbx_overall_SU_R_free_Blow_DPI          ? 
_refine.pdbx_overall_SU_R_Blow_DPI               ? 
_refine.pdbx_TLS_residual_ADP_flag               ? 
_refine.pdbx_diffrn_id                           1 
_refine.overall_SU_B                             ? 
_refine.overall_SU_ML                            0.29 
_refine.overall_SU_R_Cruickshank_DPI             ? 
_refine.overall_SU_R_free                        ? 
_refine.overall_FOM_free_R_set                   ? 
_refine.overall_FOM_work_R_set                   ? 
_refine.pdbx_average_fsc_overall                 ? 
_refine.pdbx_average_fsc_work                    ? 
_refine.pdbx_average_fsc_free                    ? 
# 
_refine_hist.pdbx_refine_id                   'X-RAY DIFFRACTION' 
_refine_hist.cycle_id                         LAST 
_refine_hist.pdbx_number_atoms_protein        0 
_refine_hist.pdbx_number_atoms_nucleic_acid   855 
_refine_hist.pdbx_number_atoms_ligand         32 
_refine_hist.number_atoms_solvent             2 
_refine_hist.number_atoms_total               889 
_refine_hist.d_res_high                       2.900 
_refine_hist.d_res_low                        34.109 
# 
loop_
_refine_ls_restr.pdbx_refine_id 
_refine_ls_restr.criterion 
_refine_ls_restr.dev_ideal 
_refine_ls_restr.dev_ideal_target 
_refine_ls_restr.number 
_refine_ls_restr.rejects 
_refine_ls_restr.type 
_refine_ls_restr.weight 
_refine_ls_restr.pdbx_restraint_function 
'X-RAY DIFFRACTION' ? 0.007  ? 988  ? f_bond_d           ? ? 
'X-RAY DIFFRACTION' ? 0.823  ? 1511 ? f_angle_d          ? ? 
'X-RAY DIFFRACTION' ? 36.036 ? 415  ? f_dihedral_angle_d ? ? 
'X-RAY DIFFRACTION' ? 0.041  ? 166  ? f_chiral_restr     ? ? 
'X-RAY DIFFRACTION' ? 0.005  ? 49   ? f_plane_restr      ? ? 
# 
loop_
_refine_ls_shell.pdbx_refine_id 
_refine_ls_shell.d_res_high 
_refine_ls_shell.d_res_low 
_refine_ls_shell.number_reflns_all 
_refine_ls_shell.number_reflns_obs 
_refine_ls_shell.number_reflns_R_free 
_refine_ls_shell.number_reflns_R_work 
_refine_ls_shell.percent_reflns_obs 
_refine_ls_shell.percent_reflns_R_free 
_refine_ls_shell.R_factor_all 
_refine_ls_shell.R_factor_obs 
_refine_ls_shell.R_factor_R_free_error 
_refine_ls_shell.R_factor_R_work 
_refine_ls_shell.redundancy_reflns_all 
_refine_ls_shell.redundancy_reflns_obs 
_refine_ls_shell.wR_factor_all 
_refine_ls_shell.wR_factor_obs 
_refine_ls_shell.wR_factor_R_free 
_refine_ls_shell.wR_factor_R_work 
_refine_ls_shell.pdbx_R_complete 
_refine_ls_shell.pdbx_total_number_of_bins_used 
_refine_ls_shell.pdbx_phase_error 
_refine_ls_shell.pdbx_fsc_work 
_refine_ls_shell.pdbx_fsc_free 
_refine_ls_shell.R_factor_R_free 
'X-RAY DIFFRACTION' 2.90   3.6526 . . 139 2588 82.00 . . . . 0.3618 . . . . . . . . . . . 0.3338 
'X-RAY DIFFRACTION' 3.6526 34.109 . . 172 3153 99.00 . . . . 0.1882 . . . . . . . . . . . 0.2181 
# 
_struct.entry_id                     8TAJ 
_struct.title                        
;Sequence specific (AATT) orientation of netropsin molecules at a unique minor groove binding site (position1) within a self-assembled 3D DNA lattice (4x6)
;
_struct.pdbx_model_details           ? 
_struct.pdbx_formula_weight          ? 
_struct.pdbx_formula_weight_method   ? 
_struct.pdbx_model_type_details      ? 
_struct.pdbx_CASP_flag               N 
# 
_struct_keywords.entry_id        8TAJ 
_struct_keywords.text            
;Self-Assembly, DNA Nanotechnology, DNA Scaffold, Crystal Lattice, DNA, Minor Groove Binders, Netropsin, DAPI, Hoechst, ImPyPy, polyamide, host-guest
;
_struct_keywords.pdbx_keywords   DNA 
# 
loop_
_struct_asym.id 
_struct_asym.pdbx_blank_PDB_chainid_flag 
_struct_asym.pdbx_modified 
_struct_asym.entity_id 
_struct_asym.details 
A N N 1 ? 
B N N 2 ? 
C N N 3 ? 
D N N 4 ? 
E N N 5 ? 
F N N 6 ? 
G N N 7 ? 
# 
loop_
_struct_conn.id 
_struct_conn.conn_type_id 
_struct_conn.pdbx_leaving_atom_flag 
_struct_conn.pdbx_PDB_id 
_struct_conn.ptnr1_label_asym_id 
_struct_conn.ptnr1_label_comp_id 
_struct_conn.ptnr1_label_seq_id 
_struct_conn.ptnr1_label_atom_id 
_struct_conn.pdbx_ptnr1_label_alt_id 
_struct_conn.pdbx_ptnr1_PDB_ins_code 
_struct_conn.pdbx_ptnr1_standard_comp_id 
_struct_conn.ptnr1_symmetry 
_struct_conn.ptnr2_label_asym_id 
_struct_conn.ptnr2_label_comp_id 
_struct_conn.ptnr2_label_seq_id 
_struct_conn.ptnr2_label_atom_id 
_struct_conn.pdbx_ptnr2_label_alt_id 
_struct_conn.pdbx_ptnr2_PDB_ins_code 
_struct_conn.ptnr1_auth_asym_id 
_struct_conn.ptnr1_auth_comp_id 
_struct_conn.ptnr1_auth_seq_id 
_struct_conn.ptnr2_auth_asym_id 
_struct_conn.ptnr2_auth_comp_id 
_struct_conn.ptnr2_auth_seq_id 
_struct_conn.ptnr2_symmetry 
_struct_conn.pdbx_ptnr3_label_atom_id 
_struct_conn.pdbx_ptnr3_label_seq_id 
_struct_conn.pdbx_ptnr3_label_comp_id 
_struct_conn.pdbx_ptnr3_label_asym_id 
_struct_conn.pdbx_ptnr3_label_alt_id 
_struct_conn.pdbx_ptnr3_PDB_ins_code 
_struct_conn.details 
_struct_conn.pdbx_dist_value 
_struct_conn.pdbx_value_order 
_struct_conn.pdbx_role 
hydrog1  hydrog ? ? A DG 3  N1 ? ? ? 1_555 D DC 7 N3 ? ? A DG 3  D DC 16 1_555 ? ? ? ? ? ? WATSON-CRICK ? ? ? 
hydrog2  hydrog ? ? A DG 3  N2 ? ? ? 1_555 D DC 7 O2 ? ? A DG 3  D DC 16 1_555 ? ? ? ? ? ? WATSON-CRICK ? ? ? 
hydrog3  hydrog ? ? A DG 3  O6 ? ? ? 1_555 D DC 7 N4 ? ? A DG 3  D DC 16 1_555 ? ? ? ? ? ? WATSON-CRICK ? ? ? 
hydrog4  hydrog ? ? A DA 4  N1 ? ? ? 1_555 D DT 6 N3 ? ? A DA 4  D DT 15 1_555 ? ? ? ? ? ? WATSON-CRICK ? ? ? 
hydrog5  hydrog ? ? A DA 4  N6 ? ? ? 1_555 D DT 6 O4 ? ? A DA 4  D DT 15 1_555 ? ? ? ? ? ? WATSON-CRICK ? ? ? 
hydrog6  hydrog ? ? A DA 5  N1 ? ? ? 1_555 D DT 5 N3 ? ? A DA 5  D DT 14 1_555 ? ? ? ? ? ? WATSON-CRICK ? ? ? 
hydrog7  hydrog ? ? A DA 5  N6 ? ? ? 1_555 D DT 5 O4 ? ? A DA 5  D DT 14 1_555 ? ? ? ? ? ? WATSON-CRICK ? ? ? 
hydrog8  hydrog ? ? A DT 6  N3 ? ? ? 1_555 D DA 4 N1 ? ? A DT 6  D DA 13 1_555 ? ? ? ? ? ? WATSON-CRICK ? ? ? 
hydrog9  hydrog ? ? A DT 6  O4 ? ? ? 1_555 D DA 4 N6 ? ? A DT 6  D DA 13 1_555 ? ? ? ? ? ? WATSON-CRICK ? ? ? 
hydrog10 hydrog ? ? A DT 7  N3 ? ? ? 1_555 D DA 3 N1 ? ? A DT 7  D DA 12 1_555 ? ? ? ? ? ? WATSON-CRICK ? ? ? 
hydrog11 hydrog ? ? A DT 7  O4 ? ? ? 1_555 D DA 3 N6 ? ? A DT 7  D DA 12 1_555 ? ? ? ? ? ? WATSON-CRICK ? ? ? 
hydrog12 hydrog ? ? A DC 8  N3 ? ? ? 1_555 D DG 2 N1 ? ? A DC 8  D DG 11 1_555 ? ? ? ? ? ? WATSON-CRICK ? ? ? 
hydrog13 hydrog ? ? A DC 8  N4 ? ? ? 1_555 D DG 2 O6 ? ? A DC 8  D DG 11 1_555 ? ? ? ? ? ? WATSON-CRICK ? ? ? 
hydrog14 hydrog ? ? A DC 8  O2 ? ? ? 1_555 D DG 2 N2 ? ? A DC 8  D DG 11 1_555 ? ? ? ? ? ? WATSON-CRICK ? ? ? 
hydrog15 hydrog ? ? A DC 9  N3 ? ? ? 1_555 D DG 1 N1 ? ? A DC 9  D DG 10 1_555 ? ? ? ? ? ? WATSON-CRICK ? ? ? 
hydrog16 hydrog ? ? A DC 9  N4 ? ? ? 1_555 D DG 1 O6 ? ? A DC 9  D DG 10 1_555 ? ? ? ? ? ? WATSON-CRICK ? ? ? 
hydrog17 hydrog ? ? A DC 9  O2 ? ? ? 1_555 D DG 1 N2 ? ? A DC 9  D DG 10 1_555 ? ? ? ? ? ? WATSON-CRICK ? ? ? 
hydrog18 hydrog ? ? A DT 10 N3 ? ? ? 1_555 B DA 6 N1 ? ? A DT 10 B DA 5  1_555 ? ? ? ? ? ? WATSON-CRICK ? ? ? 
hydrog19 hydrog ? ? A DT 10 O4 ? ? ? 1_555 B DA 6 N6 ? ? A DT 10 B DA 5  1_555 ? ? ? ? ? ? WATSON-CRICK ? ? ? 
hydrog20 hydrog ? ? A DG 11 N1 ? ? ? 1_555 B DC 5 N3 ? ? A DG 11 B DC 4  1_555 ? ? ? ? ? ? WATSON-CRICK ? ? ? 
hydrog21 hydrog ? ? A DG 11 N2 ? ? ? 1_555 B DC 5 O2 ? ? A DG 11 B DC 4  1_555 ? ? ? ? ? ? WATSON-CRICK ? ? ? 
hydrog22 hydrog ? ? A DG 11 O6 ? ? ? 1_555 B DC 5 N4 ? ? A DG 11 B DC 4  1_555 ? ? ? ? ? ? WATSON-CRICK ? ? ? 
hydrog23 hydrog ? ? A DA 12 N1 ? ? ? 1_555 B DT 4 N3 ? ? A DA 12 B DT 3  1_555 ? ? ? ? ? ? WATSON-CRICK ? ? ? 
hydrog24 hydrog ? ? A DA 12 N6 ? ? ? 1_555 B DT 4 O4 ? ? A DA 12 B DT 3  1_555 ? ? ? ? ? ? WATSON-CRICK ? ? ? 
hydrog25 hydrog ? ? A DC 13 N3 ? ? ? 1_555 B DG 3 N1 ? ? A DC 13 B DG 2  1_555 ? ? ? ? ? ? WATSON-CRICK ? ? ? 
hydrog26 hydrog ? ? A DC 13 N4 ? ? ? 1_555 B DG 3 O6 ? ? A DC 13 B DG 2  1_555 ? ? ? ? ? ? WATSON-CRICK ? ? ? 
hydrog27 hydrog ? ? A DC 13 O2 ? ? ? 1_555 B DG 3 N2 ? ? A DC 13 B DG 2  1_555 ? ? ? ? ? ? WATSON-CRICK ? ? ? 
hydrog28 hydrog ? ? A DG 14 N1 ? ? ? 1_555 B DC 2 N3 ? ? A DG 14 B DC 1  1_555 ? ? ? ? ? ? WATSON-CRICK ? ? ? 
hydrog29 hydrog ? ? A DG 14 N2 ? ? ? 1_555 B DC 2 O2 ? ? A DG 14 B DC 1  1_555 ? ? ? ? ? ? WATSON-CRICK ? ? ? 
hydrog30 hydrog ? ? A DG 14 O6 ? ? ? 1_555 B DC 2 N4 ? ? A DG 14 B DC 1  1_555 ? ? ? ? ? ? WATSON-CRICK ? ? ? 
hydrog31 hydrog ? ? A DG 15 N1 ? ? ? 1_555 B DC 1 N3 ? ? A DG 15 B DC 0  1_555 ? ? ? ? ? ? WATSON-CRICK ? ? ? 
hydrog32 hydrog ? ? A DG 15 N2 ? ? ? 1_555 B DC 1 O2 ? ? A DG 15 B DC 0  1_555 ? ? ? ? ? ? WATSON-CRICK ? ? ? 
hydrog33 hydrog ? ? A DG 15 O6 ? ? ? 1_555 B DC 1 N4 ? ? A DG 15 B DC 0  1_555 ? ? ? ? ? ? WATSON-CRICK ? ? ? 
hydrog34 hydrog ? ? A DA 16 N1 ? ? ? 1_555 C DT 8 N3 ? ? A DA 16 C DT 8  1_555 ? ? ? ? ? ? WATSON-CRICK ? ? ? 
hydrog35 hydrog ? ? A DA 16 N6 ? ? ? 1_555 C DT 8 O4 ? ? A DA 16 C DT 8  1_555 ? ? ? ? ? ? WATSON-CRICK ? ? ? 
hydrog36 hydrog ? ? A DA 17 N1 ? ? ? 1_555 C DT 7 N3 ? ? A DA 17 C DT 7  1_555 ? ? ? ? ? ? WATSON-CRICK ? ? ? 
hydrog37 hydrog ? ? A DA 17 N6 ? ? ? 1_555 C DT 7 O4 ? ? A DA 17 C DT 7  1_555 ? ? ? ? ? ? WATSON-CRICK ? ? ? 
hydrog38 hydrog ? ? A DC 18 N3 ? ? ? 1_555 C DG 6 N1 ? ? A DC 18 C DG 6  1_555 ? ? ? ? ? ? WATSON-CRICK ? ? ? 
hydrog39 hydrog ? ? A DC 18 N4 ? ? ? 1_555 C DG 6 O6 ? ? A DC 18 C DG 6  1_555 ? ? ? ? ? ? WATSON-CRICK ? ? ? 
hydrog40 hydrog ? ? A DC 18 O2 ? ? ? 1_555 C DG 6 N2 ? ? A DC 18 C DG 6  1_555 ? ? ? ? ? ? WATSON-CRICK ? ? ? 
hydrog41 hydrog ? ? A DT 19 N3 ? ? ? 1_555 C DA 5 N1 ? ? A DT 19 C DA 5  1_555 ? ? ? ? ? ? WATSON-CRICK ? ? ? 
hydrog42 hydrog ? ? A DT 19 O4 ? ? ? 1_555 C DA 5 N6 ? ? A DT 19 C DA 5  1_555 ? ? ? ? ? ? WATSON-CRICK ? ? ? 
hydrog43 hydrog ? ? A DC 20 N3 ? ? ? 1_555 C DG 4 N1 ? ? A DC 20 C DG 4  1_555 ? ? ? ? ? ? WATSON-CRICK ? ? ? 
hydrog44 hydrog ? ? A DC 20 N4 ? ? ? 1_555 C DG 4 O6 ? ? A DC 20 C DG 4  1_555 ? ? ? ? ? ? WATSON-CRICK ? ? ? 
hydrog45 hydrog ? ? A DC 20 O2 ? ? ? 1_555 C DG 4 N2 ? ? A DC 20 C DG 4  1_555 ? ? ? ? ? ? WATSON-CRICK ? ? ? 
hydrog46 hydrog ? ? A DA 21 N1 ? ? ? 1_555 C DT 3 N3 ? ? A DA 21 C DT 3  1_555 ? ? ? ? ? ? WATSON-CRICK ? ? ? 
hydrog47 hydrog ? ? A DA 21 N6 ? ? ? 1_555 C DT 3 O4 ? ? A DA 21 C DT 3  1_555 ? ? ? ? ? ? WATSON-CRICK ? ? ? 
# 
_struct_conn_type.id          hydrog 
_struct_conn_type.criteria    ? 
_struct_conn_type.reference   ? 
# 
_atom_sites.entry_id                    8TAJ 
_atom_sites.Cartn_transf_matrix[1][1]   ? 
_atom_sites.Cartn_transf_matrix[1][2]   ? 
_atom_sites.Cartn_transf_matrix[1][3]   ? 
_atom_sites.Cartn_transf_matrix[2][1]   ? 
_atom_sites.Cartn_transf_matrix[2][2]   ? 
_atom_sites.Cartn_transf_matrix[2][3]   ? 
_atom_sites.Cartn_transf_matrix[3][1]   ? 
_atom_sites.Cartn_transf_matrix[3][2]   ? 
_atom_sites.Cartn_transf_matrix[3][3]   ? 
_atom_sites.Cartn_transf_vector[1]      ? 
_atom_sites.Cartn_transf_vector[2]      ? 
_atom_sites.Cartn_transf_vector[3]      ? 
_atom_sites.fract_transf_matrix[1][1]   0.00947012 
_atom_sites.fract_transf_matrix[1][2]   -0.01206895 
_atom_sites.fract_transf_matrix[1][3]   -0.00715303 
_atom_sites.fract_transf_matrix[2][1]   -0.00242281 
_atom_sites.fract_transf_matrix[2][2]   -0.00415134 
_atom_sites.fract_transf_matrix[2][3]   -0.01623021 
_atom_sites.fract_transf_matrix[3][1]   0.01157729 
_atom_sites.fract_transf_matrix[3][2]   0.01191486 
_atom_sites.fract_transf_matrix[3][3]   -0.00477580 
_atom_sites.fract_transf_vector[1]      1.134552 
_atom_sites.fract_transf_vector[2]      1.115785 
_atom_sites.fract_transf_vector[3]      -0.055124 
_atom_sites.solution_primary            ? 
_atom_sites.solution_secondary          ? 
_atom_sites.solution_hydrogens          ? 
_atom_sites.special_details             ? 
# 
loop_
_atom_type.symbol 
AS 
C  
N  
O  
P  
# 
loop_
_atom_site.group_PDB 
_atom_site.id 
_atom_site.type_symbol 
_atom_site.label_atom_id 
_atom_site.label_alt_id 
_atom_site.label_comp_id 
_atom_site.label_asym_id 
_atom_site.label_entity_id 
_atom_site.label_seq_id 
_atom_site.pdbx_PDB_ins_code 
_atom_site.Cartn_x 
_atom_site.Cartn_y 
_atom_site.Cartn_z 
_atom_site.occupancy 
_atom_site.B_iso_or_equiv 
_atom_site.pdbx_formal_charge 
_atom_site.auth_seq_id 
_atom_site.auth_comp_id 
_atom_site.auth_asym_id 
_atom_site.auth_atom_id 
_atom_site.pdbx_PDB_model_num 
ATOM   1   O  "O5'" . DG  A 1 1  ? -15.901 12.168  -27.539 1.00 118.16 ?  1   DG  A "O5'" 1 
ATOM   2   C  "C5'" . DG  A 1 1  ? -17.080 12.977  -27.517 1.00 118.42 ?  1   DG  A "C5'" 1 
ATOM   3   C  "C4'" . DG  A 1 1  ? -18.335 12.114  -27.517 1.00 119.32 ?  1   DG  A "C4'" 1 
ATOM   4   O  "O4'" . DG  A 1 1  ? -18.408 11.367  -28.753 1.00 115.84 ?  1   DG  A "O4'" 1 
ATOM   5   C  "C3'" . DG  A 1 1  ? -18.413 11.097  -26.386 1.00 123.50 ?  1   DG  A "C3'" 1 
ATOM   6   O  "O3'" . DG  A 1 1  ? -19.233 11.621  -25.341 1.00 130.45 ?  1   DG  A "O3'" 1 
ATOM   7   C  "C2'" . DG  A 1 1  ? -19.053 9.865   -27.030 1.00 118.15 ?  1   DG  A "C2'" 1 
ATOM   8   C  "C1'" . DG  A 1 1  ? -18.710 10.011  -28.506 1.00 112.04 ?  1   DG  A "C1'" 1 
ATOM   9   N  N9    . DG  A 1 1  ? -17.582 9.197   -28.961 1.00 111.11 ?  1   DG  A N9    1 
ATOM   10  C  C8    . DG  A 1 1  ? -16.317 9.638   -29.285 1.00 110.44 ?  1   DG  A C8    1 
ATOM   11  N  N7    . DG  A 1 1  ? -15.520 8.686   -29.692 1.00 105.07 ?  1   DG  A N7    1 
ATOM   12  C  C5    . DG  A 1 1  ? -16.308 7.543   -29.644 1.00 105.23 ?  1   DG  A C5    1 
ATOM   13  C  C6    . DG  A 1 1  ? -15.988 6.206   -29.970 1.00 106.64 ?  1   DG  A C6    1 
ATOM   14  O  O6    . DG  A 1 1  ? -14.908 5.756   -30.379 1.00 107.51 ?  1   DG  A O6    1 
ATOM   15  N  N1    . DG  A 1 1  ? -17.077 5.353   -29.777 1.00 106.42 ?  1   DG  A N1    1 
ATOM   16  C  C2    . DG  A 1 1  ? -18.318 5.748   -29.326 1.00 107.90 ?  1   DG  A C2    1 
ATOM   17  N  N2    . DG  A 1 1  ? -19.240 4.783   -29.202 1.00 108.28 ?  1   DG  A N2    1 
ATOM   18  N  N3    . DG  A 1 1  ? -18.633 7.001   -29.018 1.00 105.22 ?  1   DG  A N3    1 
ATOM   19  C  C4    . DG  A 1 1  ? -17.583 7.841   -29.200 1.00 107.95 ?  1   DG  A C4    1 
ATOM   20  P  P     . DA  A 1 2  ? -19.574 10.731  -24.047 1.00 134.84 ?  2   DA  A P     1 
ATOM   21  O  OP1   . DA  A 1 2  ? -19.995 11.663  -22.971 1.00 131.40 ?  2   DA  A OP1   1 
ATOM   22  O  OP2   . DA  A 1 2  ? -18.425 9.813   -23.840 1.00 128.43 -1 2   DA  A OP2   1 
ATOM   23  O  "O5'" . DA  A 1 2  ? -20.847 9.862   -24.496 1.00 130.21 ?  2   DA  A "O5'" 1 
ATOM   24  C  "C5'" . DA  A 1 2  ? -21.347 8.839   -23.645 1.00 123.47 ?  2   DA  A "C5'" 1 
ATOM   25  C  "C4'" . DA  A 1 2  ? -21.129 7.464   -24.256 1.00 119.37 ?  2   DA  A "C4'" 1 
ATOM   26  O  "O4'" . DA  A 1 2  ? -20.001 7.494   -25.148 1.00 115.97 ?  2   DA  A "O4'" 1 
ATOM   27  C  "C3'" . DA  A 1 2  ? -20.826 6.359   -23.244 1.00 122.19 ?  2   DA  A "C3'" 1 
ATOM   28  O  "O3'" . DA  A 1 2  ? -21.947 5.503   -23.108 1.00 127.83 ?  2   DA  A "O3'" 1 
ATOM   29  C  "C2'" . DA  A 1 2  ? -19.609 5.615   -23.823 1.00 116.82 ?  2   DA  A "C2'" 1 
ATOM   30  C  "C1'" . DA  A 1 2  ? -19.461 6.203   -25.216 1.00 114.37 ?  2   DA  A "C1'" 1 
ATOM   31  N  N9    . DA  A 1 2  ? -18.076 6.305   -25.660 1.00 113.17 ?  2   DA  A N9    1 
ATOM   32  C  C8    . DA  A 1 2  ? -17.277 7.417   -25.639 1.00 111.94 ?  2   DA  A C8    1 
ATOM   33  N  N7    . DA  A 1 2  ? -16.070 7.212   -26.110 1.00 109.59 ?  2   DA  A N7    1 
ATOM   34  C  C5    . DA  A 1 2  ? -16.077 5.871   -26.461 1.00 110.45 ?  2   DA  A C5    1 
ATOM   35  C  C6    . DA  A 1 2  ? -15.093 5.031   -27.019 1.00 113.90 ?  2   DA  A C6    1 
ATOM   36  N  N6    . DA  A 1 2  ? -13.859 5.449   -27.332 1.00 115.87 ?  2   DA  A N6    1 
ATOM   37  N  N1    . DA  A 1 2  ? -15.428 3.739   -27.246 1.00 112.63 ?  2   DA  A N1    1 
ATOM   38  C  C2    . DA  A 1 2  ? -16.664 3.325   -26.931 1.00 110.61 ?  2   DA  A C2    1 
ATOM   39  N  N3    . DA  A 1 2  ? -17.669 4.020   -26.400 1.00 108.23 ?  2   DA  A N3    1 
ATOM   40  C  C4    . DA  A 1 2  ? -17.306 5.297   -26.190 1.00 110.46 ?  2   DA  A C4    1 
ATOM   41  P  P     . DG  A 1 3  ? -22.106 4.588   -21.797 1.00 130.28 ?  3   DG  A P     1 
ATOM   42  O  OP1   . DG  A 1 3  ? -23.517 4.146   -21.713 1.00 131.93 ?  3   DG  A OP1   1 
ATOM   43  O  OP2   . DG  A 1 3  ? -21.497 5.316   -20.661 1.00 135.00 -1 3   DG  A OP2   1 
ATOM   44  O  "O5'" . DG  A 1 3  ? -21.184 3.325   -22.114 1.00 119.38 ?  3   DG  A "O5'" 1 
ATOM   45  C  "C5'" . DG  A 1 3  ? -21.357 2.622   -23.326 1.00 118.03 ?  3   DG  A "C5'" 1 
ATOM   46  C  "C4'" . DG  A 1 3  ? -20.415 1.445   -23.385 1.00 121.27 ?  3   DG  A "C4'" 1 
ATOM   47  O  "O4'" . DG  A 1 3  ? -19.178 1.835   -24.030 1.00 117.49 ?  3   DG  A "O4'" 1 
ATOM   48  C  "C3'" . DG  A 1 3  ? -20.030 0.868   -22.025 1.00 122.03 ?  3   DG  A "C3'" 1 
ATOM   49  O  "O3'" . DG  A 1 3  ? -20.142 -0.549  -22.073 1.00 120.88 ?  3   DG  A "O3'" 1 
ATOM   50  C  "C2'" . DG  A 1 3  ? -18.580 1.334   -21.831 1.00 117.84 ?  3   DG  A "C2'" 1 
ATOM   51  C  "C1'" . DG  A 1 3  ? -18.084 1.386   -23.265 1.00 114.19 ?  3   DG  A "C1'" 1 
ATOM   52  N  N9    . DG  A 1 3  ? -16.983 2.308   -23.497 1.00 109.92 ?  3   DG  A N9    1 
ATOM   53  C  C8    . DG  A 1 3  ? -16.982 3.667   -23.295 1.00 110.31 ?  3   DG  A C8    1 
ATOM   54  N  N7    . DG  A 1 3  ? -15.860 4.242   -23.628 1.00 108.76 ?  3   DG  A N7    1 
ATOM   55  C  C5    . DG  A 1 3  ? -15.072 3.197   -24.094 1.00 109.30 ?  3   DG  A C5    1 
ATOM   56  C  C6    . DG  A 1 3  ? -13.752 3.209   -24.599 1.00 112.43 ?  3   DG  A C6    1 
ATOM   57  O  O6    . DG  A 1 3  ? -12.986 4.174   -24.735 1.00 113.37 ?  3   DG  A O6    1 
ATOM   58  N  N1    . DG  A 1 3  ? -13.331 1.927   -24.961 1.00 115.40 ?  3   DG  A N1    1 
ATOM   59  C  C2    . DG  A 1 3  ? -14.094 0.784   -24.853 1.00 116.27 ?  3   DG  A C2    1 
ATOM   60  N  N2    . DG  A 1 3  ? -13.517 -0.367  -25.248 1.00 120.05 ?  3   DG  A N2    1 
ATOM   61  N  N3    . DG  A 1 3  ? -15.337 0.765   -24.385 1.00 111.19 ?  3   DG  A N3    1 
ATOM   62  C  C4    . DG  A 1 3  ? -15.757 2.004   -24.027 1.00 109.64 ?  3   DG  A C4    1 
ATOM   63  P  P     . DA  A 1 4  ? -19.859 -1.435  -20.766 1.00 124.04 ?  4   DA  A P     1 
ATOM   64  O  OP1   . DA  A 1 4  ? -20.795 -2.585  -20.779 1.00 123.37 ?  4   DA  A OP1   1 
ATOM   65  O  OP2   . DA  A 1 4  ? -19.849 -0.516  -19.603 1.00 123.92 -1 4   DA  A OP2   1 
ATOM   66  O  "O5'" . DA  A 1 4  ? -18.374 -1.974  -21.013 1.00 117.27 ?  4   DA  A "O5'" 1 
ATOM   67  C  "C5'" . DA  A 1 4  ? -17.968 -2.336  -22.329 1.00 115.72 ?  4   DA  A "C5'" 1 
ATOM   68  C  "C4'" . DA  A 1 4  ? -16.656 -3.099  -22.301 1.00 120.96 ?  4   DA  A "C4'" 1 
ATOM   69  O  "O4'" . DA  A 1 4  ? -15.566 -2.214  -22.667 1.00 117.52 ?  4   DA  A "O4'" 1 
ATOM   70  C  "C3'" . DA  A 1 4  ? -16.284 -3.694  -20.949 1.00 124.19 ?  4   DA  A "C3'" 1 
ATOM   71  O  "O3'" . DA  A 1 4  ? -15.594 -4.932  -21.132 1.00 128.39 ?  4   DA  A "O3'" 1 
ATOM   72  C  "C2'" . DA  A 1 4  ? -15.385 -2.620  -20.339 1.00 119.37 ?  4   DA  A "C2'" 1 
ATOM   73  C  "C1'" . DA  A 1 4  ? -14.698 -2.021  -21.566 1.00 117.07 ?  4   DA  A "C1'" 1 
ATOM   74  N  N9    . DA  A 1 4  ? -14.428 -0.587  -21.444 1.00 113.05 ?  4   DA  A N9    1 
ATOM   75  C  C8    . DA  A 1 4  ? -15.253 0.373   -20.916 1.00 111.35 ?  4   DA  A C8    1 
ATOM   76  N  N7    . DA  A 1 4  ? -14.743 1.584   -20.942 1.00 108.87 ?  4   DA  A N7    1 
ATOM   77  C  C5    . DA  A 1 4  ? -13.499 1.408   -21.531 1.00 110.33 ?  4   DA  A C5    1 
ATOM   78  C  C6    . DA  A 1 4  ? -12.456 2.309   -21.848 1.00 109.49 ?  4   DA  A C6    1 
ATOM   79  N  N6    . DA  A 1 4  ? -12.517 3.625   -21.605 1.00 107.51 ?  4   DA  A N6    1 
ATOM   80  N  N1    . DA  A 1 4  ? -11.348 1.800   -22.434 1.00 111.45 ?  4   DA  A N1    1 
ATOM   81  C  C2    . DA  A 1 4  ? -11.295 0.483   -22.679 1.00 114.46 ?  4   DA  A C2    1 
ATOM   82  N  N3    . DA  A 1 4  ? -12.205 -0.458  -22.426 1.00 113.42 ?  4   DA  A N3    1 
ATOM   83  C  C4    . DA  A 1 4  ? -13.292 0.075   -21.846 1.00 111.26 ?  4   DA  A C4    1 
ATOM   84  P  P     . DA  A 1 5  ? -15.195 -5.844  -19.868 1.00 130.15 ?  5   DA  A P     1 
ATOM   85  O  OP1   . DA  A 1 5  ? -15.827 -7.178  -20.008 1.00 116.83 ?  5   DA  A OP1   1 
ATOM   86  O  OP2   . DA  A 1 5  ? -15.452 -5.050  -18.645 1.00 135.69 -1 5   DA  A OP2   1 
ATOM   87  O  "O5'" . DA  A 1 5  ? -13.616 -5.999  -20.028 1.00 122.64 ?  5   DA  A "O5'" 1 
ATOM   88  C  "C5'" . DA  A 1 5  ? -13.055 -6.065  -21.326 1.00 120.54 ?  5   DA  A "C5'" 1 
ATOM   89  C  "C4'" . DA  A 1 5  ? -11.614 -5.604  -21.314 1.00 123.45 ?  5   DA  A "C4'" 1 
ATOM   90  O  "O4'" . DA  A 1 5  ? -11.562 -4.156  -21.267 1.00 118.54 ?  5   DA  A "O4'" 1 
ATOM   91  C  "C3'" . DA  A 1 5  ? -10.787 -6.109  -20.133 1.00 122.02 ?  5   DA  A "C3'" 1 
ATOM   92  O  "O3'" . DA  A 1 5  ? -9.540  -6.601  -20.612 1.00 121.33 ?  5   DA  A "O3'" 1 
ATOM   93  C  "C2'" . DA  A 1 5  ? -10.623 -4.866  -19.247 1.00 115.80 ?  5   DA  A "C2'" 1 
ATOM   94  C  "C1'" . DA  A 1 5  ? -10.646 -3.746  -20.277 1.00 116.55 ?  5   DA  A "C1'" 1 
ATOM   95  N  N9    . DA  A 1 5  ? -11.102 -2.456  -19.764 1.00 112.38 ?  5   DA  A N9    1 
ATOM   96  C  C8    . DA  A 1 5  ? -12.296 -2.187  -19.159 1.00 115.14 ?  5   DA  A C8    1 
ATOM   97  N  N7    . DA  A 1 5  ? -12.453 -0.925  -18.825 1.00 111.99 ?  5   DA  A N7    1 
ATOM   98  C  C5    . DA  A 1 5  ? -11.283 -0.320  -19.250 1.00 108.17 ?  5   DA  A C5    1 
ATOM   99  C  C6    . DA  A 1 5  ? -10.825 1.015   -19.190 1.00 106.74 ?  5   DA  A C6    1 
ATOM   100 N  N6    . DA  A 1 5  ? -11.530 2.019   -18.651 1.00 105.94 ?  5   DA  A N6    1 
ATOM   101 N  N1    . DA  A 1 5  ? -9.610  1.277   -19.707 1.00 106.26 ?  5   DA  A N1    1 
ATOM   102 C  C2    . DA  A 1 5  ? -8.904  0.275   -20.245 1.00 110.09 ?  5   DA  A C2    1 
ATOM   103 N  N3    . DA  A 1 5  ? -9.227  -1.013  -20.359 1.00 111.92 ?  5   DA  A N3    1 
ATOM   104 C  C4    . DA  A 1 5  ? -10.440 -1.247  -19.838 1.00 109.70 ?  5   DA  A C4    1 
ATOM   105 P  P     . DT  A 1 6  ? -8.416  -7.113  -19.590 1.00 122.58 ?  6   DT  A P     1 
ATOM   106 O  OP1   . DT  A 1 6  ? -7.641  -8.194  -20.242 1.00 116.23 ?  6   DT  A OP1   1 
ATOM   107 O  OP2   . DT  A 1 6  ? -9.102  -7.386  -18.308 1.00 130.42 -1 6   DT  A OP2   1 
ATOM   108 O  "O5'" . DT  A 1 6  ? -7.471  -5.837  -19.415 1.00 114.88 ?  6   DT  A "O5'" 1 
ATOM   109 C  "C5'" . DT  A 1 6  ? -7.259  -4.969  -20.518 1.00 114.41 ?  6   DT  A "C5'" 1 
ATOM   110 C  "C4'" . DT  A 1 6  ? -6.001  -4.149  -20.325 1.00 117.26 ?  6   DT  A "C4'" 1 
ATOM   111 O  "O4'" . DT  A 1 6  ? -6.343  -2.787  -19.951 1.00 117.53 ?  6   DT  A "O4'" 1 
ATOM   112 C  "C3'" . DT  A 1 6  ? -5.064  -4.651  -19.244 1.00 118.58 ?  6   DT  A "C3'" 1 
ATOM   113 O  "O3'" . DT  A 1 6  ? -3.731  -4.400  -19.640 1.00 122.64 ?  6   DT  A "O3'" 1 
ATOM   114 C  "C2'" . DT  A 1 6  ? -5.465  -3.810  -18.028 1.00 115.71 ?  6   DT  A "C2'" 1 
ATOM   115 C  "C1'" . DT  A 1 6  ? -5.808  -2.477  -18.676 1.00 115.12 ?  6   DT  A "C1'" 1 
ATOM   116 N  N1    . DT  A 1 6  ? -6.844  -1.677  -17.942 1.00 109.71 ?  6   DT  A N1    1 
ATOM   117 C  C2    . DT  A 1 6  ? -6.652  -0.322  -17.750 1.00 109.68 ?  6   DT  A C2    1 
ATOM   118 O  O2    . DT  A 1 6  ? -5.654  0.273   -18.118 1.00 111.51 ?  6   DT  A O2    1 
ATOM   119 N  N3    . DT  A 1 6  ? -7.679  0.314   -17.093 1.00 105.37 ?  6   DT  A N3    1 
ATOM   120 C  C4    . DT  A 1 6  ? -8.850  -0.247  -16.629 1.00 105.84 ?  6   DT  A C4    1 
ATOM   121 O  O4    . DT  A 1 6  ? -9.709  0.414   -16.048 1.00 104.49 ?  6   DT  A O4    1 
ATOM   122 C  C5    . DT  A 1 6  ? -8.993  -1.666  -16.872 1.00 107.62 ?  6   DT  A C5    1 
ATOM   123 C  C7    . DT  A 1 6  ? -10.225 -2.388  -16.414 1.00 106.99 ?  6   DT  A C7    1 
ATOM   124 C  C6    . DT  A 1 6  ? -7.999  -2.302  -17.517 1.00 107.65 ?  6   DT  A C6    1 
ATOM   125 P  P     . DT  A 1 7  ? -2.519  -4.761  -18.656 1.00 127.91 ?  7   DT  A P     1 
ATOM   126 O  OP1   . DT  A 1 7  ? -1.363  -5.183  -19.484 1.00 128.93 ?  7   DT  A OP1   1 
ATOM   127 O  OP2   . DT  A 1 7  ? -3.064  -5.657  -17.611 1.00 133.66 -1 7   DT  A OP2   1 
ATOM   128 O  "O5'" . DT  A 1 7  ? -2.162  -3.363  -17.983 1.00 116.14 ?  7   DT  A "O5'" 1 
ATOM   129 C  "C5'" . DT  A 1 7  ? -1.779  -2.291  -18.800 1.00 115.57 ?  7   DT  A "C5'" 1 
ATOM   130 C  "C4'" . DT  A 1 7  ? -1.450  -1.078  -17.965 1.00 118.22 ?  7   DT  A "C4'" 1 
ATOM   131 O  "O4'" . DT  A 1 7  ? -2.674  -0.502  -17.438 1.00 116.30 ?  7   DT  A "O4'" 1 
ATOM   132 C  "C3'" . DT  A 1 7  ? -0.554  -1.355  -16.760 1.00 119.56 ?  7   DT  A "C3'" 1 
ATOM   133 O  "O3'" . DT  A 1 7  ? 0.458   -0.360  -16.680 1.00 125.11 ?  7   DT  A "O3'" 1 
ATOM   134 C  "C2'" . DT  A 1 7  ? -1.517  -1.276  -15.576 1.00 114.15 ?  7   DT  A "C2'" 1 
ATOM   135 C  "C1'" . DT  A 1 7  ? -2.507  -0.233  -16.066 1.00 113.27 ?  7   DT  A "C1'" 1 
ATOM   136 N  N1    . DT  A 1 7  ? -3.841  -0.319  -15.414 1.00 110.22 ?  7   DT  A N1    1 
ATOM   137 C  C2    . DT  A 1 7  ? -4.440  0.830   -14.942 1.00 106.84 ?  7   DT  A C2    1 
ATOM   138 O  O2    . DT  A 1 7  ? -3.926  1.935   -15.013 1.00 105.52 ?  7   DT  A O2    1 
ATOM   139 N  N3    . DT  A 1 7  ? -5.669  0.633   -14.366 1.00 101.58 ?  7   DT  A N3    1 
ATOM   140 C  C4    . DT  A 1 7  ? -6.345  -0.563  -14.225 1.00 102.76 ?  7   DT  A C4    1 
ATOM   141 O  O4    . DT  A 1 7  ? -7.448  -0.634  -13.693 1.00 103.35 ?  7   DT  A O4    1 
ATOM   142 C  C5    . DT  A 1 7  ? -5.661  -1.725  -14.746 1.00 105.45 ?  7   DT  A C5    1 
ATOM   143 C  C7    . DT  A 1 7  ? -6.295  -3.080  -14.648 1.00 107.52 ?  7   DT  A C7    1 
ATOM   144 C  C6    . DT  A 1 7  ? -4.460  -1.548  -15.310 1.00 109.55 ?  7   DT  A C6    1 
ATOM   145 P  P     . DC  A 1 8  ? 1.657   -0.510  -15.622 1.00 128.17 ?  8   DC  A P     1 
ATOM   146 O  OP1   . DC  A 1 8  ? 2.941   -0.317  -16.336 1.00 126.11 ?  8   DC  A OP1   1 
ATOM   147 O  OP2   . DC  A 1 8  ? 1.409   -1.764  -14.872 1.00 126.08 -1 8   DC  A OP2   1 
ATOM   148 O  "O5'" . DC  A 1 8  ? 1.449   0.731   -14.636 1.00 113.71 ?  8   DC  A "O5'" 1 
ATOM   149 C  "C5'" . DC  A 1 8  ? 1.710   2.036   -15.104 1.00 112.58 ?  8   DC  A "C5'" 1 
ATOM   150 C  "C4'" . DC  A 1 8  ? 1.032   3.066   -14.230 1.00 110.66 ?  8   DC  A "C4'" 1 
ATOM   151 O  "O4'" . DC  A 1 8  ? -0.357  2.704   -14.029 1.00 110.80 ?  8   DC  A "O4'" 1 
ATOM   152 C  "C3'" . DC  A 1 8  ? 1.636   3.238   -12.838 1.00 106.75 ?  8   DC  A "C3'" 1 
ATOM   153 O  "O3'" . DC  A 1 8  ? 1.799   4.615   -12.575 1.00 110.13 ?  8   DC  A "O3'" 1 
ATOM   154 C  "C2'" . DC  A 1 8  ? 0.594   2.608   -11.913 1.00 105.96 ?  8   DC  A "C2'" 1 
ATOM   155 C  "C1'" . DC  A 1 8  ? -0.687  2.887   -12.675 1.00 106.39 ?  8   DC  A "C1'" 1 
ATOM   156 N  N1    . DC  A 1 8  ? -1.801  1.965   -12.343 1.00 100.07 ?  8   DC  A N1    1 
ATOM   157 C  C2    . DC  A 1 8  ? -2.939  2.460   -11.701 1.00 96.79  ?  8   DC  A C2    1 
ATOM   158 O  O2    . DC  A 1 8  ? -2.982  3.660   -11.412 1.00 97.47  ?  8   DC  A O2    1 
ATOM   159 N  N3    . DC  A 1 8  ? -3.950  1.607   -11.408 1.00 96.10  ?  8   DC  A N3    1 
ATOM   160 C  C4    . DC  A 1 8  ? -3.852  0.317   -11.739 1.00 98.90  ?  8   DC  A C4    1 
ATOM   161 N  N4    . DC  A 1 8  ? -4.871  -0.490  -11.436 1.00 96.69  ?  8   DC  A N4    1 
ATOM   162 C  C5    . DC  A 1 8  ? -2.700  -0.203  -12.398 1.00 104.21 ?  8   DC  A C5    1 
ATOM   163 C  C6    . DC  A 1 8  ? -1.711  0.650   -12.680 1.00 105.59 ?  8   DC  A C6    1 
ATOM   164 P  P     . DC  A 1 9  ? 2.339   5.107   -11.149 1.00 112.31 ?  9   DC  A P     1 
ATOM   165 O  OP1   . DC  A 1 9  ? 3.020   6.409   -11.353 1.00 113.96 ?  9   DC  A OP1   1 
ATOM   166 O  OP2   . DC  A 1 9  ? 3.070   3.972   -10.542 1.00 112.27 -1 9   DC  A OP2   1 
ATOM   167 O  "O5'" . DC  A 1 9  ? 1.006   5.360   -10.311 1.00 99.94  ?  9   DC  A "O5'" 1 
ATOM   168 C  "C5'" . DC  A 1 9  ? 0.005   6.184   -10.856 1.00 100.13 ?  9   DC  A "C5'" 1 
ATOM   169 C  "C4'" . DC  A 1 9  ? -0.778  6.902   -9.772  1.00 100.93 ?  9   DC  A "C4'" 1 
ATOM   170 O  "O4'" . DC  A 1 9  ? -1.935  6.113   -9.405  1.00 100.22 ?  9   DC  A "O4'" 1 
ATOM   171 C  "C3'" . DC  A 1 9  ? -0.026  7.159   -8.475  1.00 102.92 ?  9   DC  A "C3'" 1 
ATOM   172 O  "O3'" . DC  A 1 9  ? -0.514  8.366   -7.882  1.00 106.56 ?  9   DC  A "O3'" 1 
ATOM   173 C  "C2'" . DC  A 1 9  ? -0.376  5.924   -7.641  1.00 101.50 ?  9   DC  A "C2'" 1 
ATOM   174 C  "C1'" . DC  A 1 9  ? -1.819  5.672   -8.063  1.00 101.91 ?  9   DC  A "C1'" 1 
ATOM   175 N  N1    . DC  A 1 9  ? -2.244  4.239   -8.018  1.00 95.69  ?  9   DC  A N1    1 
ATOM   176 C  C2    . DC  A 1 9  ? -3.420  3.893   -7.340  1.00 91.02  ?  9   DC  A C2    1 
ATOM   177 O  O2    . DC  A 1 9  ? -4.063  4.784   -6.766  1.00 91.55  ?  9   DC  A O2    1 
ATOM   178 N  N3    . DC  A 1 9  ? -3.812  2.594   -7.320  1.00 83.51  ?  9   DC  A N3    1 
ATOM   179 C  C4    . DC  A 1 9  ? -3.084  1.668   -7.955  1.00 88.80  ?  9   DC  A C4    1 
ATOM   180 N  N4    . DC  A 1 9  ? -3.510  0.400   -7.914  1.00 85.58  ?  9   DC  A N4    1 
ATOM   181 C  C5    . DC  A 1 9  ? -1.887  2.005   -8.660  1.00 98.59  ?  9   DC  A C5    1 
ATOM   182 C  C6    . DC  A 1 9  ? -1.511  3.291   -8.671  1.00 96.19  ?  9   DC  A C6    1 
ATOM   183 P  P     . DT  A 1 10 ? -0.135  8.750   -6.367  1.00 109.80 ?  10  DT  A P     1 
ATOM   184 O  OP1   . DT  A 1 10 ? -0.339  10.206  -6.185  1.00 102.60 ?  10  DT  A OP1   1 
ATOM   185 O  OP2   . DT  A 1 10 ? 1.175   8.134   -6.057  1.00 104.18 -1 10  DT  A OP2   1 
ATOM   186 O  "O5'" . DT  A 1 10 ? -1.239  7.991   -5.508  1.00 105.06 ?  10  DT  A "O5'" 1 
ATOM   187 C  "C5'" . DT  A 1 10 ? -2.589  8.403   -5.568  1.00 105.01 ?  10  DT  A "C5'" 1 
ATOM   188 C  "C4'" . DT  A 1 10 ? -3.224  8.264   -4.206  1.00 104.83 ?  10  DT  A "C4'" 1 
ATOM   189 O  "O4'" . DT  A 1 10 ? -3.883  6.971   -4.107  1.00 107.57 ?  10  DT  A "O4'" 1 
ATOM   190 C  "C3'" . DT  A 1 10 ? -2.228  8.317   -3.055  1.00 106.38 ?  10  DT  A "C3'" 1 
ATOM   191 O  "O3'" . DT  A 1 10 ? -2.802  8.983   -1.950  1.00 109.32 ?  10  DT  A "O3'" 1 
ATOM   192 C  "C2'" . DT  A 1 10 ? -1.969  6.840   -2.757  1.00 106.14 ?  10  DT  A "C2'" 1 
ATOM   193 C  "C1'" . DT  A 1 10 ? -3.340  6.234   -3.028  1.00 103.03 ?  10  DT  A "C1'" 1 
ATOM   194 N  N1    . DT  A 1 10 ? -3.305  4.775   -3.407  1.00 94.53  ?  10  DT  A N1    1 
ATOM   195 C  C2    . DT  A 1 10 ? -4.357  3.961   -3.047  1.00 86.07  ?  10  DT  A C2    1 
ATOM   196 O  O2    . DT  A 1 10 ? -5.333  4.358   -2.430  1.00 80.33  ?  10  DT  A O2    1 
ATOM   197 N  N3    . DT  A 1 10 ? -4.229  2.656   -3.438  1.00 82.72  ?  10  DT  A N3    1 
ATOM   198 C  C4    . DT  A 1 10 ? -3.177  2.088   -4.135  1.00 84.16  ?  10  DT  A C4    1 
ATOM   199 O  O4    . DT  A 1 10 ? -3.156  0.900   -4.438  1.00 85.75  ?  10  DT  A O4    1 
ATOM   200 C  C5    . DT  A 1 10 ? -2.108  2.991   -4.481  1.00 90.63  ?  10  DT  A C5    1 
ATOM   201 C  C7    . DT  A 1 10 ? -0.914  2.487   -5.240  1.00 93.49  ?  10  DT  A C7    1 
ATOM   202 C  C6    . DT  A 1 10 ? -2.220  4.276   -4.103  1.00 94.65  ?  10  DT  A C6    1 
ATOM   203 P  P     . DG  A 1 11 ? -1.878  9.873   -0.982  1.00 121.55 ?  11  DG  A P     1 
ATOM   204 O  OP1   . DG  A 1 11 ? -1.890  11.263  -1.500  1.00 113.07 ?  11  DG  A OP1   1 
ATOM   205 O  OP2   . DG  A 1 11 ? -0.596  9.141   -0.809  1.00 110.63 -1 11  DG  A OP2   1 
ATOM   206 O  "O5'" . DG  A 1 11 ? -2.667  9.845   0.405   1.00 105.57 ?  11  DG  A "O5'" 1 
ATOM   207 C  "C5'" . DG  A 1 11 ? -4.073  10.029  0.412   1.00 102.82 ?  11  DG  A "C5'" 1 
ATOM   208 C  "C4'" . DG  A 1 11 ? -4.733  9.086   1.400   1.00 101.90 ?  11  DG  A "C4'" 1 
ATOM   209 O  "O4'" . DG  A 1 11 ? -4.732  7.731   0.875   1.00 103.29 ?  11  DG  A "O4'" 1 
ATOM   210 C  "C3'" . DG  A 1 11 ? -4.063  9.011   2.766   1.00 100.16 ?  11  DG  A "C3'" 1 
ATOM   211 O  "O3'" . DG  A 1 11 ? -5.056  8.984   3.757   1.00 99.79  ?  11  DG  A "O3'" 1 
ATOM   212 C  "C2'" . DG  A 1 11 ? -3.276  7.697   2.708   1.00 96.54  ?  11  DG  A "C2'" 1 
ATOM   213 C  "C1'" . DG  A 1 11 ? -4.173  6.845   1.825   1.00 95.92  ?  11  DG  A "C1'" 1 
ATOM   214 N  N9    . DG  A 1 11 ? -3.469  5.783   1.096   1.00 90.69  ?  11  DG  A N9    1 
ATOM   215 C  C8    . DG  A 1 11 ? -2.282  5.891   0.409   1.00 90.88  ?  11  DG  A C8    1 
ATOM   216 N  N7    . DG  A 1 11 ? -1.908  4.776   -0.166  1.00 89.33  ?  11  DG  A N7    1 
ATOM   217 C  C5    . DG  A 1 11 ? -2.918  3.872   0.157   1.00 87.01  ?  11  DG  A C5    1 
ATOM   218 C  C6    . DG  A 1 11 ? -3.067  2.501   -0.188  1.00 81.68  ?  11  DG  A C6    1 
ATOM   219 O  O6    . DG  A 1 11 ? -2.309  1.789   -0.863  1.00 84.87  ?  11  DG  A O6    1 
ATOM   220 N  N1    . DG  A 1 11 ? -4.235  1.961   0.345   1.00 71.01  ?  11  DG  A N1    1 
ATOM   221 C  C2    . DG  A 1 11 ? -5.144  2.653   1.109   1.00 78.50  ?  11  DG  A C2    1 
ATOM   222 N  N2    . DG  A 1 11 ? -6.215  1.971   1.538   1.00 77.17  ?  11  DG  A N2    1 
ATOM   223 N  N3    . DG  A 1 11 ? -5.017  3.933   1.435   1.00 82.06  ?  11  DG  A N3    1 
ATOM   224 C  C4    . DG  A 1 11 ? -3.886  4.477   0.927   1.00 85.31  ?  11  DG  A C4    1 
ATOM   225 P  P     . DA  A 1 12 ? -4.648  8.961   5.305   1.00 103.84 ?  12  DA  A P     1 
ATOM   226 O  OP1   . DA  A 1 12 ? -5.407  10.033  5.990   1.00 101.98 ?  12  DA  A OP1   1 
ATOM   227 O  OP2   . DA  A 1 12 ? -3.168  8.912   5.370   1.00 101.73 -1 12  DA  A OP2   1 
ATOM   228 O  "O5'" . DA  A 1 12 ? -5.212  7.562   5.799   1.00 88.64  ?  12  DA  A "O5'" 1 
ATOM   229 C  "C5'" . DA  A 1 12 ? -6.473  7.137   5.355   1.00 86.40  ?  12  DA  A "C5'" 1 
ATOM   230 C  "C4'" . DA  A 1 12 ? -6.781  5.771   5.909   1.00 89.29  ?  12  DA  A "C4'" 1 
ATOM   231 O  "O4'" . DA  A 1 12 ? -6.202  4.753   5.050   1.00 88.21  ?  12  DA  A "O4'" 1 
ATOM   232 C  "C3'" . DA  A 1 12 ? -6.226  5.516   7.298   1.00 85.98  ?  12  DA  A "C3'" 1 
ATOM   233 O  "O3'" . DA  A 1 12 ? -7.146  4.723   8.029   1.00 79.58  ?  12  DA  A "O3'" 1 
ATOM   234 C  "C2'" . DA  A 1 12 ? -4.912  4.780   7.016   1.00 83.91  ?  12  DA  A "C2'" 1 
ATOM   235 C  "C1'" . DA  A 1 12 ? -5.266  3.979   5.770   1.00 79.28  ?  12  DA  A "C1'" 1 
ATOM   236 N  N9    . DA  A 1 12 ? -4.137  3.731   4.885   1.00 80.52  ?  12  DA  A N9    1 
ATOM   237 C  C8    . DA  A 1 12 ? -3.231  4.650   4.430   1.00 86.98  ?  12  DA  A C8    1 
ATOM   238 N  N7    . DA  A 1 12 ? -2.329  4.148   3.616   1.00 83.11  ?  12  DA  A N7    1 
ATOM   239 C  C5    . DA  A 1 12 ? -2.674  2.810   3.522   1.00 77.87  ?  12  DA  A C5    1 
ATOM   240 C  C6    . DA  A 1 12 ? -2.107  1.733   2.808   1.00 77.45  ?  12  DA  A C6    1 
ATOM   241 N  N6    . DA  A 1 12 ? -1.027  1.856   2.025   1.00 77.45  ?  12  DA  A N6    1 
ATOM   242 N  N1    . DA  A 1 12 ? -2.697  0.522   2.930   1.00 76.36  ?  12  DA  A N1    1 
ATOM   243 C  C2    . DA  A 1 12 ? -3.780  0.407   3.717   1.00 74.82  ?  12  DA  A C2    1 
ATOM   244 N  N3    . DA  A 1 12 ? -4.402  1.347   4.435   1.00 74.95  ?  12  DA  A N3    1 
ATOM   245 C  C4    . DA  A 1 12 ? -3.793  2.536   4.291   1.00 77.25  ?  12  DA  A C4    1 
ATOM   246 P  P     . DC  A 1 13 ? -6.717  4.044   9.417   1.00 94.45  ?  13  DC  A P     1 
ATOM   247 O  OP1   . DC  A 1 13 ? -7.960  3.709   10.161  1.00 96.64  ?  13  DC  A OP1   1 
ATOM   248 O  OP2   . DC  A 1 13 ? -5.680  4.906   10.039  1.00 92.43  -1 13  DC  A OP2   1 
ATOM   249 O  "O5'" . DC  A 1 13 ? -6.021  2.678   8.960   1.00 91.96  ?  13  DC  A "O5'" 1 
ATOM   250 C  "C5'" . DC  A 1 13 ? -6.705  1.798   8.080   1.00 88.06  ?  13  DC  A "C5'" 1 
ATOM   251 C  "C4'" . DC  A 1 13 ? -6.220  0.381   8.272   1.00 84.63  ?  13  DC  A "C4'" 1 
ATOM   252 O  "O4'" . DC  A 1 13 ? -5.191  0.081   7.297   1.00 83.21  ?  13  DC  A "O4'" 1 
ATOM   253 C  "C3'" . DC  A 1 13 ? -5.609  0.109   9.637   1.00 84.33  ?  13  DC  A "C3'" 1 
ATOM   254 O  "O3'" . DC  A 1 13 ? -6.011  -1.163  10.089  1.00 88.26  ?  13  DC  A "O3'" 1 
ATOM   255 C  "C2'" . DC  A 1 13 ? -4.107  0.178   9.375   1.00 81.91  ?  13  DC  A "C2'" 1 
ATOM   256 C  "C1'" . DC  A 1 13 ? -4.011  -0.333  7.946   1.00 78.00  ?  13  DC  A "C1'" 1 
ATOM   257 N  N1    . DC  A 1 13 ? -2.876  0.237   7.204   1.00 71.47  ?  13  DC  A N1    1 
ATOM   258 C  C2    . DC  A 1 13 ? -2.112  -0.582  6.358   1.00 72.42  ?  13  DC  A C2    1 
ATOM   259 O  O2    . DC  A 1 13 ? -2.405  -1.781  6.253   1.00 71.58  ?  13  DC  A O2    1 
ATOM   260 N  N3    . DC  A 1 13 ? -1.073  -0.031  5.678   1.00 72.14  ?  13  DC  A N3    1 
ATOM   261 C  C4    . DC  A 1 13 ? -0.801  1.266   5.815   1.00 71.74  ?  13  DC  A C4    1 
ATOM   262 N  N4    . DC  A 1 13 ? 0.226   1.768   5.126   1.00 73.56  ?  13  DC  A N4    1 
ATOM   263 C  C5    . DC  A 1 13 ? -1.569  2.112   6.672   1.00 76.58  ?  13  DC  A C5    1 
ATOM   264 C  C6    . DC  A 1 13 ? -2.587  1.562   7.337   1.00 73.31  ?  13  DC  A C6    1 
ATOM   265 P  P     . DG  A 1 14 ? -5.528  -1.695  11.523  1.00 97.11  ?  14  DG  A P     1 
ATOM   266 O  OP1   . DG  A 1 14 ? -6.719  -2.179  12.262  1.00 92.35  ?  14  DG  A OP1   1 
ATOM   267 O  OP2   . DG  A 1 14 ? -4.635  -0.669  12.116  1.00 91.83  -1 14  DG  A OP2   1 
ATOM   268 O  "O5'" . DG  A 1 14 ? -4.651  -2.961  11.141  1.00 90.82  ?  14  DG  A "O5'" 1 
ATOM   269 C  "C5'" . DG  A 1 14 ? -5.105  -3.834  10.122  1.00 92.96  ?  14  DG  A "C5'" 1 
ATOM   270 C  "C4'" . DG  A 1 14 ? -4.045  -4.859  9.819   1.00 93.70  ?  14  DG  A "C4'" 1 
ATOM   271 O  "O4'" . DG  A 1 14 ? -3.037  -4.259  8.965   1.00 90.83  ?  14  DG  A "O4'" 1 
ATOM   272 C  "C3'" . DG  A 1 14 ? -3.307  -5.361  11.057  1.00 95.15  ?  14  DG  A "C3'" 1 
ATOM   273 O  "O3'" . DG  A 1 14 ? -3.001  -6.728  10.924  1.00 98.20  ?  14  DG  A "O3'" 1 
ATOM   274 C  "C2'" . DG  A 1 14 ? -2.047  -4.508  11.080  1.00 90.44  ?  14  DG  A "C2'" 1 
ATOM   275 C  "C1'" . DG  A 1 14 ? -1.776  -4.327  9.596   1.00 85.78  ?  14  DG  A "C1'" 1 
ATOM   276 N  N9    . DG  A 1 14 ? -1.032  -3.111  9.298   1.00 74.67  ?  14  DG  A N9    1 
ATOM   277 C  C8    . DG  A 1 14 ? -1.244  -1.858  9.825   1.00 76.11  ?  14  DG  A C8    1 
ATOM   278 N  N7    . DG  A 1 14 ? -0.403  -0.964  9.384   1.00 72.10  ?  14  DG  A N7    1 
ATOM   279 C  C5    . DG  A 1 14 ? 0.416   -1.674  8.513   1.00 70.01  ?  14  DG  A C5    1 
ATOM   280 C  C6    . DG  A 1 14 ? 1.505   -1.235  7.733   1.00 69.43  ?  14  DG  A C6    1 
ATOM   281 O  O6    . DG  A 1 14 ? 1.974   -0.096  7.660   1.00 72.31  ?  14  DG  A O6    1 
ATOM   282 N  N1    . DG  A 1 14 ? 2.062   -2.275  6.985   1.00 67.49  ?  14  DG  A N1    1 
ATOM   283 C  C2    . DG  A 1 14 ? 1.614   -3.576  6.992   1.00 71.45  ?  14  DG  A C2    1 
ATOM   284 N  N2    . DG  A 1 14 ? 2.269   -4.449  6.212   1.00 68.73  ?  14  DG  A N2    1 
ATOM   285 N  N3    . DG  A 1 14 ? 0.590   -3.997  7.722   1.00 73.84  ?  14  DG  A N3    1 
ATOM   286 C  C4    . DG  A 1 14 ? 0.041   -2.994  8.453   1.00 70.95  ?  14  DG  A C4    1 
ATOM   287 P  P     . DG  A 1 15 ? -2.259  -7.493  12.126  1.00 107.74 ?  15  DG  A P     1 
ATOM   288 O  OP1   . DG  A 1 15 ? -3.000  -8.758  12.369  1.00 103.06 ?  15  DG  A OP1   1 
ATOM   289 O  OP2   . DG  A 1 15 ? -2.055  -6.523  13.234  1.00 98.01  -1 15  DG  A OP2   1 
ATOM   290 O  "O5'" . DG  A 1 15 ? -0.830  -7.847  11.507  1.00 89.14  ?  15  DG  A "O5'" 1 
ATOM   291 C  "C5'" . DG  A 1 15 ? -0.750  -8.555  10.278  1.00 89.85  ?  15  DG  A "C5'" 1 
ATOM   292 C  "C4'" . DG  A 1 15 ? 0.686   -8.634  9.812   1.00 90.78  ?  15  DG  A "C4'" 1 
ATOM   293 O  "O4'" . DG  A 1 15 ? 1.112   -7.321  9.345   1.00 89.99  ?  15  DG  A "O4'" 1 
ATOM   294 C  "C3'" . DG  A 1 15 ? 1.677   -9.036  10.903  1.00 88.88  ?  15  DG  A "C3'" 1 
ATOM   295 O  "O3'" . DG  A 1 15 ? 2.682   -9.870  10.366  1.00 92.38  ?  15  DG  A "O3'" 1 
ATOM   296 C  "C2'" . DG  A 1 15 ? 2.255   -7.700  11.342  1.00 80.46  ?  15  DG  A "C2'" 1 
ATOM   297 C  "C1'" . DG  A 1 15 ? 2.294   -6.956  10.019  1.00 79.11  ?  15  DG  A "C1'" 1 
ATOM   298 N  N9    . DG  A 1 15 ? 2.346   -5.505  10.192  1.00 76.40  ?  15  DG  A N9    1 
ATOM   299 C  C8    . DG  A 1 15 ? 1.490   -4.722  10.938  1.00 77.49  ?  15  DG  A C8    1 
ATOM   300 N  N7    . DG  A 1 15 ? 1.810   -3.454  10.940  1.00 75.39  ?  15  DG  A N7    1 
ATOM   301 C  C5    . DG  A 1 15 ? 2.959   -3.393  10.155  1.00 72.48  ?  15  DG  A C5    1 
ATOM   302 C  C6    . DG  A 1 15 ? 3.756   -2.285  9.799   1.00 64.17  ?  15  DG  A C6    1 
ATOM   303 O  O6    . DG  A 1 15 ? 3.598   -1.103  10.115  1.00 63.65  ?  15  DG  A O6    1 
ATOM   304 N  N1    . DG  A 1 15 ? 4.833   -2.659  8.988   1.00 64.67  ?  15  DG  A N1    1 
ATOM   305 C  C2    . DG  A 1 15 ? 5.100   -3.952  8.578   1.00 69.12  ?  15  DG  A C2    1 
ATOM   306 N  N2    . DG  A 1 15 ? 6.183   -4.137  7.799   1.00 71.11  ?  15  DG  A N2    1 
ATOM   307 N  N3    . DG  A 1 15 ? 4.356   -4.999  8.910   1.00 70.13  ?  15  DG  A N3    1 
ATOM   308 C  C4    . DG  A 1 15 ? 3.307   -4.647  9.696   1.00 73.46  ?  15  DG  A C4    1 
ATOM   309 P  P     . DA  A 1 16 ? 3.767   -10.547 11.338  1.00 98.62  ?  16  DA  A P     1 
ATOM   310 O  OP1   . DA  A 1 16 ? 3.153   -11.792 11.865  1.00 105.97 ?  16  DA  A OP1   1 
ATOM   311 O  OP2   . DA  A 1 16 ? 4.271   -9.522  12.287  1.00 78.92  -1 16  DA  A OP2   1 
ATOM   312 O  "O5'" . DA  A 1 16 ? 4.955   -10.938 10.346  1.00 84.44  ?  16  DA  A "O5'" 1 
ATOM   313 C  "C5'" . DA  A 1 16 ? 5.060   -10.287 9.090   1.00 88.51  ?  16  DA  A "C5'" 1 
ATOM   314 C  "C4'" . DA  A 1 16 ? 6.460   -9.732  8.881   1.00 90.07  ?  16  DA  A "C4'" 1 
ATOM   315 O  "O4'" . DA  A 1 16 ? 6.452   -8.284  9.023   1.00 87.21  ?  16  DA  A "O4'" 1 
ATOM   316 C  "C3'" . DA  A 1 16 ? 7.512   -10.233 9.861   1.00 86.56  ?  16  DA  A "C3'" 1 
ATOM   317 O  "O3'" . DA  A 1 16 ? 8.745   -10.338 9.191   1.00 88.32  ?  16  DA  A "O3'" 1 
ATOM   318 C  "C2'" . DA  A 1 16 ? 7.541   -9.122  10.910  1.00 84.91  ?  16  DA  A "C2'" 1 
ATOM   319 C  "C1'" . DA  A 1 16 ? 7.374   -7.901  10.025  1.00 77.02  ?  16  DA  A "C1'" 1 
ATOM   320 N  N9    . DA  A 1 16 ? 6.841   -6.725  10.707  1.00 68.02  ?  16  DA  A N9    1 
ATOM   321 C  C8    . DA  A 1 16 ? 5.691   -6.644  11.440  1.00 70.42  ?  16  DA  A C8    1 
ATOM   322 N  N7    . DA  A 1 16 ? 5.445   -5.443  11.920  1.00 67.16  ?  16  DA  A N7    1 
ATOM   323 C  C5    . DA  A 1 16 ? 6.504   -4.676  11.458  1.00 74.23  ?  16  DA  A C5    1 
ATOM   324 C  C6    . DA  A 1 16 ? 6.839   -3.309  11.614  1.00 65.64  ?  16  DA  A C6    1 
ATOM   325 N  N6    . DA  A 1 16 ? 6.097   -2.435  12.316  1.00 64.79  ?  16  DA  A N6    1 
ATOM   326 N  N1    . DA  A 1 16 ? 7.965   -2.875  11.022  1.00 55.37  ?  16  DA  A N1    1 
ATOM   327 C  C2    . DA  A 1 16 ? 8.708   -3.743  10.321  1.00 55.93  ?  16  DA  A C2    1 
ATOM   328 N  N3    . DA  A 1 16 ? 8.505   -5.036  10.099  1.00 63.49  ?  16  DA  A N3    1 
ATOM   329 C  C4    . DA  A 1 16 ? 7.374   -5.449  10.702  1.00 74.95  ?  16  DA  A C4    1 
ATOM   330 P  P     . DA  A 1 17 ? 9.863   -11.360 9.715   1.00 103.10 ?  17  DA  A P     1 
ATOM   331 O  OP1   . DA  A 1 17 ? 10.134  -12.325 8.618   1.00 94.29  ?  17  DA  A OP1   1 
ATOM   332 O  OP2   . DA  A 1 17 ? 9.431   -11.830 11.053  1.00 97.25  -1 17  DA  A OP2   1 
ATOM   333 O  "O5'" . DA  A 1 17 ? 11.144  -10.429 9.931   1.00 90.46  ?  17  DA  A "O5'" 1 
ATOM   334 C  "C5'" . DA  A 1 17 ? 11.436  -9.411  8.992   1.00 85.15  ?  17  DA  A "C5'" 1 
ATOM   335 C  "C4'" . DA  A 1 17 ? 12.251  -8.312  9.638   1.00 86.13  ?  17  DA  A "C4'" 1 
ATOM   336 O  "O4'" . DA  A 1 17 ? 11.378  -7.331  10.244  1.00 84.32  ?  17  DA  A "O4'" 1 
ATOM   337 C  "C3'" . DA  A 1 17 ? 13.194  -8.781  10.743  1.00 86.72  ?  17  DA  A "C3'" 1 
ATOM   338 O  "O3'" . DA  A 1 17 ? 14.486  -8.331  10.452  1.00 89.79  ?  17  DA  A "O3'" 1 
ATOM   339 C  "C2'" . DA  A 1 17 ? 12.635  -8.132  12.021  1.00 78.23  ?  17  DA  A "C2'" 1 
ATOM   340 C  "C1'" . DA  A 1 17 ? 11.939  -6.911  11.459  1.00 75.22  ?  17  DA  A "C1'" 1 
ATOM   341 N  N9    . DA  A 1 17 ? 10.863  -6.387  12.290  1.00 72.92  ?  17  DA  A N9    1 
ATOM   342 C  C8    . DA  A 1 17 ? 9.781   -7.067  12.791  1.00 73.21  ?  17  DA  A C8    1 
ATOM   343 N  N7    . DA  A 1 17 ? 8.956   -6.307  13.487  1.00 67.59  ?  17  DA  A N7    1 
ATOM   344 C  C5    . DA  A 1 17 ? 9.533   -5.046  13.417  1.00 69.32  ?  17  DA  A C5    1 
ATOM   345 C  C6    . DA  A 1 17 ? 9.157   -3.792  13.944  1.00 69.42  ?  17  DA  A C6    1 
ATOM   346 N  N6    . DA  A 1 17 ? 8.057   -3.599  14.681  1.00 69.45  ?  17  DA  A N6    1 
ATOM   347 N  N1    . DA  A 1 17 ? 9.964   -2.737  13.682  1.00 64.58  ?  17  DA  A N1    1 
ATOM   348 C  C2    . DA  A 1 17 ? 11.065  -2.934  12.948  1.00 65.59  ?  17  DA  A C2    1 
ATOM   349 N  N3    . DA  A 1 17 ? 11.521  -4.057  12.406  1.00 67.22  ?  17  DA  A N3    1 
ATOM   350 C  C4    . DA  A 1 17 ? 10.701  -5.083  12.674  1.00 70.18  ?  17  DA  A C4    1 
ATOM   351 P  P     . DC  A 1 18 ? 15.726  -8.819  11.338  1.00 95.60  ?  18  DC  A P     1 
ATOM   352 O  OP1   . DC  A 1 18 ? 16.802  -9.180  10.384  1.00 97.28  ?  18  DC  A OP1   1 
ATOM   353 O  OP2   . DC  A 1 18 ? 15.222  -9.795  12.334  1.00 94.15  -1 18  DC  A OP2   1 
ATOM   354 O  "O5'" . DC  A 1 18 ? 16.150  -7.498  12.121  1.00 91.42  ?  18  DC  A "O5'" 1 
ATOM   355 C  "C5'" . DC  A 1 18 ? 16.352  -6.314  11.389  1.00 90.25  ?  18  DC  A "C5'" 1 
ATOM   356 C  "C4'" . DC  A 1 18 ? 16.118  -5.098  12.256  1.00 93.16  ?  18  DC  A "C4'" 1 
ATOM   357 O  "O4'" . DC  A 1 18 ? 14.763  -5.097  12.778  1.00 85.92  ?  18  DC  A "O4'" 1 
ATOM   358 C  "C3'" . DC  A 1 18 ? 17.038  -4.984  13.483  1.00 92.67  ?  18  DC  A "C3'" 1 
ATOM   359 O  "O3'" . DC  A 1 18 ? 17.741  -3.746  13.432  1.00 94.92  ?  18  DC  A "O3'" 1 
ATOM   360 C  "C2'" . DC  A 1 18 ? 16.063  -5.034  14.666  1.00 86.48  ?  18  DC  A "C2'" 1 
ATOM   361 C  "C1'" . DC  A 1 18 ? 14.818  -4.464  14.023  1.00 77.08  ?  18  DC  A "C1'" 1 
ATOM   362 N  N1    . DC  A 1 18 ? 13.560  -4.709  14.766  1.00 72.24  ?  18  DC  A N1    1 
ATOM   363 C  C2    . DC  A 1 18 ? 12.948  -3.638  15.422  1.00 71.86  ?  18  DC  A C2    1 
ATOM   364 O  O2    . DC  A 1 18 ? 13.480  -2.521  15.360  1.00 73.56  ?  18  DC  A O2    1 
ATOM   365 N  N3    . DC  A 1 18 ? 11.794  -3.855  16.099  1.00 69.50  ?  18  DC  A N3    1 
ATOM   366 C  C4    . DC  A 1 18 ? 11.261  -5.078  16.135  1.00 67.94  ?  18  DC  A C4    1 
ATOM   367 N  N4    . DC  A 1 18 ? 10.124  -5.243  16.816  1.00 72.39  ?  18  DC  A N4    1 
ATOM   368 C  C5    . DC  A 1 18 ? 11.873  -6.186  15.473  1.00 70.27  ?  18  DC  A C5    1 
ATOM   369 C  C6    . DC  A 1 18 ? 13.012  -5.957  14.805  1.00 76.17  ?  18  DC  A C6    1 
ATOM   370 P  P     . DT  A 1 19 ? 18.747  -3.320  14.610  1.00 110.56 ?  19  DT  A P     1 
ATOM   371 O  OP1   . DT  A 1 19 ? 19.684  -2.324  14.029  1.00 100.83 ?  19  DT  A OP1   1 
ATOM   372 O  OP2   . DT  A 1 19 ? 19.251  -4.565  15.247  1.00 97.82  -1 19  DT  A OP2   1 
ATOM   373 O  "O5'" . DT  A 1 19 ? 17.809  -2.573  15.672  1.00 90.87  ?  19  DT  A "O5'" 1 
ATOM   374 C  "C5'" . DT  A 1 19 ? 16.896  -1.580  15.226  1.00 85.81  ?  19  DT  A "C5'" 1 
ATOM   375 C  "C4'" . DT  A 1 19 ? 17.081  -0.271  15.978  1.00 89.58  ?  19  DT  A "C4'" 1 
ATOM   376 O  "O4'" . DT  A 1 19 ? 15.962  -0.052  16.865  1.00 90.35  ?  19  DT  A "O4'" 1 
ATOM   377 C  "C3'" . DT  A 1 19 ? 18.289  -0.186  16.882  1.00 86.60  ?  19  DT  A "C3'" 1 
ATOM   378 O  "O3'" . DT  A 1 19 ? 18.592  1.196   17.097  1.00 85.84  ?  19  DT  A "O3'" 1 
ATOM   379 C  "C2'" . DT  A 1 19 ? 17.781  -0.874  18.156  1.00 86.16  ?  19  DT  A "C2'" 1 
ATOM   380 C  "C1'" . DT  A 1 19 ? 16.293  -0.498  18.169  1.00 80.85  ?  19  DT  A "C1'" 1 
ATOM   381 N  N1    . DT  A 1 19 ? 15.360  -1.620  18.501  1.00 74.06  ?  19  DT  A N1    1 
ATOM   382 C  C2    . DT  A 1 19 ? 14.172  -1.326  19.131  1.00 78.54  ?  19  DT  A C2    1 
ATOM   383 O  O2    . DT  A 1 19 ? 13.854  -0.192  19.462  1.00 80.73  ?  19  DT  A O2    1 
ATOM   384 N  N3    . DT  A 1 19 ? 13.370  -2.410  19.373  1.00 71.44  ?  19  DT  A N3    1 
ATOM   385 C  C4    . DT  A 1 19 ? 13.617  -3.726  19.054  1.00 70.24  ?  19  DT  A C4    1 
ATOM   386 O  O4    . DT  A 1 19 ? 12.826  -4.626  19.317  1.00 71.74  ?  19  DT  A O4    1 
ATOM   387 C  C5    . DT  A 1 19 ? 14.873  -3.968  18.386  1.00 70.69  ?  19  DT  A C5    1 
ATOM   388 C  C7    . DT  A 1 19 ? 15.249  -5.365  17.994  1.00 71.57  ?  19  DT  A C7    1 
ATOM   389 C  C6    . DT  A 1 19 ? 15.675  -2.916  18.137  1.00 72.58  ?  19  DT  A C6    1 
ATOM   390 P  P     . DC  A 1 20 ? 19.494  1.671   18.336  1.00 96.90  ?  20  DC  A P     1 
ATOM   391 O  OP1   . DC  A 1 20 ? 20.012  3.020   18.008  1.00 93.13  ?  20  DC  A OP1   1 
ATOM   392 O  OP2   . DC  A 1 20 ? 20.448  0.577   18.640  1.00 98.28  -1 20  DC  A OP2   1 
ATOM   393 O  "O5'" . DC  A 1 20 ? 18.448  1.813   19.544  1.00 92.41  ?  20  DC  A "O5'" 1 
ATOM   394 C  "C5'" . DC  A 1 20 ? 17.333  2.691   19.417  1.00 88.80  ?  20  DC  A "C5'" 1 
ATOM   395 C  "C4'" . DC  A 1 20 ? 16.718  3.029   20.775  1.00 97.33  ?  20  DC  A "C4'" 1 
ATOM   396 O  "O4'" . DC  A 1 20 ? 15.827  1.970   21.209  1.00 98.80  ?  20  DC  A "O4'" 1 
ATOM   397 C  "C3'" . DC  A 1 20 ? 17.694  3.227   21.925  1.00 99.98  ?  20  DC  A "C3'" 1 
ATOM   398 O  "O3'" . DC  A 1 20 ? 17.129  4.143   22.839  1.00 104.47 ?  20  DC  A "O3'" 1 
ATOM   399 C  "C2'" . DC  A 1 20 ? 17.766  1.828   22.531  1.00 94.38  ?  20  DC  A "C2'" 1 
ATOM   400 C  "C1'" . DC  A 1 20 ? 16.309  1.398   22.414  1.00 93.85  ?  20  DC  A "C1'" 1 
ATOM   401 N  N1    . DC  A 1 20 ? 16.112  -0.073  22.317  1.00 88.98  ?  20  DC  A N1    1 
ATOM   402 C  C2    . DC  A 1 20 ? 14.890  -0.627  22.717  1.00 88.15  ?  20  DC  A C2    1 
ATOM   403 O  O2    . DC  A 1 20 ? 14.008  0.122   23.166  1.00 90.81  ?  20  DC  A O2    1 
ATOM   404 N  N3    . DC  A 1 20 ? 14.710  -1.970  22.609  1.00 83.14  ?  20  DC  A N3    1 
ATOM   405 C  C4    . DC  A 1 20 ? 15.687  -2.738  22.114  1.00 82.28  ?  20  DC  A C4    1 
ATOM   406 N  N4    . DC  A 1 20 ? 15.465  -4.053  22.024  1.00 75.79  ?  20  DC  A N4    1 
ATOM   407 C  C5    . DC  A 1 20 ? 16.937  -2.187  21.694  1.00 82.62  ?  20  DC  A C5    1 
ATOM   408 C  C6    . DC  A 1 20 ? 17.104  -0.862  21.808  1.00 84.67  ?  20  DC  A C6    1 
ATOM   409 P  P     . DA  A 1 21 ? 18.062  4.966   23.850  1.00 113.32 ?  21  DA  A P     1 
ATOM   410 O  OP1   . DA  A 1 21 ? 18.447  6.227   23.172  1.00 116.73 ?  21  DA  A OP1   1 
ATOM   411 O  OP2   . DA  A 1 21 ? 19.113  4.032   24.331  1.00 105.79 -1 21  DA  A OP2   1 
ATOM   412 O  "O5'" . DA  A 1 21 ? 17.072  5.327   25.056  1.00 110.01 ?  21  DA  A "O5'" 1 
ATOM   413 C  "C5'" . DA  A 1 21 ? 15.750  5.808   24.775  1.00 111.70 ?  21  DA  A "C5'" 1 
ATOM   414 C  "C4'" . DA  A 1 21 ? 14.781  5.464   25.900  1.00 114.16 ?  21  DA  A "C4'" 1 
ATOM   415 O  "O4'" . DA  A 1 21 ? 14.502  4.038   25.899  1.00 109.12 ?  21  DA  A "O4'" 1 
ATOM   416 C  "C3'" . DA  A 1 21 ? 15.271  5.794   27.303  1.00 115.58 ?  21  DA  A "C3'" 1 
ATOM   417 O  "O3'" . DA  A 1 21 ? 14.171  6.175   28.131  1.00 115.48 ?  21  DA  A "O3'" 1 
ATOM   418 C  "C2'" . DA  A 1 21 ? 15.907  4.479   27.763  1.00 111.86 ?  21  DA  A "C2'" 1 
ATOM   419 C  "C1'" . DA  A 1 21 ? 15.065  3.422   27.043  1.00 105.81 ?  21  DA  A "C1'" 1 
ATOM   420 N  N9    . DA  A 1 21 ? 15.833  2.255   26.600  1.00 101.12 ?  21  DA  A N9    1 
ATOM   421 C  C8    . DA  A 1 21 ? 17.123  2.231   26.136  1.00 100.74 ?  21  DA  A C8    1 
ATOM   422 N  N7    . DA  A 1 21 ? 17.548  1.030   25.803  1.00 95.94  ?  21  DA  A N7    1 
ATOM   423 C  C5    . DA  A 1 21 ? 16.459  0.212   26.064  1.00 97.86  ?  21  DA  A C5    1 
ATOM   424 C  C6    . DA  A 1 21 ? 16.255  -1.180  25.921  1.00 94.01  ?  21  DA  A C6    1 
ATOM   425 N  N6    . DA  A 1 21 ? 17.188  -2.026  25.459  1.00 89.58  ?  21  DA  A N6    1 
ATOM   426 N  N1    . DA  A 1 21 ? 15.047  -1.671  26.274  1.00 94.20  ?  21  DA  A N1    1 
ATOM   427 C  C2    . DA  A 1 21 ? 14.114  -0.826  26.736  1.00 96.63  ?  21  DA  A C2    1 
ATOM   428 N  N3    . DA  A 1 21 ? 14.185  0.491   26.911  1.00 100.60 ?  21  DA  A N3    1 
ATOM   429 C  C4    . DA  A 1 21 ? 15.394  0.953   26.553  1.00 101.51 ?  21  DA  A C4    1 
ATOM   430 P  P     . DC  B 2 1  ? 11.511  3.965   3.498   1.00 79.49  ?  0   DC  B P     1 
ATOM   431 O  OP1   . DC  B 2 1  ? 12.222  3.943   4.780   1.00 64.05  ?  0   DC  B OP1   1 
ATOM   432 O  OP2   . DC  B 2 1  ? 11.971  3.071   2.413   1.00 92.92  -1 0   DC  B OP2   1 
ATOM   433 O  "O5'" . DC  B 2 1  ? 9.977   3.642   3.799   1.00 67.55  ?  0   DC  B "O5'" 1 
ATOM   434 C  "C5'" . DC  B 2 1  ? 9.640   2.718   4.839   1.00 75.76  ?  0   DC  B "C5'" 1 
ATOM   435 C  "C4'" . DC  B 2 1  ? 10.515  1.455   4.808   1.00 67.36  ?  0   DC  B "C4'" 1 
ATOM   436 O  "O4'" . DC  B 2 1  ? 10.669  0.937   6.151   1.00 57.99  ?  0   DC  B "O4'" 1 
ATOM   437 C  "C3'" . DC  B 2 1  ? 9.980   0.306   3.956   1.00 70.35  ?  0   DC  B "C3'" 1 
ATOM   438 O  "O3'" . DC  B 2 1  ? 10.922  -0.027  2.954   1.00 75.35  ?  0   DC  B "O3'" 1 
ATOM   439 C  "C2'" . DC  B 2 1  ? 9.771   -0.866  4.930   1.00 64.76  ?  0   DC  B "C2'" 1 
ATOM   440 C  "C1'" . DC  B 2 1  ? 9.914   -0.243  6.308   1.00 60.34  ?  0   DC  B "C1'" 1 
ATOM   441 N  N1    . DC  B 2 1  ? 8.606   0.090   7.007   1.00 58.29  ?  0   DC  B N1    1 
ATOM   442 C  C2    . DC  B 2 1  ? 7.664   -0.920  7.288   1.00 58.07  ?  0   DC  B C2    1 
ATOM   443 O  O2    . DC  B 2 1  ? 7.889   -2.084  6.941   1.00 57.22  ?  0   DC  B O2    1 
ATOM   444 N  N3    . DC  B 2 1  ? 6.508   -0.577  7.934   1.00 54.78  ?  0   DC  B N3    1 
ATOM   445 C  C4    . DC  B 2 1  ? 6.295   0.689   8.298   1.00 55.83  ?  0   DC  B C4    1 
ATOM   446 N  N4    . DC  B 2 1  ? 5.154   0.985   8.930   1.00 54.83  ?  0   DC  B N4    1 
ATOM   447 C  C5    . DC  B 2 1  ? 7.242   1.715   8.029   1.00 61.33  ?  0   DC  B C5    1 
ATOM   448 C  C6    . DC  B 2 1  ? 8.370   1.372   7.406   1.00 59.83  ?  0   DC  B C6    1 
ATOM   449 P  P     . DC  B 2 2  ? 10.420  -0.527  1.508   1.00 81.91  ?  1   DC  B P     1 
ATOM   450 O  OP1   . DC  B 2 2  ? 11.591  -1.127  0.827   1.00 79.85  ?  1   DC  B OP1   1 
ATOM   451 O  OP2   . DC  B 2 2  ? 9.659   0.573   0.872   1.00 82.70  -1 1   DC  B OP2   1 
ATOM   452 O  "O5'" . DC  B 2 2  ? 9.361   -1.672  1.837   1.00 69.03  ?  1   DC  B "O5'" 1 
ATOM   453 C  "C5'" . DC  B 2 2  ? 9.802   -2.952  2.256   1.00 76.05  ?  1   DC  B "C5'" 1 
ATOM   454 C  "C4'" . DC  B 2 2  ? 8.635   -3.909  2.270   1.00 79.63  ?  1   DC  B "C4'" 1 
ATOM   455 O  "O4'" . DC  B 2 2  ? 7.741   -3.560  3.361   1.00 75.27  ?  1   DC  B "O4'" 1 
ATOM   456 C  "C3'" . DC  B 2 2  ? 7.793   -3.860  1.001   1.00 75.97  ?  1   DC  B "C3'" 1 
ATOM   457 O  "O3'" . DC  B 2 2  ? 7.402   -5.144  0.625   1.00 79.62  ?  1   DC  B "O3'" 1 
ATOM   458 C  "C2'" . DC  B 2 2  ? 6.594   -3.017  1.399   1.00 74.59  ?  1   DC  B "C2'" 1 
ATOM   459 C  "C1'" . DC  B 2 2  ? 6.437   -3.373  2.865   1.00 70.12  ?  1   DC  B "C1'" 1 
ATOM   460 N  N1    . DC  B 2 2  ? 5.798   -2.294  3.639   1.00 67.10  ?  1   DC  B N1    1 
ATOM   461 C  C2    . DC  B 2 2  ? 4.702   -2.583  4.460   1.00 66.68  ?  1   DC  B C2    1 
ATOM   462 O  O2    . DC  B 2 2  ? 4.298   -3.754  4.535   1.00 67.80  ?  1   DC  B O2    1 
ATOM   463 N  N3    . DC  B 2 2  ? 4.123   -1.569  5.154   1.00 63.20  ?  1   DC  B N3    1 
ATOM   464 C  C4    . DC  B 2 2  ? 4.602   -0.322  5.040   1.00 61.01  ?  1   DC  B C4    1 
ATOM   465 N  N4    . DC  B 2 2  ? 4.006   0.649   5.739   1.00 58.35  ?  1   DC  B N4    1 
ATOM   466 C  C5    . DC  B 2 2  ? 5.712   -0.014  4.201   1.00 58.78  ?  1   DC  B C5    1 
ATOM   467 C  C6    . DC  B 2 2  ? 6.272   -1.019  3.526   1.00 64.01  ?  1   DC  B C6    1 
ATOM   468 P  P     . DG  B 2 3  ? 6.911   -5.400  -0.880  1.00 89.43  ?  2   DG  B P     1 
ATOM   469 O  OP1   . DG  B 2 3  ? 8.023   -6.102  -1.570  1.00 91.36  ?  2   DG  B OP1   1 
ATOM   470 O  OP2   . DG  B 2 3  ? 6.363   -4.129  -1.409  1.00 80.91  -1 2   DG  B OP2   1 
ATOM   471 O  "O5'" . DG  B 2 3  ? 5.670   -6.385  -0.716  1.00 84.73  ?  2   DG  B "O5'" 1 
ATOM   472 C  "C5'" . DG  B 2 3  ? 5.491   -7.108  0.479   1.00 79.01  ?  2   DG  B "C5'" 1 
ATOM   473 C  "C4'" . DG  B 2 3  ? 4.027   -7.142  0.824   1.00 79.99  ?  2   DG  B "C4'" 1 
ATOM   474 O  "O4'" . DG  B 2 3  ? 3.693   -5.980  1.625   1.00 81.53  ?  2   DG  B "O4'" 1 
ATOM   475 C  "C3'" . DG  B 2 3  ? 3.104   -7.096  -0.393  1.00 80.63  ?  2   DG  B "C3'" 1 
ATOM   476 O  "O3'" . DG  B 2 3  ? 2.082   -8.069  -0.262  1.00 96.14  ?  2   DG  B "O3'" 1 
ATOM   477 C  "C2'" . DG  B 2 3  ? 2.538   -5.682  -0.355  1.00 76.61  ?  2   DG  B "C2'" 1 
ATOM   478 C  "C1'" . DG  B 2 3  ? 2.508   -5.420  1.133   1.00 72.83  ?  2   DG  B "C1'" 1 
ATOM   479 N  N9    . DG  B 2 3  ? 2.505   -4.014  1.449   1.00 69.77  ?  2   DG  B N9    1 
ATOM   480 C  C8    . DG  B 2 3  ? 3.313   -3.044  0.902   1.00 70.54  ?  2   DG  B C8    1 
ATOM   481 N  N7    . DG  B 2 3  ? 3.077   -1.851  1.368   1.00 66.91  ?  2   DG  B N7    1 
ATOM   482 C  C5    . DG  B 2 3  ? 2.048   -2.048  2.286   1.00 68.78  ?  2   DG  B C5    1 
ATOM   483 C  C6    . DG  B 2 3  ? 1.381   -1.115  3.104   1.00 71.02  ?  2   DG  B C6    1 
ATOM   484 O  O6    . DG  B 2 3  ? 1.569   0.105   3.184   1.00 68.66  ?  2   DG  B O6    1 
ATOM   485 N  N1    . DG  B 2 3  ? 0.400   -1.733  3.893   1.00 71.93  ?  2   DG  B N1    1 
ATOM   486 C  C2    . DG  B 2 3  ? 0.109   -3.080  3.878   1.00 70.82  ?  2   DG  B C2    1 
ATOM   487 N  N2    . DG  B 2 3  ? -0.866  -3.495  4.697   1.00 70.37  ?  2   DG  B N2    1 
ATOM   488 N  N3    . DG  B 2 3  ? 0.734   -3.962  3.106   1.00 70.55  ?  2   DG  B N3    1 
ATOM   489 C  C4    . DG  B 2 3  ? 1.690   -3.373  2.340   1.00 70.48  ?  2   DG  B C4    1 
ATOM   490 P  P     . DT  B 2 4  ? 0.923   -8.180  -1.372  1.00 103.91 ?  3   DT  B P     1 
ATOM   491 O  OP1   . DT  B 2 4  ? 0.755   -9.621  -1.685  1.00 95.76  ?  3   DT  B OP1   1 
ATOM   492 O  OP2   . DT  B 2 4  ? 1.229   -7.211  -2.456  1.00 98.82  -1 3   DT  B OP2   1 
ATOM   493 O  "O5'" . DT  B 2 4  ? -0.386  -7.671  -0.601  1.00 86.83  ?  3   DT  B "O5'" 1 
ATOM   494 C  "C5'" . DT  B 2 4  ? -0.827  -8.374  0.544   1.00 81.25  ?  3   DT  B "C5'" 1 
ATOM   495 C  "C4'" . DT  B 2 4  ? -1.928  -7.623  1.262   1.00 80.51  ?  3   DT  B "C4'" 1 
ATOM   496 O  "O4'" . DT  B 2 4  ? -1.501  -6.265  1.545   1.00 83.23  ?  3   DT  B "O4'" 1 
ATOM   497 C  "C3'" . DT  B 2 4  ? -3.247  -7.502  0.498   1.00 68.08  ?  3   DT  B "C3'" 1 
ATOM   498 O  "O3'" . DT  B 2 4  ? -4.317  -7.791  1.384   1.00 67.84  ?  3   DT  B "O3'" 1 
ATOM   499 C  "C2'" . DT  B 2 4  ? -3.257  -6.037  0.067   1.00 67.75  ?  3   DT  B "C2'" 1 
ATOM   500 C  "C1'" . DT  B 2 4  ? -2.562  -5.397  1.251   1.00 67.28  ?  3   DT  B "C1'" 1 
ATOM   501 N  N1    . DT  B 2 4  ? -2.004  -4.050  0.993   1.00 68.74  ?  3   DT  B N1    1 
ATOM   502 C  C2    . DT  B 2 4  ? -2.528  -2.977  1.668   1.00 71.12  ?  3   DT  B C2    1 
ATOM   503 O  O2    . DT  B 2 4  ? -3.453  -3.076  2.461   1.00 70.37  ?  3   DT  B O2    1 
ATOM   504 N  N3    . DT  B 2 4  ? -1.934  -1.773  1.374   1.00 73.29  ?  3   DT  B N3    1 
ATOM   505 C  C4    . DT  B 2 4  ? -0.888  -1.548  0.494   1.00 73.82  ?  3   DT  B C4    1 
ATOM   506 O  O4    . DT  B 2 4  ? -0.423  -0.429  0.292   1.00 77.18  ?  3   DT  B O4    1 
ATOM   507 C  C5    . DT  B 2 4  ? -0.383  -2.721  -0.174  1.00 71.62  ?  3   DT  B C5    1 
ATOM   508 C  C7    . DT  B 2 4  ? 0.751   -2.596  -1.151  1.00 73.53  ?  3   DT  B C7    1 
ATOM   509 C  C6    . DT  B 2 4  ? -0.953  -3.903  0.108   1.00 71.73  ?  3   DT  B C6    1 
ATOM   510 P  P     . DC  B 2 5  ? -5.766  -8.191  0.824   1.00 71.28  ?  4   DC  B P     1 
ATOM   511 O  OP1   . DC  B 2 5  ? -6.052  -9.565  1.296   1.00 73.01  ?  4   DC  B OP1   1 
ATOM   512 O  OP2   . DC  B 2 5  ? -5.824  -7.874  -0.625  1.00 80.40  -1 4   DC  B OP2   1 
ATOM   513 O  "O5'" . DC  B 2 5  ? -6.748  -7.185  1.577   1.00 64.28  ?  4   DC  B "O5'" 1 
ATOM   514 C  "C5'" . DC  B 2 5  ? -6.233  -5.996  2.144   1.00 67.15  ?  4   DC  B "C5'" 1 
ATOM   515 C  "C4'" . DC  B 2 5  ? -7.354  -5.021  2.409   1.00 66.66  ?  4   DC  B "C4'" 1 
ATOM   516 O  "O4'" . DC  B 2 5  ? -6.876  -3.673  2.161   1.00 70.95  ?  4   DC  B "O4'" 1 
ATOM   517 C  "C3'" . DC  B 2 5  ? -8.523  -5.164  1.466   1.00 62.24  ?  4   DC  B "C3'" 1 
ATOM   518 O  "O3'" . DC  B 2 5  ? -9.622  -4.421  1.981   1.00 72.83  ?  4   DC  B "O3'" 1 
ATOM   519 C  "C2'" . DC  B 2 5  ? -7.944  -4.485  0.237   1.00 69.13  ?  4   DC  B "C2'" 1 
ATOM   520 C  "C1'" . DC  B 2 5  ? -7.343  -3.244  0.888   1.00 70.67  ?  4   DC  B "C1'" 1 
ATOM   521 N  N1    . DC  B 2 5  ? -6.189  -2.638  0.144   1.00 69.86  ?  4   DC  B N1    1 
ATOM   522 C  C2    . DC  B 2 5  ? -5.913  -1.272  0.297   1.00 69.87  ?  4   DC  B C2    1 
ATOM   523 O  O2    . DC  B 2 5  ? -6.648  -0.597  1.033   1.00 70.23  ?  4   DC  B O2    1 
ATOM   524 N  N3    . DC  B 2 5  ? -4.863  -0.736  -0.362  1.00 72.51  ?  4   DC  B N3    1 
ATOM   525 C  C4    . DC  B 2 5  ? -4.101  -1.506  -1.144  1.00 73.36  ?  4   DC  B C4    1 
ATOM   526 N  N4    . DC  B 2 5  ? -3.069  -0.933  -1.775  1.00 76.19  ?  4   DC  B N4    1 
ATOM   527 C  C5    . DC  B 2 5  ? -4.363  -2.897  -1.310  1.00 69.93  ?  4   DC  B C5    1 
ATOM   528 C  C6    . DC  B 2 5  ? -5.405  -3.415  -0.653  1.00 68.51  ?  4   DC  B C6    1 
ATOM   529 P  P     . DA  B 2 6  ? -11.089 -5.075  2.102   1.00 76.01  ?  5   DA  B P     1 
ATOM   530 O  OP1   . DA  B 2 6  ? -11.937 -4.208  2.969   1.00 59.94  ?  5   DA  B OP1   1 
ATOM   531 O  OP2   . DA  B 2 6  ? -10.874 -6.498  2.428   1.00 69.09  -1 5   DA  B OP2   1 
ATOM   532 O  "O5'" . DA  B 2 6  ? -11.652 -5.049  0.613   1.00 69.40  ?  5   DA  B "O5'" 1 
ATOM   533 C  "C5'" . DA  B 2 6  ? -11.309 -3.983  -0.248  1.00 70.91  ?  5   DA  B "C5'" 1 
ATOM   534 C  "C4'" . DA  B 2 6  ? -11.650 -2.659  0.396   1.00 70.01  ?  5   DA  B "C4'" 1 
ATOM   535 O  "O4'" . DA  B 2 6  ? -10.539 -1.737  0.270   1.00 70.48  ?  5   DA  B "O4'" 1 
ATOM   536 C  "C3'" . DA  B 2 6  ? -12.792 -1.948  -0.249  1.00 67.51  ?  5   DA  B "C3'" 1 
ATOM   537 O  "O3'" . DA  B 2 6  ? -13.299 -1.009  0.665   1.00 59.66  ?  5   DA  B "O3'" 1 
ATOM   538 C  "C2'" . DA  B 2 6  ? -12.098 -1.282  -1.451  1.00 63.84  ?  5   DA  B "C2'" 1 
ATOM   539 C  "C1'" . DA  B 2 6  ? -10.732 -0.906  -0.870  1.00 65.38  ?  5   DA  B "C1'" 1 
ATOM   540 N  N9    . DA  B 2 6  ? -9.597  -1.126  -1.774  1.00 64.42  ?  5   DA  B N9    1 
ATOM   541 C  C8    . DA  B 2 6  ? -9.262  -2.292  -2.412  1.00 67.82  ?  5   DA  B C8    1 
ATOM   542 N  N7    . DA  B 2 6  ? -8.167  -2.212  -3.132  1.00 65.44  ?  5   DA  B N7    1 
ATOM   543 C  C5    . DA  B 2 6  ? -7.740  -0.908  -2.941  1.00 66.57  ?  5   DA  B C5    1 
ATOM   544 C  C6    . DA  B 2 6  ? -6.631  -0.191  -3.429  1.00 63.93  ?  5   DA  B C6    1 
ATOM   545 N  N6    . DA  B 2 6  ? -5.714  -0.717  -4.246  1.00 65.68  ?  5   DA  B N6    1 
ATOM   546 N  N1    . DA  B 2 6  ? -6.502  1.095   -3.050  1.00 67.94  ?  5   DA  B N1    1 
ATOM   547 C  C2    . DA  B 2 6  ? -7.419  1.623   -2.229  1.00 67.21  ?  5   DA  B C2    1 
ATOM   548 N  N3    . DA  B 2 6  ? -8.498  1.050   -1.702  1.00 67.85  ?  5   DA  B N3    1 
ATOM   549 C  C4    . DA  B 2 6  ? -8.605  -0.226  -2.102  1.00 66.33  ?  5   DA  B C4    1 
ATOM   550 O  "O5'" . DT  C 3 1  ? 23.171  -12.287 28.680  1.00 128.58 ?  1   DT  C "O5'" 1 
ATOM   551 C  "C5'" . DT  C 3 1  ? 21.948  -12.211 27.951  1.00 127.79 ?  1   DT  C "C5'" 1 
ATOM   552 C  "C4'" . DT  C 3 1  ? 20.759  -12.313 28.888  1.00 126.06 ?  1   DT  C "C4'" 1 
ATOM   553 O  "O4'" . DT  C 3 1  ? 21.009  -11.512 30.071  1.00 124.44 ?  1   DT  C "O4'" 1 
ATOM   554 C  "C3'" . DT  C 3 1  ? 19.448  -11.791 28.319  1.00 123.55 ?  1   DT  C "C3'" 1 
ATOM   555 O  "O3'" . DT  C 3 1  ? 18.767  -12.843 27.596  1.00 128.12 ?  1   DT  C "O3'" 1 
ATOM   556 C  "C2'" . DT  C 3 1  ? 18.701  -11.347 29.571  1.00 122.38 ?  1   DT  C "C2'" 1 
ATOM   557 C  "C1'" . DT  C 3 1  ? 19.830  -10.823 30.451  1.00 122.82 ?  1   DT  C "C1'" 1 
ATOM   558 N  N1    . DT  C 3 1  ? 20.070  -9.362  30.303  1.00 123.13 ?  1   DT  C N1    1 
ATOM   559 C  C2    . DT  C 3 1  ? 19.107  -8.470  30.727  1.00 123.48 ?  1   DT  C C2    1 
ATOM   560 O  O2    . DT  C 3 1  ? 18.045  -8.811  31.226  1.00 122.16 ?  1   DT  C O2    1 
ATOM   561 N  N3    . DT  C 3 1  ? 19.435  -7.151  30.549  1.00 121.66 ?  1   DT  C N3    1 
ATOM   562 C  C4    . DT  C 3 1  ? 20.601  -6.644  30.001  1.00 120.41 ?  1   DT  C C4    1 
ATOM   563 O  O4    . DT  C 3 1  ? 20.802  -5.439  29.884  1.00 119.18 ?  1   DT  C O4    1 
ATOM   564 C  C5    . DT  C 3 1  ? 21.566  -7.635  29.578  1.00 121.13 ?  1   DT  C C5    1 
ATOM   565 C  C7    . DT  C 3 1  ? 22.869  -7.209  28.970  1.00 120.71 ?  1   DT  C C7    1 
ATOM   566 C  C6    . DT  C 3 1  ? 21.258  -8.928  29.749  1.00 121.85 ?  1   DT  C C6    1 
ATOM   567 P  P     . DC  C 3 2  ? 17.590  -13.725 28.263  1.00 135.09 ?  2   DC  C P     1 
ATOM   568 O  OP1   . DC  C 3 2  ? 18.004  -14.200 29.605  1.00 133.46 ?  2   DC  C OP1   1 
ATOM   569 O  OP2   . DC  C 3 2  ? 17.201  -14.739 27.255  1.00 136.02 -1 2   DC  C OP2   1 
ATOM   570 O  "O5'" . DC  C 3 2  ? 16.358  -12.713 28.390  1.00 122.76 ?  2   DC  C "O5'" 1 
ATOM   571 C  "C5'" . DC  C 3 2  ? 15.246  -13.063 29.178  1.00 122.24 ?  2   DC  C "C5'" 1 
ATOM   572 C  "C4'" . DC  C 3 2  ? 14.482  -11.827 29.606  1.00 122.57 ?  2   DC  C "C4'" 1 
ATOM   573 O  "O4'" . DC  C 3 2  ? 15.377  -10.688 29.697  1.00 119.98 ?  2   DC  C "O4'" 1 
ATOM   574 C  "C3'" . DC  C 3 2  ? 13.355  -11.400 28.666  1.00 124.63 ?  2   DC  C "C3'" 1 
ATOM   575 O  "O3'" . DC  C 3 2  ? 12.205  -11.140 29.435  1.00 129.70 ?  2   DC  C "O3'" 1 
ATOM   576 C  "C2'" . DC  C 3 2  ? 13.896  -10.121 28.017  1.00 121.55 ?  2   DC  C "C2'" 1 
ATOM   577 C  "C1'" . DC  C 3 2  ? 14.722  -9.565  29.157  1.00 119.36 ?  2   DC  C "C1'" 1 
ATOM   578 N  N1    . DC  C 3 2  ? 15.753  -8.566  28.756  1.00 115.82 ?  2   DC  C N1    1 
ATOM   579 C  C2    . DC  C 3 2  ? 15.619  -7.229  29.159  1.00 115.01 ?  2   DC  C C2    1 
ATOM   580 O  O2    . DC  C 3 2  ? 14.628  -6.891  29.822  1.00 115.46 ?  2   DC  C O2    1 
ATOM   581 N  N3    . DC  C 3 2  ? 16.579  -6.338  28.802  1.00 115.18 ?  2   DC  C N3    1 
ATOM   582 C  C4    . DC  C 3 2  ? 17.632  -6.740  28.085  1.00 117.03 ?  2   DC  C C4    1 
ATOM   583 N  N4    . DC  C 3 2  ? 18.554  -5.828  27.757  1.00 115.07 ?  2   DC  C N4    1 
ATOM   584 C  C5    . DC  C 3 2  ? 17.788  -8.099  27.675  1.00 118.47 ?  2   DC  C C5    1 
ATOM   585 C  C6    . DC  C 3 2  ? 16.835  -8.966  28.031  1.00 117.96 ?  2   DC  C C6    1 
ATOM   586 P  P     . DT  C 3 3  ? 10.745  -11.407 28.829  1.00 138.13 ?  3   DT  C P     1 
ATOM   587 O  OP1   . DT  C 3 3  ? 9.891   -11.930 29.920  1.00 143.95 ?  3   DT  C OP1   1 
ATOM   588 O  OP2   . DT  C 3 3  ? 10.915  -12.180 27.576  1.00 133.32 -1 3   DT  C OP2   1 
ATOM   589 O  "O5'" . DT  C 3 3  ? 10.230  -9.943  28.457  1.00 130.64 ?  3   DT  C "O5'" 1 
ATOM   590 C  "C5'" . DT  C 3 3  ? 10.461  -8.863  29.354  1.00 126.59 ?  3   DT  C "C5'" 1 
ATOM   591 C  "C4'" . DT  C 3 3  ? 10.077  -7.556  28.702  1.00 123.29 ?  3   DT  C "C4'" 1 
ATOM   592 O  "O4'" . DT  C 3 3  ? 11.268  -6.761  28.446  1.00 119.82 ?  3   DT  C "O4'" 1 
ATOM   593 C  "C3'" . DT  C 3 3  ? 9.377   -7.715  27.347  1.00 122.10 ?  3   DT  C "C3'" 1 
ATOM   594 O  "O3'" . DT  C 3 3  ? 8.258   -6.835  27.278  1.00 120.88 ?  3   DT  C "O3'" 1 
ATOM   595 C  "C2'" . DT  C 3 3  ? 10.473  -7.330  26.350  1.00 113.85 ?  3   DT  C "C2'" 1 
ATOM   596 C  "C1'" . DT  C 3 3  ? 11.183  -6.247  27.137  1.00 113.34 ?  3   DT  C "C1'" 1 
ATOM   597 N  N1    . DT  C 3 3  ? 12.561  -5.898  26.641  1.00 109.54 ?  3   DT  C N1    1 
ATOM   598 C  C2    . DT  C 3 3  ? 13.036  -4.618  26.845  1.00 107.36 ?  3   DT  C C2    1 
ATOM   599 O  O2    . DT  C 3 3  ? 12.394  -3.747  27.413  1.00 106.87 ?  3   DT  C O2    1 
ATOM   600 N  N3    . DT  C 3 3  ? 14.301  -4.389  26.367  1.00 103.78 ?  3   DT  C N3    1 
ATOM   601 C  C4    . DT  C 3 3  ? 15.124  -5.288  25.714  1.00 106.00 ?  3   DT  C C4    1 
ATOM   602 O  O4    . DT  C 3 3  ? 16.250  -4.978  25.321  1.00 103.84 ?  3   DT  C O4    1 
ATOM   603 C  C5    . DT  C 3 3  ? 14.564  -6.615  25.526  1.00 107.10 ?  3   DT  C C5    1 
ATOM   604 C  C7    . DT  C 3 3  ? 15.362  -7.679  24.831  1.00 108.01 ?  3   DT  C C7    1 
ATOM   605 C  C6    . DT  C 3 3  ? 13.323  -6.854  25.992  1.00 107.08 ?  3   DT  C C6    1 
ATOM   606 P  P     . DG  C 3 4  ? 6.799   -7.350  27.717  1.00 125.06 ?  4   DG  C P     1 
ATOM   607 O  OP1   . DG  C 3 4  ? 6.817   -7.572  29.184  1.00 126.14 ?  4   DG  C OP1   1 
ATOM   608 O  OP2   . DG  C 3 4  ? 6.448   -8.453  26.788  1.00 115.10 -1 4   DG  C OP2   1 
ATOM   609 O  "O5'" . DG  C 3 4  ? 5.837   -6.105  27.416  1.00 118.13 ?  4   DG  C "O5'" 1 
ATOM   610 C  "C5'" . DG  C 3 4  ? 6.027   -4.863  28.104  1.00 118.48 ?  4   DG  C "C5'" 1 
ATOM   611 C  "C4'" . DG  C 3 4  ? 6.204   -3.705  27.126  1.00 115.21 ?  4   DG  C "C4'" 1 
ATOM   612 O  "O4'" . DG  C 3 4  ? 7.556   -3.726  26.577  1.00 113.25 ?  4   DG  C "O4'" 1 
ATOM   613 C  "C3'" . DG  C 3 4  ? 5.271   -3.717  25.900  1.00 114.64 ?  4   DG  C "C3'" 1 
ATOM   614 O  "O3'" . DG  C 3 4  ? 5.036   -2.378  25.466  1.00 117.68 ?  4   DG  C "O3'" 1 
ATOM   615 C  "C2'" . DG  C 3 4  ? 6.143   -4.428  24.877  1.00 109.01 ?  4   DG  C "C2'" 1 
ATOM   616 C  "C1'" . DG  C 3 4  ? 7.451   -3.715  25.169  1.00 107.25 ?  4   DG  C "C1'" 1 
ATOM   617 N  N9    . DG  C 3 4  ? 8.637   -4.320  24.561  1.00 102.70 ?  4   DG  C N9    1 
ATOM   618 C  C8    . DG  C 3 4  ? 8.763   -5.597  24.059  1.00 103.00 ?  4   DG  C C8    1 
ATOM   619 N  N7    . DG  C 3 4  ? 9.942   -5.843  23.551  1.00 98.72  ?  4   DG  C N7    1 
ATOM   620 C  C5    . DG  C 3 4  ? 10.640  -4.648  23.719  1.00 99.41  ?  4   DG  C C5    1 
ATOM   621 C  C6    . DG  C 3 4  ? 11.971  -4.307  23.363  1.00 94.15  ?  4   DG  C C6    1 
ATOM   622 O  O6    . DG  C 3 4  ? 12.825  -5.016  22.814  1.00 95.71  ?  4   DG  C O6    1 
ATOM   623 N  N1    . DG  C 3 4  ? 12.276  -2.992  23.710  1.00 87.45  ?  4   DG  C N1    1 
ATOM   624 C  C2    . DG  C 3 4  ? 11.408  -2.113  24.321  1.00 92.20  ?  4   DG  C C2    1 
ATOM   625 N  N2    . DG  C 3 4  ? 11.884  -0.886  24.573  1.00 95.07  ?  4   DG  C N2    1 
ATOM   626 N  N3    . DG  C 3 4  ? 10.161  -2.417  24.660  1.00 92.35  ?  4   DG  C N3    1 
ATOM   627 C  C4    . DG  C 3 4  ? 9.846   -3.699  24.330  1.00 99.12  ?  4   DG  C C4    1 
ATOM   628 P  P     . DA  C 3 5  ? 3.686   -1.578  25.824  1.00 126.46 ?  5   DA  C P     1 
ATOM   629 O  OP1   . DA  C 3 5  ? 3.457   -1.695  27.284  1.00 126.54 ?  5   DA  C OP1   1 
ATOM   630 O  OP2   . DA  C 3 5  ? 2.628   -1.984  24.863  1.00 117.80 -1 5   DA  C OP2   1 
ATOM   631 O  "O5'" . DA  C 3 5  ? 4.086   -0.055  25.509  1.00 120.23 ?  5   DA  C "O5'" 1 
ATOM   632 C  "C5'" . DA  C 3 5  ? 5.271   0.507   26.104  1.00 116.56 ?  5   DA  C "C5'" 1 
ATOM   633 C  "C4'" . DA  C 3 5  ? 6.145   1.205   25.067  1.00 108.64 ?  5   DA  C "C4'" 1 
ATOM   634 O  "O4'" . DA  C 3 5  ? 7.095   0.272   24.482  1.00 106.60 ?  5   DA  C "O4'" 1 
ATOM   635 C  "C3'" . DA  C 3 5  ? 5.396   1.838   23.895  1.00 105.44 ?  5   DA  C "C3'" 1 
ATOM   636 O  "O3'" . DA  C 3 5  ? 5.854   3.158   23.713  1.00 106.57 ?  5   DA  C "O3'" 1 
ATOM   637 C  "C2'" . DA  C 3 5  ? 5.764   0.946   22.702  1.00 101.30 ?  5   DA  C "C2'" 1 
ATOM   638 C  "C1'" . DA  C 3 5  ? 7.158   0.493   23.092  1.00 99.07  ?  5   DA  C "C1'" 1 
ATOM   639 N  N9    . DA  C 3 5  ? 7.597   -0.745  22.441  1.00 94.12  ?  5   DA  C N9    1 
ATOM   640 C  C8    . DA  C 3 5  ? 6.886   -1.909  22.295  1.00 95.84  ?  5   DA  C C8    1 
ATOM   641 N  N7    . DA  C 3 5  ? 7.549   -2.865  21.674  1.00 90.14  ?  5   DA  C N7    1 
ATOM   642 C  C5    . DA  C 3 5  ? 8.781   -2.289  21.398  1.00 89.02  ?  5   DA  C C5    1 
ATOM   643 C  C6    . DA  C 3 5  ? 9.940   -2.779  20.755  1.00 83.64  ?  5   DA  C C6    1 
ATOM   644 N  N6    . DA  C 3 5  ? 10.041  -4.017  20.251  1.00 82.51  ?  5   DA  C N6    1 
ATOM   645 N  N1    . DA  C 3 5  ? 10.995  -1.939  20.648  1.00 79.30  ?  5   DA  C N1    1 
ATOM   646 C  C2    . DA  C 3 5  ? 10.888  -0.699  21.149  1.00 82.39  ?  5   DA  C C2    1 
ATOM   647 N  N3    . DA  C 3 5  ? 9.857   -0.129  21.771  1.00 84.96  ?  5   DA  C N3    1 
ATOM   648 C  C4    . DA  C 3 5  ? 8.826   -0.983  21.865  1.00 89.72  ?  5   DA  C C4    1 
ATOM   649 P  P     . DG  C 3 6  ? 5.284   4.043   22.507  1.00 109.59 ?  6   DG  C P     1 
ATOM   650 O  OP1   . DG  C 3 6  ? 5.038   5.403   23.048  1.00 105.36 ?  6   DG  C OP1   1 
ATOM   651 O  OP2   . DG  C 3 6  ? 4.183   3.273   21.879  1.00 103.49 -1 6   DG  C OP2   1 
ATOM   652 O  "O5'" . DG  C 3 6  ? 6.506   4.106   21.476  1.00 92.02  ?  6   DG  C "O5'" 1 
ATOM   653 C  "C5'" . DG  C 3 6  ? 7.709   4.750   21.858  1.00 87.38  ?  6   DG  C "C5'" 1 
ATOM   654 C  "C4'" . DG  C 3 6  ? 8.756   4.605   20.778  1.00 84.52  ?  6   DG  C "C4'" 1 
ATOM   655 O  "O4'" . DG  C 3 6  ? 9.021   3.199   20.548  1.00 85.78  ?  6   DG  C "O4'" 1 
ATOM   656 C  "C3'" . DG  C 3 6  ? 8.358   5.196   19.428  1.00 82.19  ?  6   DG  C "C3'" 1 
ATOM   657 O  "O3'" . DG  C 3 6  ? 9.389   6.050   18.953  1.00 82.34  ?  6   DG  C "O3'" 1 
ATOM   658 C  "C2'" . DG  C 3 6  ? 8.170   3.971   18.528  1.00 74.90  ?  6   DG  C "C2'" 1 
ATOM   659 C  "C1'" . DG  C 3 6  ? 9.112   2.965   19.166  1.00 76.21  ?  6   DG  C "C1'" 1 
ATOM   660 N  N9    . DG  C 3 6  ? 8.734   1.579   18.908  1.00 74.01  ?  6   DG  C N9    1 
ATOM   661 C  C8    . DG  C 3 6  ? 7.558   0.965   19.267  1.00 76.01  ?  6   DG  C C8    1 
ATOM   662 N  N7    . DG  C 3 6  ? 7.489   -0.284  18.897  1.00 74.92  ?  6   DG  C N7    1 
ATOM   663 C  C5    . DG  C 3 6  ? 8.700   -0.520  18.257  1.00 71.52  ?  6   DG  C C5    1 
ATOM   664 C  C6    . DG  C 3 6  ? 9.197   -1.703  17.648  1.00 71.77  ?  6   DG  C C6    1 
ATOM   665 O  O6    . DG  C 3 6  ? 8.647   -2.814  17.554  1.00 67.73  ?  6   DG  C O6    1 
ATOM   666 N  N1    . DG  C 3 6  ? 10.471  -1.509  17.113  1.00 70.30  ?  6   DG  C N1    1 
ATOM   667 C  C2    . DG  C 3 6  ? 11.174  -0.323  17.157  1.00 69.20  ?  6   DG  C C2    1 
ATOM   668 N  N2    . DG  C 3 6  ? 12.387  -0.327  16.584  1.00 68.00  ?  6   DG  C N2    1 
ATOM   669 N  N3    . DG  C 3 6  ? 10.717  0.795   17.727  1.00 67.13  ?  6   DG  C N3    1 
ATOM   670 C  C4    . DG  C 3 6  ? 9.478   0.621   18.254  1.00 70.11  ?  6   DG  C C4    1 
ATOM   671 P  P     . DT  C 3 7  ? 9.274   6.697   17.488  1.00 82.75  ?  7   DT  C P     1 
ATOM   672 O  OP1   . DT  C 3 7  ? 10.018  7.981   17.461  1.00 81.46  ?  7   DT  C OP1   1 
ATOM   673 O  OP2   . DT  C 3 7  ? 7.826   6.679   17.169  1.00 79.20  -1 7   DT  C OP2   1 
ATOM   674 O  "O5'" . DT  C 3 7  ? 10.037  5.640   16.551  1.00 70.59  ?  7   DT  C "O5'" 1 
ATOM   675 C  "C5'" . DT  C 3 7  ? 11.237  5.044   17.012  1.00 69.53  ?  7   DT  C "C5'" 1 
ATOM   676 C  "C4'" . DT  C 3 7  ? 12.107  4.585   15.860  1.00 67.07  ?  7   DT  C "C4'" 1 
ATOM   677 O  "O4'" . DT  C 3 7  ? 11.874  3.177   15.600  1.00 69.83  ?  7   DT  C "O4'" 1 
ATOM   678 C  "C3'" . DT  C 3 7  ? 11.869  5.293   14.539  1.00 62.68  ?  7   DT  C "C3'" 1 
ATOM   679 O  "O3'" . DT  C 3 7  ? 13.094  5.367   13.816  1.00 59.56  ?  7   DT  C "O3'" 1 
ATOM   680 C  "C2'" . DT  C 3 7  ? 10.863  4.374   13.852  1.00 60.80  ?  7   DT  C "C2'" 1 
ATOM   681 C  "C1'" . DT  C 3 7  ? 11.348  3.004   14.300  1.00 55.52  ?  7   DT  C "C1'" 1 
ATOM   682 N  N1    . DT  C 3 7  ? 10.271  1.998   14.392  1.00 57.51  ?  7   DT  C N1    1 
ATOM   683 C  C2    . DT  C 3 7  ? 10.463  0.749   13.845  1.00 63.04  ?  7   DT  C C2    1 
ATOM   684 O  O2    . DT  C 3 7  ? 11.485  0.420   13.266  1.00 65.44  ?  7   DT  C O2    1 
ATOM   685 N  N3    . DT  C 3 7  ? 9.408   -0.107  14.001  1.00 62.75  ?  7   DT  C N3    1 
ATOM   686 C  C4    . DT  C 3 7  ? 8.207   0.146   14.633  1.00 64.46  ?  7   DT  C C4    1 
ATOM   687 O  O4    . DT  C 3 7  ? 7.320   -0.695  14.720  1.00 71.06  ?  7   DT  C O4    1 
ATOM   688 C  C5    . DT  C 3 7  ? 8.074   1.470   15.187  1.00 61.66  ?  7   DT  C C5    1 
ATOM   689 C  C7    . DT  C 3 7  ? 6.815   1.860   15.894  1.00 65.59  ?  7   DT  C C7    1 
ATOM   690 C  C6    . DT  C 3 7  ? 9.103   2.320   15.048  1.00 62.74  ?  7   DT  C C6    1 
ATOM   691 P  P     . DT  C 3 8  ? 13.090  5.755   12.259  1.00 71.82  ?  8   DT  C P     1 
ATOM   692 O  OP1   . DT  C 3 8  ? 14.433  6.296   11.937  1.00 71.66  ?  8   DT  C OP1   1 
ATOM   693 O  OP2   . DT  C 3 8  ? 11.866  6.564   12.009  1.00 59.67  -1 8   DT  C OP2   1 
ATOM   694 O  "O5'" . DT  C 3 8  ? 12.920  4.353   11.507  1.00 61.99  ?  8   DT  C "O5'" 1 
ATOM   695 C  "C5'" . DT  C 3 8  ? 14.053  3.704   10.972  1.00 57.97  ?  8   DT  C "C5'" 1 
ATOM   696 C  "C4'" . DT  C 3 8  ? 13.664  2.411   10.268  1.00 52.14  ?  8   DT  C "C4'" 1 
ATOM   697 O  "O4'" . DT  C 3 8  ? 12.461  1.863   10.849  1.00 61.65  ?  8   DT  C "O4'" 1 
ATOM   698 C  "C3'" . DT  C 3 8  ? 13.341  2.529   8.774   1.00 46.81  ?  8   DT  C "C3'" 1 
ATOM   699 O  "O3'" . DT  C 3 8  ? 13.845  1.382   8.116   1.00 43.59  ?  8   DT  C "O3'" 1 
ATOM   700 C  "C2'" . DT  C 3 8  ? 11.827  2.517   8.763   1.00 47.08  ?  8   DT  C "C2'" 1 
ATOM   701 C  "C1'" . DT  C 3 8  ? 11.661  1.437   9.776   1.00 58.33  ?  8   DT  C "C1'" 1 
ATOM   702 N  N1    . DT  C 3 8  ? 10.307  1.200   10.232  1.00 57.15  ?  8   DT  C N1    1 
ATOM   703 C  C2    . DT  C 3 8  ? 9.783   -0.040  10.023  1.00 49.56  ?  8   DT  C C2    1 
ATOM   704 O  O2    . DT  C 3 8  ? 10.400  -0.932  9.454   1.00 44.69  ?  8   DT  C O2    1 
ATOM   705 N  N3    . DT  C 3 8  ? 8.523   -0.216  10.500  1.00 51.90  ?  8   DT  C N3    1 
ATOM   706 C  C4    . DT  C 3 8  ? 7.744   0.718   11.154  1.00 60.37  ?  8   DT  C C4    1 
ATOM   707 O  O4    . DT  C 3 8  ? 6.608   0.460   11.545  1.00 64.42  ?  8   DT  C O4    1 
ATOM   708 C  C5    . DT  C 3 8  ? 8.361   2.016   11.342  1.00 62.61  ?  8   DT  C C5    1 
ATOM   709 C  C7    . DT  C 3 8  ? 7.611   3.117   12.037  1.00 62.75  ?  8   DT  C C7    1 
ATOM   710 C  C6    . DT  C 3 8  ? 9.607   2.192   10.879  1.00 57.12  ?  8   DT  C C6    1 
ATOM   711 P  P     . DG  D 4 1  ? -13.980 -0.942  -6.279  1.00 57.46  ?  10  DG  D P     1 
ATOM   712 O  OP1   . DG  D 4 1  ? -15.450 -0.773  -6.445  1.00 51.93  ?  10  DG  D OP1   1 
ATOM   713 O  OP2   . DG  D 4 1  ? -13.283 -2.208  -6.621  1.00 52.12  -1 10  DG  D OP2   1 
ATOM   714 O  "O5'" . DG  D 4 1  ? -13.622 -0.585  -4.769  1.00 40.64  ?  10  DG  D "O5'" 1 
ATOM   715 C  "C5'" . DG  D 4 1  ? -14.247 0.544   -4.162  1.00 62.45  ?  10  DG  D "C5'" 1 
ATOM   716 C  "C4'" . DG  D 4 1  ? -13.255 1.681   -3.907  1.00 66.57  ?  10  DG  D "C4'" 1 
ATOM   717 O  "O4'" . DG  D 4 1  ? -11.956 1.153   -3.562  1.00 65.89  ?  10  DG  D "O4'" 1 
ATOM   718 C  "C3'" . DG  D 4 1  ? -12.995 2.579   -5.097  1.00 61.57  ?  10  DG  D "C3'" 1 
ATOM   719 O  "O3'" . DG  D 4 1  ? -13.973 3.578   -5.140  1.00 64.70  ?  10  DG  D "O3'" 1 
ATOM   720 C  "C2'" . DG  D 4 1  ? -11.633 3.167   -4.773  1.00 66.96  ?  10  DG  D "C2'" 1 
ATOM   721 C  "C1'" . DG  D 4 1  ? -10.951 2.037   -4.022  1.00 60.86  ?  10  DG  D "C1'" 1 
ATOM   722 N  N9    . DG  D 4 1  ? -10.000 1.287   -4.831  1.00 60.35  ?  10  DG  D N9    1 
ATOM   723 C  C8    . DG  D 4 1  ? -10.079 -0.027  -5.201  1.00 63.94  ?  10  DG  D C8    1 
ATOM   724 N  N7    . DG  D 4 1  ? -9.066  -0.428  -5.918  1.00 59.52  ?  10  DG  D N7    1 
ATOM   725 C  C5    . DG  D 4 1  ? -8.267  0.691   -6.026  1.00 65.82  ?  10  DG  D C5    1 
ATOM   726 C  C6    . DG  D 4 1  ? -7.032  0.864   -6.684  1.00 70.52  ?  10  DG  D C6    1 
ATOM   727 O  O6    . DG  D 4 1  ? -6.383  0.017   -7.324  1.00 71.45  ?  10  DG  D O6    1 
ATOM   728 N  N1    . DG  D 4 1  ? -6.550  2.166   -6.548  1.00 65.76  ?  10  DG  D N1    1 
ATOM   729 C  C2    . DG  D 4 1  ? -7.188  3.174   -5.856  1.00 69.33  ?  10  DG  D C2    1 
ATOM   730 N  N2    . DG  D 4 1  ? -6.576  4.364   -5.825  1.00 82.73  ?  10  DG  D N2    1 
ATOM   731 N  N3    . DG  D 4 1  ? -8.349  3.024   -5.234  1.00 67.28  ?  10  DG  D N3    1 
ATOM   732 C  C4    . DG  D 4 1  ? -8.825  1.763   -5.358  1.00 68.87  ?  10  DG  D C4    1 
ATOM   733 P  P     . DG  D 4 2  ? -14.557 4.057   -6.551  1.00 76.54  ?  11  DG  D P     1 
ATOM   734 O  OP1   . DG  D 4 2  ? -15.814 4.793   -6.262  1.00 74.51  ?  11  DG  D OP1   1 
ATOM   735 O  OP2   . DG  D 4 2  ? -14.551 2.876   -7.455  1.00 74.71  -1 11  DG  D OP2   1 
ATOM   736 O  "O5'" . DG  D 4 2  ? -13.432 5.048   -7.116  1.00 77.05  ?  11  DG  D "O5'" 1 
ATOM   737 C  "C5'" . DG  D 4 2  ? -12.934 6.112   -6.315  1.00 76.03  ?  11  DG  D "C5'" 1 
ATOM   738 C  "C4'" . DG  D 4 2  ? -11.577 6.533   -6.825  1.00 78.48  ?  11  DG  D "C4'" 1 
ATOM   739 O  "O4'" . DG  D 4 2  ? -10.738 5.370   -6.868  1.00 68.14  ?  11  DG  D "O4'" 1 
ATOM   740 C  "C3'" . DG  D 4 2  ? -11.587 7.063   -8.254  1.00 93.48  ?  11  DG  D "C3'" 1 
ATOM   741 O  "O3'" . DG  D 4 2  ? -11.603 8.495   -8.273  1.00 96.00  ?  11  DG  D "O3'" 1 
ATOM   742 C  "C2'" . DG  D 4 2  ? -10.298 6.515   -8.880  1.00 94.10  ?  11  DG  D "C2'" 1 
ATOM   743 C  "C1'" . DG  D 4 2  ? -9.747  5.551   -7.838  1.00 75.19  ?  11  DG  D "C1'" 1 
ATOM   744 N  N9    . DG  D 4 2  ? -9.419  4.254   -8.391  1.00 70.61  ?  11  DG  D N9    1 
ATOM   745 C  C8    . DG  D 4 2  ? -10.235 3.152   -8.466  1.00 76.28  ?  11  DG  D C8    1 
ATOM   746 N  N7    . DG  D 4 2  ? -9.662  2.119   -9.023  1.00 74.55  ?  11  DG  D N7    1 
ATOM   747 C  C5    . DG  D 4 2  ? -8.390  2.573   -9.337  1.00 71.92  ?  11  DG  D C5    1 
ATOM   748 C  C6    . DG  D 4 2  ? -7.318  1.900   -9.954  1.00 78.27  ?  11  DG  D C6    1 
ATOM   749 O  O6    . DG  D 4 2  ? -7.280  0.731   -10.358 1.00 81.59  ?  11  DG  D O6    1 
ATOM   750 N  N1    . DG  D 4 2  ? -6.203  2.727   -10.088 1.00 83.69  ?  11  DG  D N1    1 
ATOM   751 C  C2    . DG  D 4 2  ? -6.137  4.041   -9.675  1.00 86.58  ?  11  DG  D C2    1 
ATOM   752 N  N2    . DG  D 4 2  ? -4.981  4.677   -9.885  1.00 86.98  ?  11  DG  D N2    1 
ATOM   753 N  N3    . DG  D 4 2  ? -7.141  4.682   -9.092  1.00 81.63  ?  11  DG  D N3    1 
ATOM   754 C  C4    . DG  D 4 2  ? -8.229  3.887   -8.955  1.00 77.57  ?  11  DG  D C4    1 
ATOM   755 P  P     . DA  D 4 3  ? -11.952 9.262   -9.643  1.00 109.45 ?  12  DA  D P     1 
ATOM   756 O  OP1   . DA  D 4 3  ? -13.083 10.174  -9.354  1.00 106.09 ?  12  DA  D OP1   1 
ATOM   757 O  OP2   . DA  D 4 3  ? -12.079 8.230   -10.704 1.00 98.27  -1 12  DA  D OP2   1 
ATOM   758 O  "O5'" . DA  D 4 3  ? -10.644 10.143  -9.971  1.00 112.10 ?  12  DA  D "O5'" 1 
ATOM   759 C  "C5'" . DA  D 4 3  ? -9.361  9.767   -9.468  1.00 103.99 ?  12  DA  D "C5'" 1 
ATOM   760 C  "C4'" . DA  D 4 3  ? -8.390  9.437   -10.596 1.00 105.03 ?  12  DA  D "C4'" 1 
ATOM   761 O  "O4'" . DA  D 4 3  ? -8.273  7.994   -10.753 1.00 100.37 ?  12  DA  D "O4'" 1 
ATOM   762 C  "C3'" . DA  D 4 3  ? -8.760  9.984   -11.982 1.00 107.73 ?  12  DA  D "C3'" 1 
ATOM   763 O  "O3'" . DA  D 4 3  ? -7.596  10.526  -12.603 1.00 115.81 ?  12  DA  D "O3'" 1 
ATOM   764 C  "C2'" . DA  D 4 3  ? -9.247  8.736   -12.721 1.00 106.21 ?  12  DA  D "C2'" 1 
ATOM   765 C  "C1'" . DA  D 4 3  ? -8.325  7.687   -12.126 1.00 102.20 ?  12  DA  D "C1'" 1 
ATOM   766 N  N9    . DA  D 4 3  ? -8.787  6.311   -12.289 1.00 92.55  ?  12  DA  D N9    1 
ATOM   767 C  C8    . DA  D 4 3  ? -10.044 5.822   -12.058 1.00 90.62  ?  12  DA  D C8    1 
ATOM   768 N  N7    . DA  D 4 3  ? -10.160 4.534   -12.292 1.00 85.22  ?  12  DA  D N7    1 
ATOM   769 C  C5    . DA  D 4 3  ? -8.895  4.158   -12.707 1.00 84.65  ?  12  DA  D C5    1 
ATOM   770 C  C6    . DA  D 4 3  ? -8.360  2.921   -13.108 1.00 90.96  ?  12  DA  D C6    1 
ATOM   771 N  N6    . DA  D 4 3  ? -9.073  1.792   -13.154 1.00 92.26  ?  12  DA  D N6    1 
ATOM   772 N  N1    . DA  D 4 3  ? -7.054  2.890   -13.464 1.00 94.75  ?  12  DA  D N1    1 
ATOM   773 C  C2    . DA  D 4 3  ? -6.346  4.026   -13.417 1.00 94.73  ?  12  DA  D C2    1 
ATOM   774 N  N3    . DA  D 4 3  ? -6.743  5.245   -13.057 1.00 93.22  ?  12  DA  D N3    1 
ATOM   775 C  C4    . DA  D 4 3  ? -8.038  5.242   -12.711 1.00 88.64  ?  12  DA  D C4    1 
ATOM   776 P  P     . DA  D 4 4  ? -7.718  11.615  -13.780 1.00 117.41 ?  13  DA  D P     1 
ATOM   777 O  OP1   . DA  D 4 4  ? -7.032  12.839  -13.304 1.00 116.03 ?  13  DA  D OP1   1 
ATOM   778 O  OP2   . DA  D 4 4  ? -9.127  11.670  -14.232 1.00 120.83 -1 13  DA  D OP2   1 
ATOM   779 O  "O5'" . DA  D 4 4  ? -6.843  10.999  -14.961 1.00 104.66 ?  13  DA  D "O5'" 1 
ATOM   780 C  "C5'" . DA  D 4 4  ? -5.448  10.930  -14.820 1.00 102.70 ?  13  DA  D "C5'" 1 
ATOM   781 C  "C4'" . DA  D 4 4  ? -4.890  9.798   -15.649 1.00 111.66 ?  13  DA  D "C4'" 1 
ATOM   782 O  "O4'" . DA  D 4 4  ? -5.646  8.585   -15.401 1.00 110.15 ?  13  DA  D "O4'" 1 
ATOM   783 C  "C3'" . DA  D 4 4  ? -4.936  10.018  -17.162 1.00 119.41 ?  13  DA  D "C3'" 1 
ATOM   784 O  "O3'" . DA  D 4 4  ? -3.678  9.639   -17.712 1.00 127.79 ?  13  DA  D "O3'" 1 
ATOM   785 C  "C2'" . DA  D 4 4  ? -6.067  9.085   -17.617 1.00 115.66 ?  13  DA  D "C2'" 1 
ATOM   786 C  "C1'" . DA  D 4 4  ? -5.894  7.951   -16.632 1.00 110.37 ?  13  DA  D "C1'" 1 
ATOM   787 N  N9    . DA  D 4 4  ? -7.051  7.074   -16.474 1.00 108.16 ?  13  DA  D N9    1 
ATOM   788 C  C8    . DA  D 4 4  ? -8.322  7.424   -16.105 1.00 106.44 ?  13  DA  D C8    1 
ATOM   789 N  N7    . DA  D 4 4  ? -9.148  6.401   -16.018 1.00 102.53 ?  13  DA  D N7    1 
ATOM   790 C  C5    . DA  D 4 4  ? -8.358  5.307   -16.341 1.00 101.84 ?  13  DA  D C5    1 
ATOM   791 C  C6    . DA  D 4 4  ? -8.629  3.923   -16.434 1.00 102.16 ?  13  DA  D C6    1 
ATOM   792 N  N6    . DA  D 4 4  ? -9.836  3.390   -16.196 1.00 99.98  ?  13  DA  D N6    1 
ATOM   793 N  N1    . DA  D 4 4  ? -7.608  3.105   -16.782 1.00 104.08 ?  13  DA  D N1    1 
ATOM   794 C  C2    . DA  D 4 4  ? -6.408  3.644   -17.013 1.00 106.38 ?  13  DA  D C2    1 
ATOM   795 N  N3    . DA  D 4 4  ? -6.036  4.922   -16.963 1.00 106.50 ?  13  DA  D N3    1 
ATOM   796 C  C4    . DA  D 4 4  ? -7.064  5.706   -16.617 1.00 105.11 ?  13  DA  D C4    1 
ATOM   797 P  P     . DT  D 4 5  ? -3.389  9.775   -19.287 1.00 134.34 ?  14  DT  D P     1 
ATOM   798 O  OP1   . DT  D 4 5  ? -1.943  10.061  -19.464 1.00 132.44 ?  14  DT  D OP1   1 
ATOM   799 O  OP2   . DT  D 4 5  ? -4.403  10.709  -19.830 1.00 134.93 -1 14  DT  D OP2   1 
ATOM   800 O  "O5'" . DT  D 4 5  ? -3.675  8.303   -19.847 1.00 121.90 ?  14  DT  D "O5'" 1 
ATOM   801 C  "C5'" . DT  D 4 5  ? -3.113  7.183   -19.181 1.00 121.67 ?  14  DT  D "C5'" 1 
ATOM   802 C  "C4'" . DT  D 4 5  ? -3.163  5.945   -20.054 1.00 121.90 ?  14  DT  D "C4'" 1 
ATOM   803 O  "O4'" . DT  D 4 5  ? -4.320  5.139   -19.706 1.00 118.89 ?  14  DT  D "O4'" 1 
ATOM   804 C  "C3'" . DT  D 4 5  ? -3.280  6.207   -21.548 1.00 123.85 ?  14  DT  D "C3'" 1 
ATOM   805 O  "O3'" . DT  D 4 5  ? -2.594  5.187   -22.238 1.00 128.19 ?  14  DT  D "O3'" 1 
ATOM   806 C  "C2'" . DT  D 4 5  ? -4.786  6.102   -21.773 1.00 123.54 ?  14  DT  D "C2'" 1 
ATOM   807 C  "C1'" . DT  D 4 5  ? -5.117  4.943   -20.851 1.00 117.13 ?  14  DT  D "C1'" 1 
ATOM   808 N  N1    . DT  D 4 5  ? -6.528  4.892   -20.414 1.00 113.34 ?  14  DT  D N1    1 
ATOM   809 C  C2    . DT  D 4 5  ? -7.094  3.669   -20.168 1.00 113.69 ?  14  DT  D C2    1 
ATOM   810 O  O2    . DT  D 4 5  ? -6.496  2.620   -20.305 1.00 114.59 ?  14  DT  D O2    1 
ATOM   811 N  N3    . DT  D 4 5  ? -8.393  3.710   -19.751 1.00 114.08 ?  14  DT  D N3    1 
ATOM   812 C  C4    . DT  D 4 5  ? -9.173  4.834   -19.555 1.00 113.74 ?  14  DT  D C4    1 
ATOM   813 O  O4    . DT  D 4 5  ? -10.342 4.763   -19.176 1.00 111.14 ?  14  DT  D O4    1 
ATOM   814 C  C5    . DT  D 4 5  ? -8.516  6.094   -19.826 1.00 110.66 ?  14  DT  D C5    1 
ATOM   815 C  C7    . DT  D 4 5  ? -9.258  7.385   -19.650 1.00 107.10 ?  14  DT  D C7    1 
ATOM   816 C  C6    . DT  D 4 5  ? -7.235  6.063   -20.235 1.00 111.29 ?  14  DT  D C6    1 
ATOM   817 P  P     . DT  D 4 6  ? -1.630  5.534   -23.473 1.00 133.59 ?  15  DT  D P     1 
ATOM   818 O  OP1   . DT  D 4 6  ? -0.234  5.497   -22.976 1.00 129.22 ?  15  DT  D OP1   1 
ATOM   819 O  OP2   . DT  D 4 6  ? -2.143  6.766   -24.115 1.00 133.42 -1 15  DT  D OP2   1 
ATOM   820 O  "O5'" . DT  D 4 6  ? -1.867  4.301   -24.465 1.00 128.15 ?  15  DT  D "O5'" 1 
ATOM   821 C  "C5'" . DT  D 4 6  ? -2.047  2.998   -23.927 1.00 126.19 ?  15  DT  D "C5'" 1 
ATOM   822 C  "C4'" . DT  D 4 6  ? -3.311  2.348   -24.465 1.00 127.25 ?  15  DT  D "C4'" 1 
ATOM   823 O  "O4'" . DT  D 4 6  ? -4.462  2.740   -23.685 1.00 122.07 ?  15  DT  D "O4'" 1 
ATOM   824 C  "C3'" . DT  D 4 6  ? -3.685  2.723   -25.900 1.00 131.79 ?  15  DT  D "C3'" 1 
ATOM   825 O  "O3'" . DT  D 4 6  ? -3.088  1.800   -26.863 1.00 130.81 ?  15  DT  D "O3'" 1 
ATOM   826 C  "C2'" . DT  D 4 6  ? -5.228  2.679   -25.904 1.00 131.00 ?  15  DT  D "C2'" 1 
ATOM   827 C  "C1'" . DT  D 4 6  ? -5.591  2.381   -24.440 1.00 124.08 ?  15  DT  D "C1'" 1 
ATOM   828 N  N1    . DT  D 4 6  ? -6.819  3.121   -23.956 1.00 123.93 ?  15  DT  D N1    1 
ATOM   829 C  C2    . DT  D 4 6  ? -7.891  2.402   -23.464 1.00 121.36 ?  15  DT  D C2    1 
ATOM   830 O  O2    . DT  D 4 6  ? -7.892  1.186   -23.363 1.00 117.29 ?  15  DT  D O2    1 
ATOM   831 N  N3    . DT  D 4 6  ? -8.968  3.166   -23.074 1.00 119.62 ?  15  DT  D N3    1 
ATOM   832 C  C4    . DT  D 4 6  ? -9.086  4.543   -23.140 1.00 118.35 ?  15  DT  D C4    1 
ATOM   833 O  O4    . DT  D 4 6  ? -10.098 5.135   -22.766 1.00 116.97 ?  15  DT  D O4    1 
ATOM   834 C  C5    . DT  D 4 6  ? -7.935  5.236   -23.677 1.00 120.02 ?  15  DT  D C5    1 
ATOM   835 C  C7    . DT  D 4 6  ? -7.946  6.732   -23.797 1.00 116.04 ?  15  DT  D C7    1 
ATOM   836 C  C6    . DT  D 4 6  ? -6.873  4.500   -24.064 1.00 122.78 ?  15  DT  D C6    1 
ATOM   837 P  P     . DC  D 4 7  ? -3.666  0.311   -27.111 1.00 135.46 ?  16  DC  D P     1 
ATOM   838 O  OP1   . DC  D 4 7  ? -4.056  -0.284  -25.812 1.00 135.31 ?  16  DC  D OP1   1 
ATOM   839 O  OP2   . DC  D 4 7  ? -2.678  -0.400  -27.957 1.00 135.32 -1 16  DC  D OP2   1 
ATOM   840 O  "O5'" . DC  D 4 7  ? -4.980  0.521   -28.005 1.00 129.48 ?  16  DC  D "O5'" 1 
ATOM   841 C  "C5'" . DC  D 4 7  ? -5.557  -0.586  -28.720 1.00 131.70 ?  16  DC  D "C5'" 1 
ATOM   842 C  "C4'" . DC  D 4 7  ? -6.138  -1.627  -27.770 1.00 128.89 ?  16  DC  D "C4'" 1 
ATOM   843 O  "O4'" . DC  D 4 7  ? -6.810  -0.962  -26.668 1.00 130.07 ?  16  DC  D "O4'" 1 
ATOM   844 C  "C3'" . DC  D 4 7  ? -7.188  -2.541  -28.385 1.00 128.31 ?  16  DC  D "C3'" 1 
ATOM   845 O  "O3'" . DC  D 4 7  ? -7.202  -3.796  -27.708 1.00 123.20 ?  16  DC  D "O3'" 1 
ATOM   846 C  "C2'" . DC  D 4 7  ? -8.480  -1.754  -28.155 1.00 126.25 ?  16  DC  D "C2'" 1 
ATOM   847 C  "C1'" . DC  D 4 7  ? -8.219  -1.087  -26.802 1.00 128.01 ?  16  DC  D "C1'" 1 
ATOM   848 N  N1    . DC  D 4 7  ? -8.831  0.286   -26.661 1.00 125.54 ?  16  DC  D N1    1 
ATOM   849 C  C2    . DC  D 4 7  ? -10.131 0.432   -26.144 1.00 123.79 ?  16  DC  D C2    1 
ATOM   850 O  O2    . DC  D 4 7  ? -10.773 -0.576  -25.815 1.00 123.42 ?  16  DC  D O2    1 
ATOM   851 N  N3    . DC  D 4 7  ? -10.651 1.687   -26.024 1.00 121.68 ?  16  DC  D N3    1 
ATOM   852 C  C4    . DC  D 4 7  ? -9.932  2.753   -26.387 1.00 120.08 ?  16  DC  D C4    1 
ATOM   853 N  N4    . DC  D 4 7  ? -10.486 3.966   -26.251 1.00 115.44 ?  16  DC  D N4    1 
ATOM   854 C  C5    . DC  D 4 7  ? -8.609  2.621   -26.909 1.00 120.48 ?  16  DC  D C5    1 
ATOM   855 C  C6    . DC  D 4 7  ? -8.107  1.385   -27.027 1.00 121.32 ?  16  DC  D C6    1 
HETATM 856 AS AS    . CAC E 5 .  ? 2.138   5.107   6.391   1.00 204.40 ?  101 CAC A AS    1 
HETATM 857 C  C1    . NT  F 6 .  ? -9.262  -3.603  -24.002 1.00 119.37 ?  101 NT  D C1    1 
HETATM 858 N  N1    . NT  F 6 .  ? -10.235 -2.748  -23.738 1.00 114.08 ?  101 NT  D N1    1 
HETATM 859 N  N2    . NT  F 6 .  ? -9.395  -4.872  -24.575 1.00 123.28 ?  101 NT  D N2    1 
HETATM 860 N  N3    . NT  F 6 .  ? -7.935  -3.246  -23.698 1.00 119.38 ?  101 NT  D N3    1 
HETATM 861 C  C2    . NT  F 6 .  ? -7.730  -1.936  -23.107 1.00 120.38 ?  101 NT  D C2    1 
HETATM 862 C  C3    . NT  F 6 .  ? -6.237  -1.708  -22.916 1.00 121.54 ?  101 NT  D C3    1 
HETATM 863 O  O1    . NT  F 6 .  ? -5.385  -2.310  -23.591 1.00 119.51 ?  101 NT  D O1    1 
HETATM 864 N  N4    . NT  F 6 .  ? -5.931  -0.763  -21.942 1.00 121.02 ?  101 NT  D N4    1 
HETATM 865 C  C4    . NT  F 6 .  ? -4.644  -0.379  -21.600 1.00 119.62 ?  101 NT  D C4    1 
HETATM 866 C  C5    . NT  F 6 .  ? -4.332  0.688   -20.728 1.00 117.61 ?  101 NT  D C5    1 
HETATM 867 C  C6    . NT  F 6 .  ? -2.959  0.763   -20.629 1.00 119.28 ?  101 NT  D C6    1 
HETATM 868 N  N5    . NT  F 6 .  ? -2.404  -0.244  -21.447 1.00 120.40 ?  101 NT  D N5    1 
HETATM 869 C  C8    . NT  F 6 .  ? -0.999  -0.559  -21.681 1.00 119.78 ?  101 NT  D C8    1 
HETATM 870 C  C7    . NT  F 6 .  ? -3.440  -0.959  -22.043 1.00 119.77 ?  101 NT  D C7    1 
HETATM 871 C  C9    . NT  F 6 .  ? -2.224  1.742   -19.843 1.00 121.84 ?  101 NT  D C9    1 
HETATM 872 O  O2    . NT  F 6 .  ? -1.071  2.095   -20.140 1.00 125.87 ?  101 NT  D O2    1 
HETATM 873 N  N6    . NT  F 6 .  ? -2.919  2.277   -18.739 1.00 118.78 ?  101 NT  D N6    1 
HETATM 874 C  C10   . NT  F 6 .  ? -2.399  3.265   -17.913 1.00 116.52 ?  101 NT  D C10   1 
HETATM 875 C  C11   . NT  F 6 .  ? -3.153  4.050   -16.984 1.00 113.77 ?  101 NT  D C11   1 
HETATM 876 C  C12   . NT  F 6 .  ? -2.277  4.942   -16.383 1.00 114.64 ?  101 NT  D C12   1 
HETATM 877 N  N7    . NT  F 6 .  ? -1.016  4.749   -16.943 1.00 118.85 ?  101 NT  D N7    1 
HETATM 878 C  C14   . NT  F 6 .  ? 0.200   5.478   -16.618 1.00 118.96 ?  101 NT  D C14   1 
HETATM 879 C  C13   . NT  F 6 .  ? -1.069  3.724   -17.883 1.00 117.15 ?  101 NT  D C13   1 
HETATM 880 C  C15   . NT  F 6 .  ? -2.563  5.972   -15.383 1.00 115.74 ?  101 NT  D C15   1 
HETATM 881 O  O3    . NT  F 6 .  ? -3.042  7.068   -15.710 1.00 121.04 ?  101 NT  D O3    1 
HETATM 882 N  N8    . NT  F 6 .  ? -2.265  5.729   -14.055 1.00 105.84 ?  101 NT  D N8    1 
HETATM 883 C  C16   . NT  F 6 .  ? -2.536  6.822   -13.085 1.00 99.43  ?  101 NT  D C16   1 
HETATM 884 C  C17   . NT  F 6 .  ? -4.021  7.083   -12.818 1.00 100.31 ?  101 NT  D C17   1 
HETATM 885 C  C18   . NT  F 6 .  ? -4.114  8.294   -11.863 1.00 110.13 ?  101 NT  D C18   1 
HETATM 886 N  N9    . NT  F 6 .  ? -3.159  9.175   -11.852 1.00 113.33 ?  101 NT  D N9    1 
HETATM 887 N  N10   . NT  F 6 .  ? -5.258  8.336   -11.053 1.00 104.84 ?  101 NT  D N10   1 
HETATM 888 O  O     . HOH G 7 .  ? 9.180   -8.064  17.897  1.00 51.96  ?  201 HOH A O     1 
HETATM 889 O  O     . HOH G 7 .  ? -2.843  -3.582  -9.834  1.00 78.15  ?  202 HOH A O     1 
# 
loop_
_pdbx_poly_seq_scheme.asym_id 
_pdbx_poly_seq_scheme.entity_id 
_pdbx_poly_seq_scheme.seq_id 
_pdbx_poly_seq_scheme.mon_id 
_pdbx_poly_seq_scheme.ndb_seq_num 
_pdbx_poly_seq_scheme.pdb_seq_num 
_pdbx_poly_seq_scheme.auth_seq_num 
_pdbx_poly_seq_scheme.pdb_mon_id 
_pdbx_poly_seq_scheme.auth_mon_id 
_pdbx_poly_seq_scheme.pdb_strand_id 
_pdbx_poly_seq_scheme.pdb_ins_code 
_pdbx_poly_seq_scheme.hetero 
A 1 1  DG 1  1  1  DG DG A . n 
A 1 2  DA 2  2  2  DA DA A . n 
A 1 3  DG 3  3  3  DG DG A . n 
A 1 4  DA 4  4  4  DA DA A . n 
A 1 5  DA 5  5  5  DA DA A . n 
A 1 6  DT 6  6  6  DT DT A . n 
A 1 7  DT 7  7  7  DT DT A . n 
A 1 8  DC 8  8  8  DC DC A . n 
A 1 9  DC 9  9  9  DC DC A . n 
A 1 10 DT 10 10 10 DT DT A . n 
A 1 11 DG 11 11 11 DG DG A . n 
A 1 12 DA 12 12 12 DA DA A . n 
A 1 13 DC 13 13 13 DC DC A . n 
A 1 14 DG 14 14 14 DG DG A . n 
A 1 15 DG 15 15 15 DG DG A . n 
A 1 16 DA 16 16 16 DA DA A . n 
A 1 17 DA 17 17 17 DA DA A . n 
A 1 18 DC 18 18 18 DC DC A . n 
A 1 19 DT 19 19 19 DT DT A . n 
A 1 20 DC 20 20 20 DC DC A . n 
A 1 21 DA 21 21 21 DA DA A . n 
B 2 1  DC 1  0  0  DC DC B . n 
B 2 2  DC 2  1  1  DC DC B . n 
B 2 3  DG 3  2  2  DG DG B . n 
B 2 4  DT 4  3  3  DT DT B . n 
B 2 5  DC 5  4  4  DC DC B . n 
B 2 6  DA 6  5  5  DA DA B . n 
C 3 1  DT 1  1  1  DT DT C . n 
C 3 2  DC 2  2  2  DC DC C . n 
C 3 3  DT 3  3  3  DT DT C . n 
C 3 4  DG 4  4  4  DG DG C . n 
C 3 5  DA 5  5  5  DA DA C . n 
C 3 6  DG 6  6  6  DG DG C . n 
C 3 7  DT 7  7  7  DT DT C . n 
C 3 8  DT 8  8  8  DT DT C . n 
D 4 1  DG 1  10 10 DG DG D . n 
D 4 2  DG 2  11 11 DG DG D . n 
D 4 3  DA 3  12 12 DA DA D . n 
D 4 4  DA 4  13 13 DA DA D . n 
D 4 5  DT 5  14 14 DT DT D . n 
D 4 6  DT 6  15 15 DT DT D . n 
D 4 7  DC 7  16 16 DC DC D . n 
# 
_pdbx_contact_author.id                 2 
_pdbx_contact_author.email              hao.yan@asu.edu 
_pdbx_contact_author.name_first         Hao 
_pdbx_contact_author.name_last          Yan 
_pdbx_contact_author.name_mi            ? 
_pdbx_contact_author.role               'principal investigator/group leader' 
_pdbx_contact_author.identifier_ORCID   0000-0001-7397-9852 
# 
loop_
_pdbx_nonpoly_scheme.asym_id 
_pdbx_nonpoly_scheme.entity_id 
_pdbx_nonpoly_scheme.mon_id 
_pdbx_nonpoly_scheme.ndb_seq_num 
_pdbx_nonpoly_scheme.pdb_seq_num 
_pdbx_nonpoly_scheme.auth_seq_num 
_pdbx_nonpoly_scheme.pdb_mon_id 
_pdbx_nonpoly_scheme.auth_mon_id 
_pdbx_nonpoly_scheme.pdb_strand_id 
_pdbx_nonpoly_scheme.pdb_ins_code 
E 5 CAC 1 101 1  CAC AS  A . 
F 6 NT  1 101 25 NT  NT  D . 
G 7 HOH 1 201 1  HOH HOH A . 
G 7 HOH 2 202 2  HOH HOH A . 
# 
_pdbx_struct_assembly.id                   1 
_pdbx_struct_assembly.details              author_defined_assembly 
_pdbx_struct_assembly.method_details       ? 
_pdbx_struct_assembly.oligomeric_details   tetrameric 
_pdbx_struct_assembly.oligomeric_count     4 
# 
_pdbx_struct_assembly_gen.assembly_id       1 
_pdbx_struct_assembly_gen.oper_expression   1 
_pdbx_struct_assembly_gen.asym_id_list      A,B,C,D,E,F,G 
# 
_pdbx_struct_oper_list.id                   1 
_pdbx_struct_oper_list.type                 'identity operation' 
_pdbx_struct_oper_list.name                 1_555 
_pdbx_struct_oper_list.symmetry_operation   x,y,z 
_pdbx_struct_oper_list.matrix[1][1]         1.0000000000 
_pdbx_struct_oper_list.matrix[1][2]         0.0000000000 
_pdbx_struct_oper_list.matrix[1][3]         0.0000000000 
_pdbx_struct_oper_list.vector[1]            0.0000000000 
_pdbx_struct_oper_list.matrix[2][1]         0.0000000000 
_pdbx_struct_oper_list.matrix[2][2]         1.0000000000 
_pdbx_struct_oper_list.matrix[2][3]         0.0000000000 
_pdbx_struct_oper_list.vector[2]            0.0000000000 
_pdbx_struct_oper_list.matrix[3][1]         0.0000000000 
_pdbx_struct_oper_list.matrix[3][2]         0.0000000000 
_pdbx_struct_oper_list.matrix[3][3]         1.0000000000 
_pdbx_struct_oper_list.vector[3]            0.0000000000 
# 
_pdbx_audit_revision_history.ordinal             1 
_pdbx_audit_revision_history.data_content_type   'Structure model' 
_pdbx_audit_revision_history.major_revision      1 
_pdbx_audit_revision_history.minor_revision      0 
_pdbx_audit_revision_history.revision_date       2023-12-20 
# 
_pdbx_audit_revision_details.ordinal             1 
_pdbx_audit_revision_details.revision_ordinal    1 
_pdbx_audit_revision_details.data_content_type   'Structure model' 
_pdbx_audit_revision_details.provider            repository 
_pdbx_audit_revision_details.type                'Initial release' 
_pdbx_audit_revision_details.description         ? 
_pdbx_audit_revision_details.details             ? 
# 
loop_
_software.citation_id 
_software.classification 
_software.compiler_name 
_software.compiler_version 
_software.contact_author 
_software.contact_author_email 
_software.date 
_software.description 
_software.dependencies 
_software.hardware 
_software.language 
_software.location 
_software.mods 
_software.name 
_software.os 
_software.os_version 
_software.type 
_software.version 
_software.pdbx_ordinal 
? refinement       ? ? ? ? ? ? ? ? ? ? ? PHENIX   ? ? ? '(1.11.1_2575: ???)' 1 
? 'data scaling'   ? ? ? ? ? ? ? ? ? ? ? HKL-2000 ? ? ? .                    2 
? 'data reduction' ? ? ? ? ? ? ? ? ? ? ? HKL-2000 ? ? ? .                    3 
? phasing          ? ? ? ? ? ? ? ? ? ? ? PHASER   ? ? ? .                    4 
# 
_pdbx_entry_details.entry_id                 8TAJ 
_pdbx_entry_details.has_ligand_of_interest   N 
_pdbx_entry_details.compound_details         ? 
_pdbx_entry_details.source_details           ? 
_pdbx_entry_details.nonpolymer_details       ? 
_pdbx_entry_details.sequence_details         ? 
# 
loop_
_pdbx_validate_rmsd_angle.id 
_pdbx_validate_rmsd_angle.PDB_model_num 
_pdbx_validate_rmsd_angle.auth_atom_id_1 
_pdbx_validate_rmsd_angle.auth_asym_id_1 
_pdbx_validate_rmsd_angle.auth_comp_id_1 
_pdbx_validate_rmsd_angle.auth_seq_id_1 
_pdbx_validate_rmsd_angle.PDB_ins_code_1 
_pdbx_validate_rmsd_angle.label_alt_id_1 
_pdbx_validate_rmsd_angle.auth_atom_id_2 
_pdbx_validate_rmsd_angle.auth_asym_id_2 
_pdbx_validate_rmsd_angle.auth_comp_id_2 
_pdbx_validate_rmsd_angle.auth_seq_id_2 
_pdbx_validate_rmsd_angle.PDB_ins_code_2 
_pdbx_validate_rmsd_angle.label_alt_id_2 
_pdbx_validate_rmsd_angle.auth_atom_id_3 
_pdbx_validate_rmsd_angle.auth_asym_id_3 
_pdbx_validate_rmsd_angle.auth_comp_id_3 
_pdbx_validate_rmsd_angle.auth_seq_id_3 
_pdbx_validate_rmsd_angle.PDB_ins_code_3 
_pdbx_validate_rmsd_angle.label_alt_id_3 
_pdbx_validate_rmsd_angle.angle_value 
_pdbx_validate_rmsd_angle.angle_target_value 
_pdbx_validate_rmsd_angle.angle_deviation 
_pdbx_validate_rmsd_angle.angle_standard_deviation 
_pdbx_validate_rmsd_angle.linker_flag 
1 1 "O4'" A DG 15 ? ? "C1'" A DG 15 ? ? N9    A DG 15 ? ? 110.11 108.30 1.81  0.30 N 
2 1 "O4'" C DG 4  ? ? "C1'" C DG 4  ? ? N9    C DG 4  ? ? 110.57 108.30 2.27  0.30 N 
3 1 "C3'" C DT 8  ? ? "C2'" C DT 8  ? ? "C1'" C DT 8  ? ? 96.46  102.40 -5.94 0.80 N 
4 1 "O4'" D DT 15 ? ? "C1'" D DT 15 ? ? N1    D DT 15 ? ? 110.78 108.30 2.48  0.30 N 
# 
loop_
_pdbx_unobs_or_zero_occ_atoms.id 
_pdbx_unobs_or_zero_occ_atoms.PDB_model_num 
_pdbx_unobs_or_zero_occ_atoms.polymer_flag 
_pdbx_unobs_or_zero_occ_atoms.occupancy_flag 
_pdbx_unobs_or_zero_occ_atoms.auth_asym_id 
_pdbx_unobs_or_zero_occ_atoms.auth_comp_id 
_pdbx_unobs_or_zero_occ_atoms.auth_seq_id 
_pdbx_unobs_or_zero_occ_atoms.PDB_ins_code 
_pdbx_unobs_or_zero_occ_atoms.auth_atom_id 
_pdbx_unobs_or_zero_occ_atoms.label_alt_id 
_pdbx_unobs_or_zero_occ_atoms.label_asym_id 
_pdbx_unobs_or_zero_occ_atoms.label_comp_id 
_pdbx_unobs_or_zero_occ_atoms.label_seq_id 
_pdbx_unobs_or_zero_occ_atoms.label_atom_id 
1 1 N 1 A CAC 101 ? O1 ? E CAC 1 O1 
2 1 N 1 A CAC 101 ? O2 ? E CAC 1 O2 
3 1 N 1 A CAC 101 ? C1 ? E CAC 1 C1 
4 1 N 1 A CAC 101 ? C2 ? E CAC 1 C2 
# 
loop_
_chem_comp_atom.comp_id 
_chem_comp_atom.atom_id 
_chem_comp_atom.type_symbol 
_chem_comp_atom.pdbx_aromatic_flag 
_chem_comp_atom.pdbx_stereo_config 
_chem_comp_atom.pdbx_ordinal 
CAC AS     AS N N 1   
CAC O1     O  N N 2   
CAC O2     O  N N 3   
CAC C1     C  N N 4   
CAC C2     C  N N 5   
CAC H11    H  N N 6   
CAC H12    H  N N 7   
CAC H13    H  N N 8   
CAC H21    H  N N 9   
CAC H22    H  N N 10  
CAC H23    H  N N 11  
DA  OP3    O  N N 12  
DA  P      P  N N 13  
DA  OP1    O  N N 14  
DA  OP2    O  N N 15  
DA  "O5'"  O  N N 16  
DA  "C5'"  C  N N 17  
DA  "C4'"  C  N R 18  
DA  "O4'"  O  N N 19  
DA  "C3'"  C  N S 20  
DA  "O3'"  O  N N 21  
DA  "C2'"  C  N N 22  
DA  "C1'"  C  N R 23  
DA  N9     N  Y N 24  
DA  C8     C  Y N 25  
DA  N7     N  Y N 26  
DA  C5     C  Y N 27  
DA  C6     C  Y N 28  
DA  N6     N  N N 29  
DA  N1     N  Y N 30  
DA  C2     C  Y N 31  
DA  N3     N  Y N 32  
DA  C4     C  Y N 33  
DA  HOP3   H  N N 34  
DA  HOP2   H  N N 35  
DA  "H5'"  H  N N 36  
DA  "H5''" H  N N 37  
DA  "H4'"  H  N N 38  
DA  "H3'"  H  N N 39  
DA  "HO3'" H  N N 40  
DA  "H2'"  H  N N 41  
DA  "H2''" H  N N 42  
DA  "H1'"  H  N N 43  
DA  H8     H  N N 44  
DA  H61    H  N N 45  
DA  H62    H  N N 46  
DA  H2     H  N N 47  
DC  OP3    O  N N 48  
DC  P      P  N N 49  
DC  OP1    O  N N 50  
DC  OP2    O  N N 51  
DC  "O5'"  O  N N 52  
DC  "C5'"  C  N N 53  
DC  "C4'"  C  N R 54  
DC  "O4'"  O  N N 55  
DC  "C3'"  C  N S 56  
DC  "O3'"  O  N N 57  
DC  "C2'"  C  N N 58  
DC  "C1'"  C  N R 59  
DC  N1     N  N N 60  
DC  C2     C  N N 61  
DC  O2     O  N N 62  
DC  N3     N  N N 63  
DC  C4     C  N N 64  
DC  N4     N  N N 65  
DC  C5     C  N N 66  
DC  C6     C  N N 67  
DC  HOP3   H  N N 68  
DC  HOP2   H  N N 69  
DC  "H5'"  H  N N 70  
DC  "H5''" H  N N 71  
DC  "H4'"  H  N N 72  
DC  "H3'"  H  N N 73  
DC  "HO3'" H  N N 74  
DC  "H2'"  H  N N 75  
DC  "H2''" H  N N 76  
DC  "H1'"  H  N N 77  
DC  H41    H  N N 78  
DC  H42    H  N N 79  
DC  H5     H  N N 80  
DC  H6     H  N N 81  
DG  OP3    O  N N 82  
DG  P      P  N N 83  
DG  OP1    O  N N 84  
DG  OP2    O  N N 85  
DG  "O5'"  O  N N 86  
DG  "C5'"  C  N N 87  
DG  "C4'"  C  N R 88  
DG  "O4'"  O  N N 89  
DG  "C3'"  C  N S 90  
DG  "O3'"  O  N N 91  
DG  "C2'"  C  N N 92  
DG  "C1'"  C  N R 93  
DG  N9     N  Y N 94  
DG  C8     C  Y N 95  
DG  N7     N  Y N 96  
DG  C5     C  Y N 97  
DG  C6     C  N N 98  
DG  O6     O  N N 99  
DG  N1     N  N N 100 
DG  C2     C  N N 101 
DG  N2     N  N N 102 
DG  N3     N  N N 103 
DG  C4     C  Y N 104 
DG  HOP3   H  N N 105 
DG  HOP2   H  N N 106 
DG  "H5'"  H  N N 107 
DG  "H5''" H  N N 108 
DG  "H4'"  H  N N 109 
DG  "H3'"  H  N N 110 
DG  "HO3'" H  N N 111 
DG  "H2'"  H  N N 112 
DG  "H2''" H  N N 113 
DG  "H1'"  H  N N 114 
DG  H8     H  N N 115 
DG  H1     H  N N 116 
DG  H21    H  N N 117 
DG  H22    H  N N 118 
DT  OP3    O  N N 119 
DT  P      P  N N 120 
DT  OP1    O  N N 121 
DT  OP2    O  N N 122 
DT  "O5'"  O  N N 123 
DT  "C5'"  C  N N 124 
DT  "C4'"  C  N R 125 
DT  "O4'"  O  N N 126 
DT  "C3'"  C  N S 127 
DT  "O3'"  O  N N 128 
DT  "C2'"  C  N N 129 
DT  "C1'"  C  N R 130 
DT  N1     N  N N 131 
DT  C2     C  N N 132 
DT  O2     O  N N 133 
DT  N3     N  N N 134 
DT  C4     C  N N 135 
DT  O4     O  N N 136 
DT  C5     C  N N 137 
DT  C7     C  N N 138 
DT  C6     C  N N 139 
DT  HOP3   H  N N 140 
DT  HOP2   H  N N 141 
DT  "H5'"  H  N N 142 
DT  "H5''" H  N N 143 
DT  "H4'"  H  N N 144 
DT  "H3'"  H  N N 145 
DT  "HO3'" H  N N 146 
DT  "H2'"  H  N N 147 
DT  "H2''" H  N N 148 
DT  "H1'"  H  N N 149 
DT  H3     H  N N 150 
DT  H71    H  N N 151 
DT  H72    H  N N 152 
DT  H73    H  N N 153 
DT  H6     H  N N 154 
HOH O      O  N N 155 
HOH H1     H  N N 156 
HOH H2     H  N N 157 
NT  C1     C  N N 158 
NT  N1     N  N N 159 
NT  N2     N  N N 160 
NT  N3     N  N N 161 
NT  C2     C  N N 162 
NT  C3     C  N N 163 
NT  O1     O  N N 164 
NT  N4     N  N N 165 
NT  C4     C  Y N 166 
NT  C5     C  Y N 167 
NT  C6     C  Y N 168 
NT  N5     N  Y N 169 
NT  C8     C  N N 170 
NT  C7     C  Y N 171 
NT  C9     C  N N 172 
NT  O2     O  N N 173 
NT  N6     N  N N 174 
NT  C10    C  Y N 175 
NT  C11    C  Y N 176 
NT  C12    C  Y N 177 
NT  N7     N  Y N 178 
NT  C14    C  N N 179 
NT  C13    C  Y N 180 
NT  C15    C  N N 181 
NT  O3     O  N N 182 
NT  N8     N  N N 183 
NT  C16    C  N N 184 
NT  C17    C  N N 185 
NT  C18    C  N N 186 
NT  N9     N  N N 187 
NT  N10    N  N N 188 
NT  HN1    H  N N 189 
NT  HN21   H  N N 190 
NT  HN22   H  N N 191 
NT  HN3    H  N N 192 
NT  H21    H  N N 193 
NT  H22    H  N N 194 
NT  HN4    H  N N 195 
NT  H5     H  N N 196 
NT  H81    H  N N 197 
NT  H82    H  N N 198 
NT  H83    H  N N 199 
NT  H7     H  N N 200 
NT  HN6    H  N N 201 
NT  H11    H  N N 202 
NT  H141   H  N N 203 
NT  H142   H  N N 204 
NT  H143   H  N N 205 
NT  H13    H  N N 206 
NT  HN8    H  N N 207 
NT  H161   H  N N 208 
NT  H162   H  N N 209 
NT  H171   H  N N 210 
NT  H172   H  N N 211 
NT  HN9    H  N N 212 
NT  HN01   H  N N 213 
NT  HN02   H  N N 214 
# 
loop_
_chem_comp_bond.comp_id 
_chem_comp_bond.atom_id_1 
_chem_comp_bond.atom_id_2 
_chem_comp_bond.value_order 
_chem_comp_bond.pdbx_aromatic_flag 
_chem_comp_bond.pdbx_stereo_config 
_chem_comp_bond.pdbx_ordinal 
CAC AS    O1     doub N N 1   
CAC AS    O2     sing N N 2   
CAC AS    C1     sing N N 3   
CAC AS    C2     sing N N 4   
CAC C1    H11    sing N N 5   
CAC C1    H12    sing N N 6   
CAC C1    H13    sing N N 7   
CAC C2    H21    sing N N 8   
CAC C2    H22    sing N N 9   
CAC C2    H23    sing N N 10  
DA  OP3   P      sing N N 11  
DA  OP3   HOP3   sing N N 12  
DA  P     OP1    doub N N 13  
DA  P     OP2    sing N N 14  
DA  P     "O5'"  sing N N 15  
DA  OP2   HOP2   sing N N 16  
DA  "O5'" "C5'"  sing N N 17  
DA  "C5'" "C4'"  sing N N 18  
DA  "C5'" "H5'"  sing N N 19  
DA  "C5'" "H5''" sing N N 20  
DA  "C4'" "O4'"  sing N N 21  
DA  "C4'" "C3'"  sing N N 22  
DA  "C4'" "H4'"  sing N N 23  
DA  "O4'" "C1'"  sing N N 24  
DA  "C3'" "O3'"  sing N N 25  
DA  "C3'" "C2'"  sing N N 26  
DA  "C3'" "H3'"  sing N N 27  
DA  "O3'" "HO3'" sing N N 28  
DA  "C2'" "C1'"  sing N N 29  
DA  "C2'" "H2'"  sing N N 30  
DA  "C2'" "H2''" sing N N 31  
DA  "C1'" N9     sing N N 32  
DA  "C1'" "H1'"  sing N N 33  
DA  N9    C8     sing Y N 34  
DA  N9    C4     sing Y N 35  
DA  C8    N7     doub Y N 36  
DA  C8    H8     sing N N 37  
DA  N7    C5     sing Y N 38  
DA  C5    C6     sing Y N 39  
DA  C5    C4     doub Y N 40  
DA  C6    N6     sing N N 41  
DA  C6    N1     doub Y N 42  
DA  N6    H61    sing N N 43  
DA  N6    H62    sing N N 44  
DA  N1    C2     sing Y N 45  
DA  C2    N3     doub Y N 46  
DA  C2    H2     sing N N 47  
DA  N3    C4     sing Y N 48  
DC  OP3   P      sing N N 49  
DC  OP3   HOP3   sing N N 50  
DC  P     OP1    doub N N 51  
DC  P     OP2    sing N N 52  
DC  P     "O5'"  sing N N 53  
DC  OP2   HOP2   sing N N 54  
DC  "O5'" "C5'"  sing N N 55  
DC  "C5'" "C4'"  sing N N 56  
DC  "C5'" "H5'"  sing N N 57  
DC  "C5'" "H5''" sing N N 58  
DC  "C4'" "O4'"  sing N N 59  
DC  "C4'" "C3'"  sing N N 60  
DC  "C4'" "H4'"  sing N N 61  
DC  "O4'" "C1'"  sing N N 62  
DC  "C3'" "O3'"  sing N N 63  
DC  "C3'" "C2'"  sing N N 64  
DC  "C3'" "H3'"  sing N N 65  
DC  "O3'" "HO3'" sing N N 66  
DC  "C2'" "C1'"  sing N N 67  
DC  "C2'" "H2'"  sing N N 68  
DC  "C2'" "H2''" sing N N 69  
DC  "C1'" N1     sing N N 70  
DC  "C1'" "H1'"  sing N N 71  
DC  N1    C2     sing N N 72  
DC  N1    C6     sing N N 73  
DC  C2    O2     doub N N 74  
DC  C2    N3     sing N N 75  
DC  N3    C4     doub N N 76  
DC  C4    N4     sing N N 77  
DC  C4    C5     sing N N 78  
DC  N4    H41    sing N N 79  
DC  N4    H42    sing N N 80  
DC  C5    C6     doub N N 81  
DC  C5    H5     sing N N 82  
DC  C6    H6     sing N N 83  
DG  OP3   P      sing N N 84  
DG  OP3   HOP3   sing N N 85  
DG  P     OP1    doub N N 86  
DG  P     OP2    sing N N 87  
DG  P     "O5'"  sing N N 88  
DG  OP2   HOP2   sing N N 89  
DG  "O5'" "C5'"  sing N N 90  
DG  "C5'" "C4'"  sing N N 91  
DG  "C5'" "H5'"  sing N N 92  
DG  "C5'" "H5''" sing N N 93  
DG  "C4'" "O4'"  sing N N 94  
DG  "C4'" "C3'"  sing N N 95  
DG  "C4'" "H4'"  sing N N 96  
DG  "O4'" "C1'"  sing N N 97  
DG  "C3'" "O3'"  sing N N 98  
DG  "C3'" "C2'"  sing N N 99  
DG  "C3'" "H3'"  sing N N 100 
DG  "O3'" "HO3'" sing N N 101 
DG  "C2'" "C1'"  sing N N 102 
DG  "C2'" "H2'"  sing N N 103 
DG  "C2'" "H2''" sing N N 104 
DG  "C1'" N9     sing N N 105 
DG  "C1'" "H1'"  sing N N 106 
DG  N9    C8     sing Y N 107 
DG  N9    C4     sing Y N 108 
DG  C8    N7     doub Y N 109 
DG  C8    H8     sing N N 110 
DG  N7    C5     sing Y N 111 
DG  C5    C6     sing N N 112 
DG  C5    C4     doub Y N 113 
DG  C6    O6     doub N N 114 
DG  C6    N1     sing N N 115 
DG  N1    C2     sing N N 116 
DG  N1    H1     sing N N 117 
DG  C2    N2     sing N N 118 
DG  C2    N3     doub N N 119 
DG  N2    H21    sing N N 120 
DG  N2    H22    sing N N 121 
DG  N3    C4     sing N N 122 
DT  OP3   P      sing N N 123 
DT  OP3   HOP3   sing N N 124 
DT  P     OP1    doub N N 125 
DT  P     OP2    sing N N 126 
DT  P     "O5'"  sing N N 127 
DT  OP2   HOP2   sing N N 128 
DT  "O5'" "C5'"  sing N N 129 
DT  "C5'" "C4'"  sing N N 130 
DT  "C5'" "H5'"  sing N N 131 
DT  "C5'" "H5''" sing N N 132 
DT  "C4'" "O4'"  sing N N 133 
DT  "C4'" "C3'"  sing N N 134 
DT  "C4'" "H4'"  sing N N 135 
DT  "O4'" "C1'"  sing N N 136 
DT  "C3'" "O3'"  sing N N 137 
DT  "C3'" "C2'"  sing N N 138 
DT  "C3'" "H3'"  sing N N 139 
DT  "O3'" "HO3'" sing N N 140 
DT  "C2'" "C1'"  sing N N 141 
DT  "C2'" "H2'"  sing N N 142 
DT  "C2'" "H2''" sing N N 143 
DT  "C1'" N1     sing N N 144 
DT  "C1'" "H1'"  sing N N 145 
DT  N1    C2     sing N N 146 
DT  N1    C6     sing N N 147 
DT  C2    O2     doub N N 148 
DT  C2    N3     sing N N 149 
DT  N3    C4     sing N N 150 
DT  N3    H3     sing N N 151 
DT  C4    O4     doub N N 152 
DT  C4    C5     sing N N 153 
DT  C5    C7     sing N N 154 
DT  C5    C6     doub N N 155 
DT  C7    H71    sing N N 156 
DT  C7    H72    sing N N 157 
DT  C7    H73    sing N N 158 
DT  C6    H6     sing N N 159 
HOH O     H1     sing N N 160 
HOH O     H2     sing N N 161 
NT  C1    N1     doub N N 162 
NT  C1    N2     sing N N 163 
NT  C1    N3     sing N N 164 
NT  N1    HN1    sing N N 165 
NT  N2    HN21   sing N N 166 
NT  N2    HN22   sing N N 167 
NT  N3    C2     sing N N 168 
NT  N3    HN3    sing N N 169 
NT  C2    C3     sing N N 170 
NT  C2    H21    sing N N 171 
NT  C2    H22    sing N N 172 
NT  C3    O1     doub N N 173 
NT  C3    N4     sing N N 174 
NT  N4    C4     sing N N 175 
NT  N4    HN4    sing N N 176 
NT  C4    C5     sing Y N 177 
NT  C4    C7     doub Y N 178 
NT  C5    C6     doub Y N 179 
NT  C5    H5     sing N N 180 
NT  C6    N5     sing Y N 181 
NT  C6    C9     sing N N 182 
NT  N5    C8     sing N N 183 
NT  N5    C7     sing Y N 184 
NT  C8    H81    sing N N 185 
NT  C8    H82    sing N N 186 
NT  C8    H83    sing N N 187 
NT  C7    H7     sing N N 188 
NT  C9    O2     doub N N 189 
NT  C9    N6     sing N N 190 
NT  N6    C10    sing N N 191 
NT  N6    HN6    sing N N 192 
NT  C10   C11    sing Y N 193 
NT  C10   C13    doub Y N 194 
NT  C11   C12    doub Y N 195 
NT  C11   H11    sing N N 196 
NT  C12   N7     sing Y N 197 
NT  C12   C15    sing N N 198 
NT  N7    C14    sing N N 199 
NT  N7    C13    sing Y N 200 
NT  C14   H141   sing N N 201 
NT  C14   H142   sing N N 202 
NT  C14   H143   sing N N 203 
NT  C13   H13    sing N N 204 
NT  C15   O3     doub N N 205 
NT  C15   N8     sing N N 206 
NT  N8    C16    sing N N 207 
NT  N8    HN8    sing N N 208 
NT  C16   C17    sing N N 209 
NT  C16   H161   sing N N 210 
NT  C16   H162   sing N N 211 
NT  C17   C18    sing N N 212 
NT  C17   H171   sing N N 213 
NT  C17   H172   sing N N 214 
NT  C18   N9     doub N N 215 
NT  C18   N10    sing N N 216 
NT  N9    HN9    sing N N 217 
NT  N10   HN01   sing N N 218 
NT  N10   HN02   sing N N 219 
# 
loop_
_ndb_struct_conf_na.entry_id 
_ndb_struct_conf_na.feature 
8TAJ 'double helix'        
8TAJ 'a-form double helix' 
8TAJ 'b-form double helix' 
# 
loop_
_ndb_struct_na_base_pair.model_number 
_ndb_struct_na_base_pair.i_label_asym_id 
_ndb_struct_na_base_pair.i_label_comp_id 
_ndb_struct_na_base_pair.i_label_seq_id 
_ndb_struct_na_base_pair.i_symmetry 
_ndb_struct_na_base_pair.j_label_asym_id 
_ndb_struct_na_base_pair.j_label_comp_id 
_ndb_struct_na_base_pair.j_label_seq_id 
_ndb_struct_na_base_pair.j_symmetry 
_ndb_struct_na_base_pair.shear 
_ndb_struct_na_base_pair.stretch 
_ndb_struct_na_base_pair.stagger 
_ndb_struct_na_base_pair.buckle 
_ndb_struct_na_base_pair.propeller 
_ndb_struct_na_base_pair.opening 
_ndb_struct_na_base_pair.pair_number 
_ndb_struct_na_base_pair.pair_name 
_ndb_struct_na_base_pair.i_auth_asym_id 
_ndb_struct_na_base_pair.i_auth_seq_id 
_ndb_struct_na_base_pair.i_PDB_ins_code 
_ndb_struct_na_base_pair.j_auth_asym_id 
_ndb_struct_na_base_pair.j_auth_seq_id 
_ndb_struct_na_base_pair.j_PDB_ins_code 
_ndb_struct_na_base_pair.hbond_type_28 
_ndb_struct_na_base_pair.hbond_type_12 
1 A DG 3  1_555 D DC 7 1_555 -0.150 -0.130 0.138  1.964  -12.006 -0.284 1  A_DG3:DC16_D A 3  ? D 16 ? 19 1 
1 A DA 4  1_555 D DT 6 1_555 0.137  -0.100 -0.261 -4.269 -12.502 3.724  2  A_DA4:DT15_D A 4  ? D 15 ? 20 1 
1 A DA 5  1_555 D DT 5 1_555 -0.025 -0.193 -0.235 -7.446 -12.931 5.228  3  A_DA5:DT14_D A 5  ? D 14 ? 20 1 
1 A DT 6  1_555 D DA 4 1_555 -0.292 -0.128 0.304  -5.500 -12.144 -0.364 4  A_DT6:DA13_D A 6  ? D 13 ? 20 1 
1 A DT 7  1_555 D DA 3 1_555 -0.172 -0.149 0.193  -4.537 -10.584 -0.114 5  A_DT7:DA12_D A 7  ? D 12 ? 20 1 
1 A DC 8  1_555 D DG 2 1_555 0.208  -0.184 0.063  -3.292 -7.206  0.878  6  A_DC8:DG11_D A 8  ? D 11 ? 19 1 
1 A DC 9  1_555 D DG 1 1_555 0.195  -0.225 0.780  -4.820 -5.280  -0.012 7  A_DC9:DG10_D A 9  ? D 10 ? 19 1 
1 A DT 10 1_555 B DA 6 1_555 -0.070 -0.188 0.463  1.052  -7.507  1.726  8  A_DT10:DA5_B A 10 ? B 5  ? 20 1 
1 A DG 11 1_555 B DC 5 1_555 -0.224 -0.159 0.401  4.575  -5.193  2.012  9  A_DG11:DC4_B A 11 ? B 4  ? 19 1 
1 A DA 12 1_555 B DT 4 1_555 0.164  -0.112 0.374  1.420  -5.499  -3.038 10 A_DA12:DT3_B A 12 ? B 3  ? 20 1 
1 A DC 13 1_555 B DG 3 1_555 0.152  -0.155 0.143  -1.969 -4.953  -0.711 11 A_DC13:DG2_B A 13 ? B 2  ? 19 1 
1 A DG 14 1_555 B DC 2 1_555 -0.175 -0.188 0.271  0.192  -2.548  -0.051 12 A_DG14:DC1_B A 14 ? B 1  ? 19 1 
1 A DG 15 1_555 B DC 1 1_555 -0.033 -0.170 0.532  7.426  -3.299  -2.073 13 A_DG15:DC0_B A 15 ? B 0  ? 19 1 
1 A DA 16 1_555 C DT 8 1_555 0.065  -0.314 1.086  8.008  -6.269  2.037  14 A_DA16:DT8_C A 16 ? C 8  ? 20 1 
1 A DA 17 1_555 C DT 7 1_555 0.231  -0.303 0.840  6.123  -8.800  1.553  15 A_DA17:DT7_C A 17 ? C 7  ? 20 1 
1 A DC 18 1_555 C DG 6 1_555 0.210  -0.163 0.430  -2.071 -7.965  0.004  16 A_DC18:DG6_C A 18 ? C 6  ? 19 1 
1 A DT 19 1_555 C DA 5 1_555 -0.164 -0.182 0.089  -3.328 -11.867 2.987  17 A_DT19:DA5_C A 19 ? C 5  ? 20 1 
1 A DC 20 1_555 C DG 4 1_555 0.238  -0.168 -0.201 -7.073 -8.357  1.938  18 A_DC20:DG4_C A 20 ? C 4  ? 19 1 
1 A DA 21 1_555 C DT 3 1_555 0.041  -0.103 -0.444 -6.474 -6.678  4.956  19 A_DA21:DT3_C A 21 ? C 3  ? 20 1 
# 
loop_
_ndb_struct_na_base_pair_step.model_number 
_ndb_struct_na_base_pair_step.i_label_asym_id_1 
_ndb_struct_na_base_pair_step.i_label_comp_id_1 
_ndb_struct_na_base_pair_step.i_label_seq_id_1 
_ndb_struct_na_base_pair_step.i_symmetry_1 
_ndb_struct_na_base_pair_step.j_label_asym_id_1 
_ndb_struct_na_base_pair_step.j_label_comp_id_1 
_ndb_struct_na_base_pair_step.j_label_seq_id_1 
_ndb_struct_na_base_pair_step.j_symmetry_1 
_ndb_struct_na_base_pair_step.i_label_asym_id_2 
_ndb_struct_na_base_pair_step.i_label_comp_id_2 
_ndb_struct_na_base_pair_step.i_label_seq_id_2 
_ndb_struct_na_base_pair_step.i_symmetry_2 
_ndb_struct_na_base_pair_step.j_label_asym_id_2 
_ndb_struct_na_base_pair_step.j_label_comp_id_2 
_ndb_struct_na_base_pair_step.j_label_seq_id_2 
_ndb_struct_na_base_pair_step.j_symmetry_2 
_ndb_struct_na_base_pair_step.shift 
_ndb_struct_na_base_pair_step.slide 
_ndb_struct_na_base_pair_step.rise 
_ndb_struct_na_base_pair_step.tilt 
_ndb_struct_na_base_pair_step.roll 
_ndb_struct_na_base_pair_step.twist 
_ndb_struct_na_base_pair_step.x_displacement 
_ndb_struct_na_base_pair_step.y_displacement 
_ndb_struct_na_base_pair_step.helical_rise 
_ndb_struct_na_base_pair_step.inclination 
_ndb_struct_na_base_pair_step.tip 
_ndb_struct_na_base_pair_step.helical_twist 
_ndb_struct_na_base_pair_step.step_number 
_ndb_struct_na_base_pair_step.step_name 
_ndb_struct_na_base_pair_step.i_auth_asym_id_1 
_ndb_struct_na_base_pair_step.i_auth_seq_id_1 
_ndb_struct_na_base_pair_step.i_PDB_ins_code_1 
_ndb_struct_na_base_pair_step.j_auth_asym_id_1 
_ndb_struct_na_base_pair_step.j_auth_seq_id_1 
_ndb_struct_na_base_pair_step.j_PDB_ins_code_1 
_ndb_struct_na_base_pair_step.i_auth_asym_id_2 
_ndb_struct_na_base_pair_step.i_auth_seq_id_2 
_ndb_struct_na_base_pair_step.i_PDB_ins_code_2 
_ndb_struct_na_base_pair_step.j_auth_asym_id_2 
_ndb_struct_na_base_pair_step.j_auth_seq_id_2 
_ndb_struct_na_base_pair_step.j_PDB_ins_code_2 
1 A DG 3  1_555 D DC 7 1_555 A DA 4  1_555 D DT 6 1_555 0.111  -0.278 3.310 1.983  0.069  40.021 -0.414 0.067  3.312 0.101  -2.895 
40.069 1  AA_DG3DA4:DT15DC16_DD A 3  ? D 16 ? A 4  ? D 15 ? 
1 A DA 4  1_555 D DT 6 1_555 A DA 5  1_555 D DT 5 1_555 -0.320 0.251  3.228 -2.651 -0.062 32.795 0.454  0.117  3.243 -0.109 4.686  
32.899 2  AA_DA4DA5:DT14DT15_DD A 4  ? D 15 ? A 5  ? D 14 ? 
1 A DA 5  1_555 D DT 5 1_555 A DT 6  1_555 D DA 4 1_555 -0.448 -1.133 3.104 -5.006 0.015  34.221 -1.909 0.013  3.136 0.025  8.452  
34.574 3  AA_DA5DT6:DA13DT14_DD A 5  ? D 14 ? A 6  ? D 13 ? 
1 A DT 6  1_555 D DA 4 1_555 A DT 7  1_555 D DA 3 1_555 0.244  -0.188 3.234 -1.044 0.033  36.531 -0.304 -0.531 3.226 0.053  1.665  
36.546 4  AA_DT6DT7:DA12DA13_DD A 6  ? D 13 ? A 7  ? D 12 ? 
1 A DT 7  1_555 D DA 3 1_555 A DC 8  1_555 D DG 2 1_555 -0.329 -0.172 3.289 -4.268 2.725  35.969 -0.661 -0.074 3.284 4.386  6.870  
36.312 5  AA_DT7DC8:DG11DA12_DD A 7  ? D 12 ? A 8  ? D 11 ? 
1 A DC 8  1_555 D DG 2 1_555 A DC 9  1_555 D DG 1 1_555 -0.613 -1.424 3.367 -8.498 -1.688 34.428 -2.074 -0.318 3.480 -2.798 14.083 
35.470 6  AA_DC8DC9:DG10DG11_DD A 8  ? D 11 ? A 9  ? D 10 ? 
1 A DC 9  1_555 D DG 1 1_555 A DT 10 1_555 B DA 6 1_555 -1.008 -1.502 2.974 1.679  1.928  22.125 -4.525 3.164  2.751 5.003  -4.356 
22.271 7  AA_DC9DT10:DA5DG10_BD A 9  ? D 10 ? A 10 ? B 5  ? 
1 A DT 10 1_555 B DA 6 1_555 A DG 11 1_555 B DC 5 1_555 -0.614 1.110  3.339 -2.452 2.114  32.254 1.602  0.651  3.438 3.794  4.399  
32.412 8  AA_DT10DG11:DC4DA5_BB A 10 ? B 5  ? A 11 ? B 4  ? 
1 A DG 11 1_555 B DC 5 1_555 A DA 12 1_555 B DT 4 1_555 -0.321 -0.227 3.217 -2.696 5.403  40.016 -0.924 0.167  3.175 7.841  3.912  
40.451 9  AA_DG11DA12:DT3DC4_BB A 11 ? B 4  ? A 12 ? B 3  ? 
1 A DA 12 1_555 B DT 4 1_555 A DC 13 1_555 B DG 3 1_555 0.173  -1.062 3.298 1.456  0.900  33.465 -1.990 -0.059 3.274 1.562  -2.527 
33.507 10 AA_DA12DC13:DG2DT3_BB A 12 ? B 3  ? A 13 ? B 2  ? 
1 A DC 13 1_555 B DG 3 1_555 A DG 14 1_555 B DC 2 1_555 -0.038 0.086  3.317 -1.502 -0.716 32.098 0.286  -0.204 3.313 -1.294 2.714  
32.140 11 AA_DC13DG14:DC1DG2_BB A 13 ? B 2  ? A 14 ? B 1  ? 
1 A DG 14 1_555 B DC 2 1_555 A DG 15 1_555 B DC 1 1_555 0.019  -0.701 3.095 -7.377 4.481  35.887 -1.675 -0.963 2.929 7.146  11.764 
36.877 12 AA_DG14DG15:DC0DC1_BB A 14 ? B 1  ? A 15 ? B 0  ? 
1 A DG 15 1_555 B DC 1 1_555 A DA 16 1_555 C DT 8 1_555 -0.902 -0.948 3.080 -6.522 -1.233 30.098 -1.549 0.455  3.235 -2.339 12.370 
30.804 13 AA_DG15DA16:DT8DC0_CB A 15 ? B 0  ? A 16 ? C 8  ? 
1 A DA 16 1_555 C DT 8 1_555 A DA 17 1_555 C DT 7 1_555 -0.287 -0.692 3.285 0.373  -0.452 33.554 -1.124 0.559  3.291 -0.782 -0.646 
33.559 14 AA_DA16DA17:DT7DT8_CC A 16 ? C 8  ? A 17 ? C 7  ? 
1 A DA 17 1_555 C DT 7 1_555 A DC 18 1_555 C DG 6 1_555 0.264  -1.046 3.432 0.588  -1.043 33.969 -1.613 -0.352 3.465 -1.785 -1.006 
33.989 15 AA_DA17DC18:DG6DT7_CC A 17 ? C 7  ? A 18 ? C 6  ? 
1 A DC 18 1_555 C DG 6 1_555 A DT 19 1_555 C DA 5 1_555 -0.371 -0.838 3.229 4.280  1.396  38.368 -1.435 1.076  3.140 2.115  -6.485 
38.621 16 AA_DC18DT19:DA5DG6_CC A 18 ? C 6  ? A 19 ? C 5  ? 
1 A DT 19 1_555 C DA 5 1_555 A DC 20 1_555 C DG 4 1_555 0.176  0.543  3.410 3.225  -1.328 38.360 0.995  0.149  3.393 -2.016 -4.896 
38.512 17 AA_DT19DC20:DG4DA5_CC A 19 ? C 5  ? A 20 ? C 4  ? 
1 A DC 20 1_555 C DG 4 1_555 A DA 21 1_555 C DT 3 1_555 -0.204 2.193  3.422 -0.750 0.475  39.301 3.200  0.209  3.450 0.707  1.115  
39.311 18 AA_DC20DA21:DT3DG4_CC A 20 ? C 4  ? A 21 ? C 3  ? 
# 
loop_
_pdbx_audit_support.funding_organization 
_pdbx_audit_support.country 
_pdbx_audit_support.grant_number 
_pdbx_audit_support.ordinal 
'National Science Foundation (NSF, United States)'                                         'United States' 1360635     1 
'National Institutes of Health/National Institute of General Medical Sciences (NIH/NIGMS)' 'United States' R01GM104960 2 
'National Science Foundation (NSF, United States)'                                         'United States' NSF2004250  3 
# 
loop_
_pdbx_entity_nonpoly.entity_id 
_pdbx_entity_nonpoly.name 
_pdbx_entity_nonpoly.comp_id 
5 'CACODYLATE ION' CAC 
6 NETROPSIN        NT  
7 water            HOH 
# 
_pdbx_initial_refinement_model.id               1 
_pdbx_initial_refinement_model.entity_id_list   ? 
_pdbx_initial_refinement_model.type             'experimental model' 
_pdbx_initial_refinement_model.source_name      PDB 
_pdbx_initial_refinement_model.accession_code   5VY6 
_pdbx_initial_refinement_model.details          ? 
# 
